data_7BAT
# 
_entry.id   7BAT 
# 
_audit_conform.dict_name       mmcif_pdbx.dic 
_audit_conform.dict_version    5.399 
_audit_conform.dict_location   http://mmcif.pdb.org/dictionaries/ascii/mmcif_pdbx.dic 
# 
loop_
_database_2.database_id 
_database_2.database_code 
_database_2.pdbx_database_accession 
_database_2.pdbx_DOI 
PDB   7BAT         pdb_00007bat 10.2210/pdb7bat/pdb 
WWPDB D_1292111606 ?            ?                   
# 
loop_
_pdbx_audit_revision_history.ordinal 
_pdbx_audit_revision_history.data_content_type 
_pdbx_audit_revision_history.major_revision 
_pdbx_audit_revision_history.minor_revision 
_pdbx_audit_revision_history.revision_date 
1 'Structure model' 1 0 2021-04-28 
2 'Structure model' 1 1 2021-11-17 
3 'Structure model' 1 2 2024-11-20 
# 
_pdbx_audit_revision_details.ordinal             1 
_pdbx_audit_revision_details.revision_ordinal    1 
_pdbx_audit_revision_details.data_content_type   'Structure model' 
_pdbx_audit_revision_details.provider            repository 
_pdbx_audit_revision_details.type                'Initial release' 
_pdbx_audit_revision_details.description         ? 
_pdbx_audit_revision_details.details             ? 
# 
loop_
_pdbx_audit_revision_group.ordinal 
_pdbx_audit_revision_group.revision_ordinal 
_pdbx_audit_revision_group.data_content_type 
_pdbx_audit_revision_group.group 
1 2 'Structure model' 'Data collection'        
2 2 'Structure model' 'Database references'    
3 2 'Structure model' 'Structure summary'      
4 3 'Structure model' 'Data collection'        
5 3 'Structure model' 'Refinement description' 
6 3 'Structure model' 'Structure summary'      
# 
loop_
_pdbx_audit_revision_category.ordinal 
_pdbx_audit_revision_category.revision_ordinal 
_pdbx_audit_revision_category.data_content_type 
_pdbx_audit_revision_category.category 
1  2 'Structure model' citation                  
2  2 'Structure model' citation_author           
3  2 'Structure model' database_2                
4  2 'Structure model' diffrn_source             
5  2 'Structure model' pdbx_database_proc        
6  2 'Structure model' struct                    
7  3 'Structure model' chem_comp_atom            
8  3 'Structure model' chem_comp_bond            
9  3 'Structure model' diffrn_source             
10 3 'Structure model' pdbx_entry_details        
11 3 'Structure model' pdbx_modification_feature 
12 3 'Structure model' struct_ncs_dom_lim        
# 
loop_
_pdbx_audit_revision_item.ordinal 
_pdbx_audit_revision_item.revision_ordinal 
_pdbx_audit_revision_item.data_content_type 
_pdbx_audit_revision_item.item 
1  2 'Structure model' '_citation.journal_id_ISSN'                    
2  2 'Structure model' '_citation.journal_volume'                     
3  2 'Structure model' '_citation.page_first'                         
4  2 'Structure model' '_citation.page_last'                          
5  2 'Structure model' '_citation.pdbx_database_id_DOI'               
6  2 'Structure model' '_citation.pdbx_database_id_PubMed'            
7  2 'Structure model' '_citation.title'                              
8  2 'Structure model' '_citation_author.identifier_ORCID'            
9  2 'Structure model' '_citation_author.name'                        
10 2 'Structure model' '_database_2.pdbx_DOI'                         
11 2 'Structure model' '_database_2.pdbx_database_accession'          
12 2 'Structure model' '_diffrn_source.pdbx_synchrotron_site'         
13 2 'Structure model' '_struct.pdbx_center_of_mass_x'                
14 2 'Structure model' '_struct.pdbx_center_of_mass_y'                
15 2 'Structure model' '_struct.pdbx_center_of_mass_z'                
16 3 'Structure model' '_diffrn_source.pdbx_synchrotron_site'         
17 3 'Structure model' '_pdbx_entry_details.has_protein_modification' 
18 3 'Structure model' '_struct_ncs_dom_lim.beg_auth_comp_id'         
19 3 'Structure model' '_struct_ncs_dom_lim.beg_label_asym_id'        
20 3 'Structure model' '_struct_ncs_dom_lim.beg_label_comp_id'        
21 3 'Structure model' '_struct_ncs_dom_lim.beg_label_seq_id'         
22 3 'Structure model' '_struct_ncs_dom_lim.end_auth_comp_id'         
23 3 'Structure model' '_struct_ncs_dom_lim.end_label_asym_id'        
24 3 'Structure model' '_struct_ncs_dom_lim.end_label_comp_id'        
25 3 'Structure model' '_struct_ncs_dom_lim.end_label_seq_id'         
# 
_pdbx_database_status.status_code                     REL 
_pdbx_database_status.status_code_sf                  REL 
_pdbx_database_status.status_code_mr                  ? 
_pdbx_database_status.entry_id                        7BAT 
_pdbx_database_status.recvd_initial_deposition_date   2020-12-16 
_pdbx_database_status.SG_entry                        N 
_pdbx_database_status.deposit_site                    PDBE 
_pdbx_database_status.process_site                    PDBE 
_pdbx_database_status.status_code_cs                  ? 
_pdbx_database_status.status_code_nmr_data            ? 
_pdbx_database_status.methods_development_category    ? 
_pdbx_database_status.pdb_format_compatible           Y 
# 
loop_
_audit_author.name 
_audit_author.pdbx_ordinal 
_audit_author.identifier_ORCID 
'Martin, F.J.O.' 1 0000-0001-6456-2860 
'Dawson, W.M.'   2 0000-0003-2710-6879 
'Shelley, K.'    3 0000-0003-2206-7778 
'Brady, R.L.'    4 0000-0002-3575-5513 
'Woolfson, D.N.' 5 0000-0002-0394-3202 
# 
_citation.abstract                  ? 
_citation.abstract_id_CAS           ? 
_citation.book_id_ISBN              ? 
_citation.book_publisher            ? 
_citation.book_publisher_city       ? 
_citation.book_title                ? 
_citation.coordinate_linkage        ? 
_citation.country                   UK 
_citation.database_id_Medline       ? 
_citation.details                   ? 
_citation.id                        primary 
_citation.journal_abbrev            'Chem Sci' 
_citation.journal_id_ASTM           ? 
_citation.journal_id_CSD            ? 
_citation.journal_id_ISSN           2041-6520 
_citation.journal_full              ? 
_citation.journal_issue             ? 
_citation.journal_volume            12 
_citation.language                  ? 
_citation.page_first                6923 
_citation.page_last                 6928 
_citation.title                     
'Coiled coils 9-to-5: rational de novo design of alpha-helical barrels with tunable oligomeric states.' 
_citation.year                      2021 
_citation.database_id_CSD           ? 
_citation.pdbx_database_id_DOI      10.1039/d1sc00460c 
_citation.pdbx_database_id_PubMed   34745518 
_citation.unpublished_flag          ? 
# 
loop_
_citation_author.citation_id 
_citation_author.name 
_citation_author.ordinal 
_citation_author.identifier_ORCID 
primary 'Dawson, W.M.'   1 0000-0003-2710-6879 
primary 'Martin, F.J.O.' 2 ?                   
primary 'Rhys, G.G.'     3 0000-0002-0247-9495 
primary 'Shelley, K.L.'  4 0000-0003-2206-7778 
primary 'Brady, R.L.'    5 0000-0002-3575-5513 
primary 'Woolfson, D.N.' 6 0000-0002-0394-3202 
# 
loop_
_entity.id 
_entity.type 
_entity.src_method 
_entity.pdbx_description 
_entity.formula_weight 
_entity.pdbx_number_of_molecules 
_entity.pdbx_ec 
_entity.pdbx_mutation 
_entity.pdbx_fragment 
_entity.details 
1 polymer     syn 'CC-Type2-(GgIaId)4' 3178.767 3  ? ? ? ? 
2 non-polymer syn N-PROPANOL           60.095   3  ? ? ? ? 
3 water       nat water                18.015   21 ? ? ? ? 
# 
_entity_poly.entity_id                      1 
_entity_poly.type                           'polypeptide(L)' 
_entity_poly.nstd_linkage                   no 
_entity_poly.nstd_monomer                   yes 
_entity_poly.pdbx_seq_one_letter_code       '(ACE)GEIAQGIKEIAKGIKEIAWGIKEIAQGIKG(NH2)' 
_entity_poly.pdbx_seq_one_letter_code_can   XGEIAQGIKEIAKGIKEIAWGIKEIAQGIKGX 
_entity_poly.pdbx_strand_id                 A,B,C 
_entity_poly.pdbx_target_identifier         ? 
# 
loop_
_pdbx_entity_nonpoly.entity_id 
_pdbx_entity_nonpoly.name 
_pdbx_entity_nonpoly.comp_id 
2 N-PROPANOL POL 
3 water      HOH 
# 
loop_
_entity_poly_seq.entity_id 
_entity_poly_seq.num 
_entity_poly_seq.mon_id 
_entity_poly_seq.hetero 
1 1  ACE n 
1 2  GLY n 
1 3  GLU n 
1 4  ILE n 
1 5  ALA n 
1 6  GLN n 
1 7  GLY n 
1 8  ILE n 
1 9  LYS n 
1 10 GLU n 
1 11 ILE n 
1 12 ALA n 
1 13 LYS n 
1 14 GLY n 
1 15 ILE n 
1 16 LYS n 
1 17 GLU n 
1 18 ILE n 
1 19 ALA n 
1 20 TRP n 
1 21 GLY n 
1 22 ILE n 
1 23 LYS n 
1 24 GLU n 
1 25 ILE n 
1 26 ALA n 
1 27 GLN n 
1 28 GLY n 
1 29 ILE n 
1 30 LYS n 
1 31 GLY n 
1 32 NH2 n 
# 
_pdbx_entity_src_syn.entity_id              1 
_pdbx_entity_src_syn.pdbx_src_id            1 
_pdbx_entity_src_syn.pdbx_alt_source_flag   sample 
_pdbx_entity_src_syn.pdbx_beg_seq_num       1 
_pdbx_entity_src_syn.pdbx_end_seq_num       32 
_pdbx_entity_src_syn.organism_scientific    'synthetic construct' 
_pdbx_entity_src_syn.organism_common_name   ? 
_pdbx_entity_src_syn.ncbi_taxonomy_id       32630 
_pdbx_entity_src_syn.details                ? 
# 
loop_
_chem_comp.id 
_chem_comp.type 
_chem_comp.mon_nstd_flag 
_chem_comp.name 
_chem_comp.pdbx_synonyms 
_chem_comp.formula 
_chem_comp.formula_weight 
ACE non-polymer         . 'ACETYL GROUP'  ?          'C2 H4 O'        44.053  
ALA 'L-peptide linking' y ALANINE         ?          'C3 H7 N O2'     89.093  
GLN 'L-peptide linking' y GLUTAMINE       ?          'C5 H10 N2 O3'   146.144 
GLU 'L-peptide linking' y 'GLUTAMIC ACID' ?          'C5 H9 N O4'     147.129 
GLY 'peptide linking'   y GLYCINE         ?          'C2 H5 N O2'     75.067  
HOH non-polymer         . WATER           ?          'H2 O'           18.015  
ILE 'L-peptide linking' y ISOLEUCINE      ?          'C6 H13 N O2'    131.173 
LYS 'L-peptide linking' y LYSINE          ?          'C6 H15 N2 O2 1' 147.195 
NH2 non-polymer         . 'AMINO GROUP'   ?          'H2 N'           16.023  
POL non-polymer         . N-PROPANOL      1-PROPONOL 'C3 H8 O'        60.095  
TRP 'L-peptide linking' y TRYPTOPHAN      ?          'C11 H12 N2 O2'  204.225 
# 
loop_
_pdbx_poly_seq_scheme.asym_id 
_pdbx_poly_seq_scheme.entity_id 
_pdbx_poly_seq_scheme.seq_id 
_pdbx_poly_seq_scheme.mon_id 
_pdbx_poly_seq_scheme.ndb_seq_num 
_pdbx_poly_seq_scheme.pdb_seq_num 
_pdbx_poly_seq_scheme.auth_seq_num 
_pdbx_poly_seq_scheme.pdb_mon_id 
_pdbx_poly_seq_scheme.auth_mon_id 
_pdbx_poly_seq_scheme.pdb_strand_id 
_pdbx_poly_seq_scheme.pdb_ins_code 
_pdbx_poly_seq_scheme.hetero 
A 1 1  ACE 1  0  0  ACE ACE A . n 
A 1 2  GLY 2  1  1  GLY GLY A . n 
A 1 3  GLU 3  2  2  GLU GLU A . n 
A 1 4  ILE 4  3  3  ILE ILE A . n 
A 1 5  ALA 5  4  4  ALA ALA A . n 
A 1 6  GLN 6  5  5  GLN GLN A . n 
A 1 7  GLY 7  6  6  GLY GLY A . n 
A 1 8  ILE 8  7  7  ILE ILE A . n 
A 1 9  LYS 9  8  8  LYS LYS A . n 
A 1 10 GLU 10 9  9  GLU GLU A . n 
A 1 11 ILE 11 10 10 ILE ILE A . n 
A 1 12 ALA 12 11 11 ALA ALA A . n 
A 1 13 LYS 13 12 12 LYS LYS A . n 
A 1 14 GLY 14 13 13 GLY GLY A . n 
A 1 15 ILE 15 14 14 ILE ILE A . n 
A 1 16 LYS 16 15 15 LYS LYS A . n 
A 1 17 GLU 17 16 16 GLU GLU A . n 
A 1 18 ILE 18 17 17 ILE ILE A . n 
A 1 19 ALA 19 18 18 ALA ALA A . n 
A 1 20 TRP 20 19 19 TRP TRP A . n 
A 1 21 GLY 21 20 20 GLY GLY A . n 
A 1 22 ILE 22 21 21 ILE ILE A . n 
A 1 23 LYS 23 22 22 LYS LYS A . n 
A 1 24 GLU 24 23 23 GLU GLU A . n 
A 1 25 ILE 25 24 24 ILE ILE A . n 
A 1 26 ALA 26 25 25 ALA ALA A . n 
A 1 27 GLN 27 26 26 GLN GLN A . n 
A 1 28 GLY 28 27 27 GLY GLY A . n 
A 1 29 ILE 29 28 28 ILE ILE A . n 
A 1 30 LYS 30 29 29 LYS LYS A . n 
A 1 31 GLY 31 30 ?  ?   ?   A . n 
A 1 32 NH2 32 31 ?  ?   ?   A . n 
B 1 1  ACE 1  0  ?  ?   ?   B . n 
B 1 2  GLY 2  1  1  GLY GLY B . n 
B 1 3  GLU 3  2  2  GLU GLU B . n 
B 1 4  ILE 4  3  3  ILE ILE B . n 
B 1 5  ALA 5  4  4  ALA ALA B . n 
B 1 6  GLN 6  5  5  GLN GLN B . n 
B 1 7  GLY 7  6  6  GLY GLY B . n 
B 1 8  ILE 8  7  7  ILE ILE B . n 
B 1 9  LYS 9  8  8  LYS LYS B . n 
B 1 10 GLU 10 9  9  GLU GLU B . n 
B 1 11 ILE 11 10 10 ILE ILE B . n 
B 1 12 ALA 12 11 11 ALA ALA B . n 
B 1 13 LYS 13 12 12 LYS LYS B . n 
B 1 14 GLY 14 13 13 GLY GLY B . n 
B 1 15 ILE 15 14 14 ILE ILE B . n 
B 1 16 LYS 16 15 15 LYS LYS B . n 
B 1 17 GLU 17 16 16 GLU GLU B . n 
B 1 18 ILE 18 17 17 ILE ILE B . n 
B 1 19 ALA 19 18 18 ALA ALA B . n 
B 1 20 TRP 20 19 19 TRP TRP B . n 
B 1 21 GLY 21 20 20 GLY GLY B . n 
B 1 22 ILE 22 21 21 ILE ILE B . n 
B 1 23 LYS 23 22 22 LYS LYS B . n 
B 1 24 GLU 24 23 23 GLU GLU B . n 
B 1 25 ILE 25 24 24 ILE ILE B . n 
B 1 26 ALA 26 25 25 ALA ALA B . n 
B 1 27 GLN 27 26 26 GLN GLN B . n 
B 1 28 GLY 28 27 27 GLY GLY B . n 
B 1 29 ILE 29 28 28 ILE ILE B . n 
B 1 30 LYS 30 29 29 LYS LYS B . n 
B 1 31 GLY 31 30 30 GLY GLY B . n 
B 1 32 NH2 32 31 ?  ?   ?   B . n 
C 1 1  ACE 1  0  0  ACE ACE C . n 
C 1 2  GLY 2  1  1  GLY GLY C . n 
C 1 3  GLU 3  2  2  GLU GLU C . n 
C 1 4  ILE 4  3  3  ILE ILE C . n 
C 1 5  ALA 5  4  4  ALA ALA C . n 
C 1 6  GLN 6  5  5  GLN GLN C . n 
C 1 7  GLY 7  6  6  GLY GLY C . n 
C 1 8  ILE 8  7  7  ILE ILE C . n 
C 1 9  LYS 9  8  8  LYS LYS C . n 
C 1 10 GLU 10 9  9  GLU GLU C . n 
C 1 11 ILE 11 10 10 ILE ILE C . n 
C 1 12 ALA 12 11 11 ALA ALA C . n 
C 1 13 LYS 13 12 12 LYS LYS C . n 
C 1 14 GLY 14 13 13 GLY GLY C . n 
C 1 15 ILE 15 14 14 ILE ILE C . n 
C 1 16 LYS 16 15 15 LYS LYS C . n 
C 1 17 GLU 17 16 16 GLU GLU C . n 
C 1 18 ILE 18 17 17 ILE ILE C . n 
C 1 19 ALA 19 18 18 ALA ALA C . n 
C 1 20 TRP 20 19 19 TRP TRP C . n 
C 1 21 GLY 21 20 20 GLY GLY C . n 
C 1 22 ILE 22 21 21 ILE ILE C . n 
C 1 23 LYS 23 22 22 LYS LYS C . n 
C 1 24 GLU 24 23 23 GLU GLU C . n 
C 1 25 ILE 25 24 24 ILE ILE C . n 
C 1 26 ALA 26 25 25 ALA ALA C . n 
C 1 27 GLN 27 26 26 GLN GLN C . n 
C 1 28 GLY 28 27 27 GLY GLY C . n 
C 1 29 ILE 29 28 28 ILE ILE C . n 
C 1 30 LYS 30 29 ?  ?   ?   C . n 
C 1 31 GLY 31 30 ?  ?   ?   C . n 
C 1 32 NH2 32 31 ?  ?   ?   C . n 
# 
loop_
_pdbx_nonpoly_scheme.asym_id 
_pdbx_nonpoly_scheme.entity_id 
_pdbx_nonpoly_scheme.mon_id 
_pdbx_nonpoly_scheme.ndb_seq_num 
_pdbx_nonpoly_scheme.pdb_seq_num 
_pdbx_nonpoly_scheme.auth_seq_num 
_pdbx_nonpoly_scheme.pdb_mon_id 
_pdbx_nonpoly_scheme.auth_mon_id 
_pdbx_nonpoly_scheme.pdb_strand_id 
_pdbx_nonpoly_scheme.pdb_ins_code 
D 2 POL 1 101 2  POL POL A . 
E 2 POL 1 101 3  POL POL B . 
F 2 POL 1 101 1  POL POL C . 
G 3 HOH 1 201 3  HOH HOH A . 
G 3 HOH 2 202 8  HOH HOH A . 
G 3 HOH 3 203 1  HOH HOH A . 
G 3 HOH 4 204 26 HOH HOH A . 
G 3 HOH 5 205 22 HOH HOH A . 
G 3 HOH 6 206 30 HOH HOH A . 
G 3 HOH 7 207 21 HOH HOH A . 
G 3 HOH 8 208 32 HOH HOH A . 
H 3 HOH 1 201 33 HOH HOH B . 
H 3 HOH 2 202 2  HOH HOH B . 
H 3 HOH 3 203 4  HOH HOH B . 
H 3 HOH 4 204 23 HOH HOH B . 
H 3 HOH 5 205 11 HOH HOH B . 
H 3 HOH 6 206 20 HOH HOH B . 
H 3 HOH 7 207 24 HOH HOH B . 
I 3 HOH 1 201 31 HOH HOH C . 
I 3 HOH 2 202 12 HOH HOH C . 
I 3 HOH 3 203 29 HOH HOH C . 
I 3 HOH 4 204 34 HOH HOH C . 
I 3 HOH 5 205 28 HOH HOH C . 
I 3 HOH 6 206 35 HOH HOH C . 
# 
loop_
_pdbx_unobs_or_zero_occ_atoms.id 
_pdbx_unobs_or_zero_occ_atoms.PDB_model_num 
_pdbx_unobs_or_zero_occ_atoms.polymer_flag 
_pdbx_unobs_or_zero_occ_atoms.occupancy_flag 
_pdbx_unobs_or_zero_occ_atoms.auth_asym_id 
_pdbx_unobs_or_zero_occ_atoms.auth_comp_id 
_pdbx_unobs_or_zero_occ_atoms.auth_seq_id 
_pdbx_unobs_or_zero_occ_atoms.PDB_ins_code 
_pdbx_unobs_or_zero_occ_atoms.auth_atom_id 
_pdbx_unobs_or_zero_occ_atoms.label_alt_id 
_pdbx_unobs_or_zero_occ_atoms.label_asym_id 
_pdbx_unobs_or_zero_occ_atoms.label_comp_id 
_pdbx_unobs_or_zero_occ_atoms.label_seq_id 
_pdbx_unobs_or_zero_occ_atoms.label_atom_id 
1  1 Y 1 A GLU 2  ? CG  ? A GLU 3  CG  
2  1 Y 1 A GLU 2  ? CD  ? A GLU 3  CD  
3  1 Y 1 A GLU 2  ? OE1 ? A GLU 3  OE1 
4  1 Y 1 A GLU 2  ? OE2 ? A GLU 3  OE2 
5  1 Y 1 A GLN 5  ? CD  ? A GLN 6  CD  
6  1 Y 1 A GLN 5  ? OE1 ? A GLN 6  OE1 
7  1 Y 1 A GLN 5  ? NE2 ? A GLN 6  NE2 
8  1 Y 1 A LYS 8  ? CG  ? A LYS 9  CG  
9  1 Y 1 A LYS 8  ? CD  ? A LYS 9  CD  
10 1 Y 1 A LYS 8  ? CE  ? A LYS 9  CE  
11 1 Y 1 A LYS 8  ? NZ  ? A LYS 9  NZ  
12 1 Y 1 A LYS 12 ? CD  ? A LYS 13 CD  
13 1 Y 1 A LYS 12 ? CE  ? A LYS 13 CE  
14 1 Y 1 A LYS 12 ? NZ  ? A LYS 13 NZ  
15 1 Y 1 A LYS 15 ? CD  ? A LYS 16 CD  
16 1 Y 1 A LYS 15 ? CE  ? A LYS 16 CE  
17 1 Y 1 A LYS 15 ? NZ  ? A LYS 16 NZ  
18 1 Y 1 B GLU 2  ? CG  ? B GLU 3  CG  
19 1 Y 1 B GLU 2  ? CD  ? B GLU 3  CD  
20 1 Y 1 B GLU 2  ? OE1 ? B GLU 3  OE1 
21 1 Y 1 B GLU 2  ? OE2 ? B GLU 3  OE2 
22 1 Y 1 B ALA 4  ? CB  ? B ALA 5  CB  
23 1 Y 1 B GLN 5  ? CG  ? B GLN 6  CG  
24 1 Y 1 B GLN 5  ? CD  ? B GLN 6  CD  
25 1 Y 1 B GLN 5  ? OE1 ? B GLN 6  OE1 
26 1 Y 1 B GLN 5  ? NE2 ? B GLN 6  NE2 
27 1 Y 1 B LYS 8  ? CD  ? B LYS 9  CD  
28 1 Y 1 B LYS 8  ? CE  ? B LYS 9  CE  
29 1 Y 1 B LYS 8  ? NZ  ? B LYS 9  NZ  
30 1 Y 1 B GLU 9  ? CD  ? B GLU 10 CD  
31 1 Y 1 B GLU 9  ? OE1 ? B GLU 10 OE1 
32 1 Y 1 B GLU 9  ? OE2 ? B GLU 10 OE2 
33 1 Y 1 B LYS 12 ? CE  ? B LYS 13 CE  
34 1 Y 1 B LYS 12 ? NZ  ? B LYS 13 NZ  
35 1 Y 1 C GLU 2  ? CG  ? C GLU 3  CG  
36 1 Y 1 C GLU 2  ? CD  ? C GLU 3  CD  
37 1 Y 1 C GLU 2  ? OE1 ? C GLU 3  OE1 
38 1 Y 1 C GLU 2  ? OE2 ? C GLU 3  OE2 
39 1 Y 1 C LYS 8  ? CD  ? C LYS 9  CD  
40 1 Y 1 C LYS 8  ? CE  ? C LYS 9  CE  
41 1 Y 1 C LYS 8  ? NZ  ? C LYS 9  NZ  
42 1 Y 1 C LYS 12 ? CE  ? C LYS 13 CE  
43 1 Y 1 C LYS 12 ? NZ  ? C LYS 13 NZ  
44 1 Y 1 C LYS 15 ? NZ  ? C LYS 16 NZ  
45 1 Y 1 C LYS 22 ? CD  ? C LYS 23 CD  
46 1 Y 1 C LYS 22 ? CE  ? C LYS 23 CE  
47 1 Y 1 C LYS 22 ? NZ  ? C LYS 23 NZ  
48 1 Y 1 C GLN 26 ? CG  ? C GLN 27 CG  
49 1 Y 1 C GLN 26 ? CD  ? C GLN 27 CD  
50 1 Y 1 C GLN 26 ? OE1 ? C GLN 27 OE1 
51 1 Y 1 C GLN 26 ? NE2 ? C GLN 27 NE2 
# 
loop_
_software.citation_id 
_software.classification 
_software.compiler_name 
_software.compiler_version 
_software.contact_author 
_software.contact_author_email 
_software.date 
_software.description 
_software.dependencies 
_software.hardware 
_software.language 
_software.location 
_software.mods 
_software.name 
_software.os 
_software.os_version 
_software.type 
_software.version 
_software.pdbx_ordinal 
? refinement        ? ? ? ? ? ? ? ? ? ? ? REFMAC      ? ? ? 5.8.0267 1 
? 'data scaling'    ? ? ? ? ? ? ? ? ? ? ? Aimless     ? ? ? 0.7.4    2 
? 'data extraction' ? ? ? ? ? ? ? ? ? ? ? PDB_EXTRACT ? ? ? 3.25     3 
? 'data reduction'  ? ? ? ? ? ? ? ? ? ? ? DIALS       ? ? ? .        4 
? phasing           ? ? ? ? ? ? ? ? ? ? ? Arcimboldo  ? ? ? lite     5 
# 
_cell.angle_alpha                  90.000 
_cell.angle_alpha_esd              ? 
_cell.angle_beta                   90.000 
_cell.angle_beta_esd               ? 
_cell.angle_gamma                  90.000 
_cell.angle_gamma_esd              ? 
_cell.entry_id                     7BAT 
_cell.details                      ? 
_cell.formula_units_Z              ? 
_cell.length_a                     39.887 
_cell.length_a_esd                 ? 
_cell.length_b                     42.736 
_cell.length_b_esd                 ? 
_cell.length_c                     126.197 
_cell.length_c_esd                 ? 
_cell.volume                       ? 
_cell.volume_esd                   ? 
_cell.Z_PDB                        24 
_cell.reciprocal_angle_alpha       ? 
_cell.reciprocal_angle_beta        ? 
_cell.reciprocal_angle_gamma       ? 
_cell.reciprocal_angle_alpha_esd   ? 
_cell.reciprocal_angle_beta_esd    ? 
_cell.reciprocal_angle_gamma_esd   ? 
_cell.reciprocal_length_a          ? 
_cell.reciprocal_length_b          ? 
_cell.reciprocal_length_c          ? 
_cell.reciprocal_length_a_esd      ? 
_cell.reciprocal_length_b_esd      ? 
_cell.reciprocal_length_c_esd      ? 
_cell.pdbx_unique_axis             ? 
# 
_symmetry.entry_id                         7BAT 
_symmetry.cell_setting                     ? 
_symmetry.Int_Tables_number                23 
_symmetry.space_group_name_Hall            ? 
_symmetry.space_group_name_H-M             'I 2 2 2' 
_symmetry.pdbx_full_space_group_name_H-M   ? 
# 
_exptl.absorpt_coefficient_mu     ? 
_exptl.absorpt_correction_T_max   ? 
_exptl.absorpt_correction_T_min   ? 
_exptl.absorpt_correction_type    ? 
_exptl.absorpt_process_details    ? 
_exptl.entry_id                   7BAT 
_exptl.crystals_number            1 
_exptl.details                    ? 
_exptl.method                     'X-RAY DIFFRACTION' 
_exptl.method_details             ? 
# 
_exptl_crystal.colour                      ? 
_exptl_crystal.density_diffrn              ? 
_exptl_crystal.density_Matthews            2.82 
_exptl_crystal.density_method              ? 
_exptl_crystal.density_percent_sol         56.38 
_exptl_crystal.description                 ? 
_exptl_crystal.F_000                       ? 
_exptl_crystal.id                          1 
_exptl_crystal.preparation                 ? 
_exptl_crystal.size_max                    ? 
_exptl_crystal.size_mid                    ? 
_exptl_crystal.size_min                    ? 
_exptl_crystal.size_rad                    ? 
_exptl_crystal.colour_lustre               ? 
_exptl_crystal.colour_modifier             ? 
_exptl_crystal.colour_primary              ? 
_exptl_crystal.density_meas                ? 
_exptl_crystal.density_meas_esd            ? 
_exptl_crystal.density_meas_gt             ? 
_exptl_crystal.density_meas_lt             ? 
_exptl_crystal.density_meas_temp           ? 
_exptl_crystal.density_meas_temp_esd       ? 
_exptl_crystal.density_meas_temp_gt        ? 
_exptl_crystal.density_meas_temp_lt        ? 
_exptl_crystal.pdbx_crystal_image_url      ? 
_exptl_crystal.pdbx_crystal_image_format   ? 
_exptl_crystal.pdbx_mosaicity              ? 
_exptl_crystal.pdbx_mosaicity_esd          ? 
# 
_exptl_crystal_grow.apparatus       ? 
_exptl_crystal_grow.atmosphere      ? 
_exptl_crystal_grow.crystal_id      1 
_exptl_crystal_grow.details         ? 
_exptl_crystal_grow.method          'VAPOR DIFFUSION, SITTING DROP' 
_exptl_crystal_grow.method_ref      ? 
_exptl_crystal_grow.pH              6.5 
_exptl_crystal_grow.pressure        ? 
_exptl_crystal_grow.pressure_esd    ? 
_exptl_crystal_grow.seeding         ? 
_exptl_crystal_grow.seeding_ref     ? 
_exptl_crystal_grow.temp            293 
_exptl_crystal_grow.temp_details    '20 degC incubator' 
_exptl_crystal_grow.temp_esd        ? 
_exptl_crystal_grow.time            ? 
_exptl_crystal_grow.pdbx_details    '1.5 mM peptide, 50 mM MES, 5 % w/v PEG 5000 MME, 6 % v/v 1-propanol.' 
_exptl_crystal_grow.pdbx_pH_range   ? 
# 
_diffrn.ambient_environment              ? 
_diffrn.ambient_temp                     100 
_diffrn.ambient_temp_details             ? 
_diffrn.ambient_temp_esd                 ? 
_diffrn.crystal_id                       1 
_diffrn.crystal_support                  ? 
_diffrn.crystal_treatment                ? 
_diffrn.details                          ? 
_diffrn.id                               1 
_diffrn.ambient_pressure                 ? 
_diffrn.ambient_pressure_esd             ? 
_diffrn.ambient_pressure_gt              ? 
_diffrn.ambient_pressure_lt              ? 
_diffrn.ambient_temp_gt                  ? 
_diffrn.ambient_temp_lt                  ? 
_diffrn.pdbx_serial_crystal_experiment   N 
# 
_diffrn_detector.details                      ? 
_diffrn_detector.detector                     PIXEL 
_diffrn_detector.diffrn_id                    1 
_diffrn_detector.type                         'DECTRIS EIGER2 XE 16M' 
_diffrn_detector.area_resol_mean              ? 
_diffrn_detector.dtime                        ? 
_diffrn_detector.pdbx_frames_total            ? 
_diffrn_detector.pdbx_collection_time_total   ? 
_diffrn_detector.pdbx_collection_date         2020-02-16 
_diffrn_detector.pdbx_frequency               ? 
# 
_diffrn_radiation.collimation                      ? 
_diffrn_radiation.diffrn_id                        1 
_diffrn_radiation.filter_edge                      ? 
_diffrn_radiation.inhomogeneity                    ? 
_diffrn_radiation.monochromator                    ? 
_diffrn_radiation.polarisn_norm                    ? 
_diffrn_radiation.polarisn_ratio                   ? 
_diffrn_radiation.probe                            ? 
_diffrn_radiation.type                             ? 
_diffrn_radiation.xray_symbol                      ? 
_diffrn_radiation.wavelength_id                    1 
_diffrn_radiation.pdbx_monochromatic_or_laue_m_l   M 
_diffrn_radiation.pdbx_wavelength_list             ? 
_diffrn_radiation.pdbx_wavelength                  ? 
_diffrn_radiation.pdbx_diffrn_protocol             'SINGLE WAVELENGTH' 
_diffrn_radiation.pdbx_analyzer                    ? 
_diffrn_radiation.pdbx_scattering_type             x-ray 
# 
_diffrn_radiation_wavelength.id           1 
_diffrn_radiation_wavelength.wavelength   0.9795 
_diffrn_radiation_wavelength.wt           1.0 
# 
_diffrn_source.current                     ? 
_diffrn_source.details                     ? 
_diffrn_source.diffrn_id                   1 
_diffrn_source.power                       ? 
_diffrn_source.size                        ? 
_diffrn_source.source                      SYNCHROTRON 
_diffrn_source.target                      ? 
_diffrn_source.type                        'DIAMOND BEAMLINE I04' 
_diffrn_source.voltage                     ? 
_diffrn_source.take-off_angle              ? 
_diffrn_source.pdbx_wavelength_list        0.9795 
_diffrn_source.pdbx_wavelength             ? 
_diffrn_source.pdbx_synchrotron_beamline   I04 
_diffrn_source.pdbx_synchrotron_site       Diamond 
# 
_reflns.B_iso_Wilson_estimate            ? 
_reflns.entry_id                         7BAT 
_reflns.data_reduction_details           ? 
_reflns.data_reduction_method            ? 
_reflns.d_resolution_high                1.770 
_reflns.d_resolution_low                 40.48 
_reflns.details                          ? 
_reflns.limit_h_max                      ? 
_reflns.limit_h_min                      ? 
_reflns.limit_k_max                      ? 
_reflns.limit_k_min                      ? 
_reflns.limit_l_max                      ? 
_reflns.limit_l_min                      ? 
_reflns.number_all                       ? 
_reflns.number_obs                       10914 
_reflns.observed_criterion               ? 
_reflns.observed_criterion_F_max         ? 
_reflns.observed_criterion_F_min         ? 
_reflns.observed_criterion_I_max         ? 
_reflns.observed_criterion_I_min         ? 
_reflns.observed_criterion_sigma_F       ? 
_reflns.observed_criterion_sigma_I       ? 
_reflns.percent_possible_obs             100.000 
_reflns.R_free_details                   ? 
_reflns.Rmerge_F_all                     ? 
_reflns.Rmerge_F_obs                     ? 
_reflns.Friedel_coverage                 ? 
_reflns.number_gt                        ? 
_reflns.threshold_expression             ? 
_reflns.pdbx_redundancy                  12.600 
_reflns.pdbx_Rmerge_I_obs                0.039 
_reflns.pdbx_Rmerge_I_all                ? 
_reflns.pdbx_Rsym_value                  ? 
_reflns.pdbx_netI_over_av_sigmaI         ? 
_reflns.pdbx_netI_over_sigmaI            21.600 
_reflns.pdbx_res_netI_over_av_sigmaI_2   ? 
_reflns.pdbx_res_netI_over_sigmaI_2      ? 
_reflns.pdbx_chi_squared                 ? 
_reflns.pdbx_scaling_rejects             ? 
_reflns.pdbx_d_res_high_opt              ? 
_reflns.pdbx_d_res_low_opt               ? 
_reflns.pdbx_d_res_opt_method            ? 
_reflns.phase_calculation_details        ? 
_reflns.pdbx_Rrim_I_all                  0.041 
_reflns.pdbx_Rpim_I_all                  0.012 
_reflns.pdbx_d_opt                       ? 
_reflns.pdbx_number_measured_all         ? 
_reflns.pdbx_diffrn_id                   1 
_reflns.pdbx_ordinal                     1 
_reflns.pdbx_CC_half                     1.000 
_reflns.pdbx_CC_star                     ? 
_reflns.pdbx_R_split                     ? 
# 
loop_
_reflns_shell.d_res_high 
_reflns_shell.d_res_low 
_reflns_shell.meanI_over_sigI_all 
_reflns_shell.meanI_over_sigI_obs 
_reflns_shell.number_measured_all 
_reflns_shell.number_measured_obs 
_reflns_shell.number_possible 
_reflns_shell.number_unique_all 
_reflns_shell.number_unique_obs 
_reflns_shell.percent_possible_all 
_reflns_shell.percent_possible_obs 
_reflns_shell.Rmerge_F_all 
_reflns_shell.Rmerge_F_obs 
_reflns_shell.Rmerge_I_all 
_reflns_shell.Rmerge_I_obs 
_reflns_shell.meanI_over_sigI_gt 
_reflns_shell.meanI_over_uI_all 
_reflns_shell.meanI_over_uI_gt 
_reflns_shell.number_measured_gt 
_reflns_shell.number_unique_gt 
_reflns_shell.percent_possible_gt 
_reflns_shell.Rmerge_F_gt 
_reflns_shell.Rmerge_I_gt 
_reflns_shell.pdbx_redundancy 
_reflns_shell.pdbx_Rsym_value 
_reflns_shell.pdbx_chi_squared 
_reflns_shell.pdbx_netI_over_sigmaI_all 
_reflns_shell.pdbx_netI_over_sigmaI_obs 
_reflns_shell.pdbx_Rrim_I_all 
_reflns_shell.pdbx_Rpim_I_all 
_reflns_shell.pdbx_rejects 
_reflns_shell.pdbx_ordinal 
_reflns_shell.pdbx_diffrn_id 
_reflns_shell.pdbx_CC_half 
_reflns_shell.pdbx_CC_star 
_reflns_shell.pdbx_R_split 
1.770 1.810  ? ? 7116 ? ? ? 596 100.000 ? ? ? ? 3.324 ? ? ? ? ? ? ? ? 11.900 ? ? ? 0.600  3.473 0.990 ? 1 1 0.387 ? ? 
9.030 40.480 ? ? 1021 ? ? ? 105 99.000  ? ? ? ? 0.027 ? ? ? ? ? ? ? ? 9.700  ? ? ? 62.300 0.030 0.011 ? 2 1 0.998 ? ? 
# 
_refine.aniso_B[1][1]                            1.2900 
_refine.aniso_B[1][2]                            0.0000 
_refine.aniso_B[1][3]                            -0.0000 
_refine.aniso_B[2][2]                            0.7200 
_refine.aniso_B[2][3]                            0.0000 
_refine.aniso_B[3][3]                            -2.0100 
_refine.B_iso_max                                94.320 
_refine.B_iso_mean                               46.4270 
_refine.B_iso_min                                31.740 
_refine.correlation_coeff_Fo_to_Fc               0.9350 
_refine.correlation_coeff_Fo_to_Fc_free          0.9430 
_refine.details                                  'HYDROGENS HAVE BEEN ADDED IN THE RIDING POSITIONS U VALUES      : WITH TLS ADDED' 
_refine.diff_density_max                         ? 
_refine.diff_density_max_esd                     ? 
_refine.diff_density_min                         ? 
_refine.diff_density_min_esd                     ? 
_refine.diff_density_rms                         ? 
_refine.diff_density_rms_esd                     ? 
_refine.entry_id                                 7BAT 
_refine.pdbx_refine_id                           'X-RAY DIFFRACTION' 
_refine.ls_abs_structure_details                 ? 
_refine.ls_abs_structure_Flack                   ? 
_refine.ls_abs_structure_Flack_esd               ? 
_refine.ls_abs_structure_Rogers                  ? 
_refine.ls_abs_structure_Rogers_esd              ? 
_refine.ls_d_res_high                            1.7700 
_refine.ls_d_res_low                             40.480 
_refine.ls_extinction_coef                       ? 
_refine.ls_extinction_coef_esd                   ? 
_refine.ls_extinction_expression                 ? 
_refine.ls_extinction_method                     ? 
_refine.ls_goodness_of_fit_all                   ? 
_refine.ls_goodness_of_fit_all_esd               ? 
_refine.ls_goodness_of_fit_obs                   ? 
_refine.ls_goodness_of_fit_obs_esd               ? 
_refine.ls_hydrogen_treatment                    ? 
_refine.ls_matrix_type                           ? 
_refine.ls_number_constraints                    ? 
_refine.ls_number_parameters                     ? 
_refine.ls_number_reflns_all                     ? 
_refine.ls_number_reflns_obs                     10397 
_refine.ls_number_reflns_R_free                  514 
_refine.ls_number_reflns_R_work                  ? 
_refine.ls_number_restraints                     ? 
_refine.ls_percent_reflns_obs                    99.9200 
_refine.ls_percent_reflns_R_free                 4.7000 
_refine.ls_R_factor_all                          ? 
_refine.ls_R_factor_obs                          0.2585 
_refine.ls_R_factor_R_free                       0.2608 
_refine.ls_R_factor_R_free_error                 ? 
_refine.ls_R_factor_R_free_error_details         ? 
_refine.ls_R_factor_R_work                       0.2584 
_refine.ls_R_Fsqd_factor_obs                     ? 
_refine.ls_R_I_factor_obs                        ? 
_refine.ls_redundancy_reflns_all                 ? 
_refine.ls_redundancy_reflns_obs                 ? 
_refine.ls_restrained_S_all                      ? 
_refine.ls_restrained_S_obs                      ? 
_refine.ls_shift_over_esd_max                    ? 
_refine.ls_shift_over_esd_mean                   ? 
_refine.ls_structure_factor_coef                 ? 
_refine.ls_weighting_details                     ? 
_refine.ls_weighting_scheme                      ? 
_refine.ls_wR_factor_all                         ? 
_refine.ls_wR_factor_obs                         ? 
_refine.ls_wR_factor_R_free                      ? 
_refine.ls_wR_factor_R_work                      ? 
_refine.occupancy_max                            ? 
_refine.occupancy_min                            ? 
_refine.solvent_model_details                    MASK 
_refine.solvent_model_param_bsol                 ? 
_refine.solvent_model_param_ksol                 ? 
_refine.pdbx_R_complete                          ? 
_refine.ls_R_factor_gt                           ? 
_refine.ls_goodness_of_fit_gt                    ? 
_refine.ls_goodness_of_fit_ref                   ? 
_refine.ls_shift_over_su_max                     ? 
_refine.ls_shift_over_su_max_lt                  ? 
_refine.ls_shift_over_su_mean                    ? 
_refine.ls_shift_over_su_mean_lt                 ? 
_refine.pdbx_ls_sigma_I                          ? 
_refine.pdbx_ls_sigma_F                          0.000 
_refine.pdbx_ls_sigma_Fsqd                       ? 
_refine.pdbx_data_cutoff_high_absF               ? 
_refine.pdbx_data_cutoff_high_rms_absF           ? 
_refine.pdbx_data_cutoff_low_absF                ? 
_refine.pdbx_isotropic_thermal_model             ? 
_refine.pdbx_ls_cross_valid_method               THROUGHOUT 
_refine.pdbx_method_to_determine_struct          'AB INITIO PHASING' 
_refine.pdbx_starting_model                      ? 
_refine.pdbx_stereochemistry_target_values       'MAXIMUM LIKELIHOOD' 
_refine.pdbx_R_Free_selection_details            RANDOM 
_refine.pdbx_stereochem_target_val_spec_case     ? 
_refine.pdbx_overall_ESU_R                       0.1320 
_refine.pdbx_overall_ESU_R_Free                  0.1160 
_refine.pdbx_solvent_vdw_probe_radii             1.0000 
_refine.pdbx_solvent_ion_probe_radii             0.8000 
_refine.pdbx_solvent_shrinkage_radii             0.8000 
_refine.pdbx_real_space_R                        ? 
_refine.pdbx_density_correlation                 ? 
_refine.pdbx_pd_number_of_powder_patterns        ? 
_refine.pdbx_pd_number_of_points                 ? 
_refine.pdbx_pd_meas_number_of_points            ? 
_refine.pdbx_pd_proc_ls_prof_R_factor            ? 
_refine.pdbx_pd_proc_ls_prof_wR_factor           ? 
_refine.pdbx_pd_Marquardt_correlation_coeff      ? 
_refine.pdbx_pd_Fsqrd_R_factor                   ? 
_refine.pdbx_pd_ls_matrix_band_width             ? 
_refine.pdbx_overall_phase_error                 ? 
_refine.pdbx_overall_SU_R_free_Cruickshank_DPI   ? 
_refine.pdbx_overall_SU_R_free_Blow_DPI          ? 
_refine.pdbx_overall_SU_R_Blow_DPI               ? 
_refine.pdbx_TLS_residual_ADP_flag               ? 
_refine.pdbx_diffrn_id                           1 
_refine.overall_SU_B                             6.6170 
_refine.overall_SU_ML                            0.0940 
_refine.overall_SU_R_Cruickshank_DPI             0.1321 
_refine.overall_SU_R_free                        ? 
_refine.overall_FOM_free_R_set                   ? 
_refine.overall_FOM_work_R_set                   ? 
_refine.pdbx_average_fsc_overall                 ? 
_refine.pdbx_average_fsc_work                    ? 
_refine.pdbx_average_fsc_free                    ? 
# 
_refine_hist.pdbx_refine_id                   'X-RAY DIFFRACTION' 
_refine_hist.cycle_id                         final 
_refine_hist.details                          ? 
_refine_hist.d_res_high                       1.7700 
_refine_hist.d_res_low                        40.480 
_refine_hist.number_atoms_solvent             21 
_refine_hist.number_atoms_total               634 
_refine_hist.number_reflns_all                ? 
_refine_hist.number_reflns_obs                ? 
_refine_hist.number_reflns_R_free             ? 
_refine_hist.number_reflns_R_work             ? 
_refine_hist.R_factor_all                     ? 
_refine_hist.R_factor_obs                     ? 
_refine_hist.R_factor_R_free                  ? 
_refine_hist.R_factor_R_work                  ? 
_refine_hist.pdbx_number_residues_total       89 
_refine_hist.pdbx_B_iso_mean_ligand           51.88 
_refine_hist.pdbx_B_iso_mean_solvent          67.60 
_refine_hist.pdbx_number_atoms_protein        601 
_refine_hist.pdbx_number_atoms_nucleic_acid   0 
_refine_hist.pdbx_number_atoms_ligand         12 
_refine_hist.pdbx_number_atoms_lipid          ? 
_refine_hist.pdbx_number_atoms_carb           ? 
_refine_hist.pdbx_pseudo_atom_details         ? 
# 
loop_
_refine_ls_restr.pdbx_refine_id 
_refine_ls_restr.criterion 
_refine_ls_restr.dev_ideal 
_refine_ls_restr.dev_ideal_target 
_refine_ls_restr.number 
_refine_ls_restr.rejects 
_refine_ls_restr.type 
_refine_ls_restr.weight 
_refine_ls_restr.pdbx_restraint_function 
'X-RAY DIFFRACTION' ? 0.004  0.013  613  ? r_bond_refined_d       ? ? 
'X-RAY DIFFRACTION' ? 0.001  0.018  641  ? r_bond_other_d         ? ? 
'X-RAY DIFFRACTION' ? 1.119  1.624  813  ? r_angle_refined_deg    ? ? 
'X-RAY DIFFRACTION' ? 1.246  1.587  1462 ? r_angle_other_deg      ? ? 
'X-RAY DIFFRACTION' ? 2.550  5.000  84   ? r_dihedral_angle_1_deg ? ? 
'X-RAY DIFFRACTION' ? 30.619 25.000 16   ? r_dihedral_angle_2_deg ? ? 
'X-RAY DIFFRACTION' ? 13.251 15.000 107  ? r_dihedral_angle_3_deg ? ? 
'X-RAY DIFFRACTION' ? 0.047  0.200  94   ? r_chiral_restr         ? ? 
'X-RAY DIFFRACTION' ? 0.005  0.020  682  ? r_gen_planes_refined   ? ? 
'X-RAY DIFFRACTION' ? 0.001  0.020  110  ? r_gen_planes_other     ? ? 
# 
loop_
_refine_ls_restr_ncs.pdbx_refine_id 
_refine_ls_restr_ncs.dom_id 
_refine_ls_restr_ncs.ncs_model_details 
_refine_ls_restr_ncs.rms_dev_B_iso 
_refine_ls_restr_ncs.rms_dev_position 
_refine_ls_restr_ncs.weight_B_iso 
_refine_ls_restr_ncs.weight_position 
_refine_ls_restr_ncs.pdbx_ordinal 
_refine_ls_restr_ncs.pdbx_type 
_refine_ls_restr_ncs.pdbx_asym_id 
_refine_ls_restr_ncs.pdbx_auth_asym_id 
_refine_ls_restr_ncs.pdbx_number 
_refine_ls_restr_ncs.pdbx_rms 
_refine_ls_restr_ncs.pdbx_weight 
_refine_ls_restr_ncs.pdbx_ens_id 
'X-RAY DIFFRACTION' 1 ? ? 0.080 ? 0.050 1 'interatomic distance' ? A 719 ? ? 1 
'X-RAY DIFFRACTION' 2 ? ? 0.080 ? 0.050 2 'interatomic distance' ? B 719 ? ? 1 
'X-RAY DIFFRACTION' 1 ? ? 0.070 ? 0.050 3 'interatomic distance' ? A 699 ? ? 2 
'X-RAY DIFFRACTION' 2 ? ? 0.070 ? 0.050 4 'interatomic distance' ? C 699 ? ? 2 
'X-RAY DIFFRACTION' 1 ? ? 0.080 ? 0.050 5 'interatomic distance' ? B 676 ? ? 3 
'X-RAY DIFFRACTION' 2 ? ? 0.080 ? 0.050 6 'interatomic distance' ? C 676 ? ? 3 
# 
_refine_ls_shell.pdbx_refine_id                   'X-RAY DIFFRACTION' 
_refine_ls_shell.d_res_high                       1.7700 
_refine_ls_shell.d_res_low                        1.8160 
_refine_ls_shell.number_reflns_all                787 
_refine_ls_shell.number_reflns_obs                ? 
_refine_ls_shell.number_reflns_R_free             37 
_refine_ls_shell.number_reflns_R_work             750 
_refine_ls_shell.percent_reflns_obs               100.0000 
_refine_ls_shell.percent_reflns_R_free            ? 
_refine_ls_shell.R_factor_all                     ? 
_refine_ls_shell.R_factor_obs                     ? 
_refine_ls_shell.R_factor_R_free                  0.3350 
_refine_ls_shell.R_factor_R_free_error            0.0000 
_refine_ls_shell.R_factor_R_work                  0.4390 
_refine_ls_shell.redundancy_reflns_all            ? 
_refine_ls_shell.redundancy_reflns_obs            ? 
_refine_ls_shell.wR_factor_all                    ? 
_refine_ls_shell.wR_factor_obs                    ? 
_refine_ls_shell.wR_factor_R_free                 ? 
_refine_ls_shell.wR_factor_R_work                 ? 
_refine_ls_shell.pdbx_R_complete                  ? 
_refine_ls_shell.pdbx_total_number_of_bins_used   20 
_refine_ls_shell.pdbx_phase_error                 ? 
_refine_ls_shell.pdbx_fsc_work                    ? 
_refine_ls_shell.pdbx_fsc_free                    ? 
# 
loop_
_struct_ncs_dom.pdbx_ens_id 
_struct_ncs_dom.id 
_struct_ncs_dom.details 
1 1 A 
1 2 B 
2 1 A 
2 2 C 
3 1 B 
3 2 C 
# 
loop_
_struct_ncs_dom_lim.pdbx_ens_id 
_struct_ncs_dom_lim.dom_id 
_struct_ncs_dom_lim.pdbx_component_id 
_struct_ncs_dom_lim.beg_label_asym_id 
_struct_ncs_dom_lim.beg_label_comp_id 
_struct_ncs_dom_lim.beg_label_seq_id 
_struct_ncs_dom_lim.beg_label_alt_id 
_struct_ncs_dom_lim.end_label_asym_id 
_struct_ncs_dom_lim.end_label_comp_id 
_struct_ncs_dom_lim.end_label_seq_id 
_struct_ncs_dom_lim.end_label_alt_id 
_struct_ncs_dom_lim.beg_auth_asym_id 
_struct_ncs_dom_lim.beg_auth_comp_id 
_struct_ncs_dom_lim.beg_auth_seq_id 
_struct_ncs_dom_lim.end_auth_asym_id 
_struct_ncs_dom_lim.end_auth_comp_id 
_struct_ncs_dom_lim.end_auth_seq_id 
_struct_ncs_dom_lim.pdbx_refine_code 
_struct_ncs_dom_lim.selection_details 
1 1 0 A GLY 2 . A ILE 29 . A GLY 1 A ILE 28 0 ? 
1 2 0 B GLY 2 . B ILE 29 . B GLY 1 B ILE 28 0 ? 
2 1 0 A GLY 2 . A GLY 28 . A GLY 1 A GLY 27 0 ? 
2 2 0 C GLY 2 . C GLY 28 . C GLY 1 C GLY 27 0 ? 
3 1 0 B GLY 2 . B GLY 28 . B GLY 1 B GLY 27 0 ? 
3 2 0 C GLY 2 . C GLY 28 . C GLY 1 C GLY 27 0 ? 
# 
loop_
_struct_ncs_ens.id 
_struct_ncs_ens.details 
1 ? 
2 ? 
3 ? 
# 
_struct.entry_id                     7BAT 
_struct.title                        'A hexameric barrel state of a de novo coiled-coil assembly: CC-Type2-(GgIaId)4' 
_struct.pdbx_model_details           ? 
_struct.pdbx_formula_weight          ? 
_struct.pdbx_formula_weight_method   ? 
_struct.pdbx_model_type_details      ? 
_struct.pdbx_CASP_flag               N 
# 
_struct_keywords.entry_id        7BAT 
_struct_keywords.text            'alpha, helical, barrel, hexamer, DE NOVO PROTEIN' 
_struct_keywords.pdbx_keywords   'DE NOVO PROTEIN' 
# 
loop_
_struct_asym.id 
_struct_asym.pdbx_blank_PDB_chainid_flag 
_struct_asym.pdbx_modified 
_struct_asym.entity_id 
_struct_asym.details 
A N N 1 ? 
B N N 1 ? 
C N N 1 ? 
D N N 2 ? 
E N N 2 ? 
F N N 2 ? 
G N N 3 ? 
H N N 3 ? 
I N N 3 ? 
# 
_struct_ref.id                         1 
_struct_ref.db_name                    PDB 
_struct_ref.db_code                    7BAT 
_struct_ref.pdbx_db_accession          7BAT 
_struct_ref.pdbx_db_isoform            ? 
_struct_ref.entity_id                  1 
_struct_ref.pdbx_seq_one_letter_code   ? 
_struct_ref.pdbx_align_begin           1 
# 
loop_
_struct_ref_seq.align_id 
_struct_ref_seq.ref_id 
_struct_ref_seq.pdbx_PDB_id_code 
_struct_ref_seq.pdbx_strand_id 
_struct_ref_seq.seq_align_beg 
_struct_ref_seq.pdbx_seq_align_beg_ins_code 
_struct_ref_seq.seq_align_end 
_struct_ref_seq.pdbx_seq_align_end_ins_code 
_struct_ref_seq.pdbx_db_accession 
_struct_ref_seq.db_align_beg 
_struct_ref_seq.pdbx_db_align_beg_ins_code 
_struct_ref_seq.db_align_end 
_struct_ref_seq.pdbx_db_align_end_ins_code 
_struct_ref_seq.pdbx_auth_seq_align_beg 
_struct_ref_seq.pdbx_auth_seq_align_end 
1 1 7BAT A 1 ? 32 ? 7BAT 0 ? 31 ? 0 31 
2 1 7BAT B 1 ? 32 ? 7BAT 0 ? 31 ? 0 31 
3 1 7BAT C 1 ? 32 ? 7BAT 0 ? 31 ? 0 31 
# 
_pdbx_struct_assembly.id                   1 
_pdbx_struct_assembly.details              author_and_software_defined_assembly 
_pdbx_struct_assembly.method_details       PISA 
_pdbx_struct_assembly.oligomeric_details   hexameric 
_pdbx_struct_assembly.oligomeric_count     6 
# 
loop_
_pdbx_struct_assembly_prop.biol_id 
_pdbx_struct_assembly_prop.type 
_pdbx_struct_assembly_prop.value 
_pdbx_struct_assembly_prop.details 
1 'ABSA (A^2)' 9710 ? 
1 MORE         -75  ? 
1 'SSA (A^2)'  8240 ? 
# 
_pdbx_struct_assembly_gen.assembly_id       1 
_pdbx_struct_assembly_gen.oper_expression   1,2 
_pdbx_struct_assembly_gen.asym_id_list      A,B,C,D,E,F,G,H,I 
# 
_pdbx_struct_assembly_auth_evidence.id                     1 
_pdbx_struct_assembly_auth_evidence.assembly_id            1 
_pdbx_struct_assembly_auth_evidence.experimental_support   'equilibrium centrifugation' 
_pdbx_struct_assembly_auth_evidence.details                ? 
# 
loop_
_pdbx_struct_oper_list.id 
_pdbx_struct_oper_list.type 
_pdbx_struct_oper_list.name 
_pdbx_struct_oper_list.symmetry_operation 
_pdbx_struct_oper_list.matrix[1][1] 
_pdbx_struct_oper_list.matrix[1][2] 
_pdbx_struct_oper_list.matrix[1][3] 
_pdbx_struct_oper_list.vector[1] 
_pdbx_struct_oper_list.matrix[2][1] 
_pdbx_struct_oper_list.matrix[2][2] 
_pdbx_struct_oper_list.matrix[2][3] 
_pdbx_struct_oper_list.vector[2] 
_pdbx_struct_oper_list.matrix[3][1] 
_pdbx_struct_oper_list.matrix[3][2] 
_pdbx_struct_oper_list.matrix[3][3] 
_pdbx_struct_oper_list.vector[3] 
1 'identity operation'         1_555 x,y,z       1.0000000000  0.0000000000  0.0000000000  0.0000000000 0.0000000000  1.0000000000 0.0000000000 0.0000000000 0.0000000000  0.0000000000 1.0000000000  0.0000000000 
2 'crystal symmetry operation' 2_665 -x+1,-y+1,z -0.9402477818 -0.3394946176 -0.0260290895 8.9818395087 -0.3394946176 0.9289090647 0.1478896689 1.0319192199 -0.0260290895 0.1478896689 -0.9886612829 7.1594441995 
# 
loop_
_struct_conf.conf_type_id 
_struct_conf.id 
_struct_conf.pdbx_PDB_helix_id 
_struct_conf.beg_label_comp_id 
_struct_conf.beg_label_asym_id 
_struct_conf.beg_label_seq_id 
_struct_conf.pdbx_beg_PDB_ins_code 
_struct_conf.end_label_comp_id 
_struct_conf.end_label_asym_id 
_struct_conf.end_label_seq_id 
_struct_conf.pdbx_end_PDB_ins_code 
_struct_conf.beg_auth_comp_id 
_struct_conf.beg_auth_asym_id 
_struct_conf.beg_auth_seq_id 
_struct_conf.end_auth_comp_id 
_struct_conf.end_auth_asym_id 
_struct_conf.end_auth_seq_id 
_struct_conf.pdbx_PDB_helix_class 
_struct_conf.details 
_struct_conf.pdbx_PDB_helix_length 
HELX_P HELX_P1 AA1 GLY A 2 ? LYS A 30 ? GLY A 1 LYS A 29 1 ? 29 
HELX_P HELX_P2 AA2 GLU B 3 ? ILE B 29 ? GLU B 2 ILE B 28 1 ? 27 
HELX_P HELX_P3 AA3 GLY C 2 ? ILE C 29 ? GLY C 1 ILE C 28 1 ? 28 
# 
_struct_conf_type.id          HELX_P 
_struct_conf_type.criteria    ? 
_struct_conf_type.reference   ? 
# 
loop_
_struct_conn.id 
_struct_conn.conn_type_id 
_struct_conn.pdbx_leaving_atom_flag 
_struct_conn.pdbx_PDB_id 
_struct_conn.ptnr1_label_asym_id 
_struct_conn.ptnr1_label_comp_id 
_struct_conn.ptnr1_label_seq_id 
_struct_conn.ptnr1_label_atom_id 
_struct_conn.pdbx_ptnr1_label_alt_id 
_struct_conn.pdbx_ptnr1_PDB_ins_code 
_struct_conn.pdbx_ptnr1_standard_comp_id 
_struct_conn.ptnr1_symmetry 
_struct_conn.ptnr2_label_asym_id 
_struct_conn.ptnr2_label_comp_id 
_struct_conn.ptnr2_label_seq_id 
_struct_conn.ptnr2_label_atom_id 
_struct_conn.pdbx_ptnr2_label_alt_id 
_struct_conn.pdbx_ptnr2_PDB_ins_code 
_struct_conn.ptnr1_auth_asym_id 
_struct_conn.ptnr1_auth_comp_id 
_struct_conn.ptnr1_auth_seq_id 
_struct_conn.ptnr2_auth_asym_id 
_struct_conn.ptnr2_auth_comp_id 
_struct_conn.ptnr2_auth_seq_id 
_struct_conn.ptnr2_symmetry 
_struct_conn.pdbx_ptnr3_label_atom_id 
_struct_conn.pdbx_ptnr3_label_seq_id 
_struct_conn.pdbx_ptnr3_label_comp_id 
_struct_conn.pdbx_ptnr3_label_asym_id 
_struct_conn.pdbx_ptnr3_label_alt_id 
_struct_conn.pdbx_ptnr3_PDB_ins_code 
_struct_conn.details 
_struct_conn.pdbx_dist_value 
_struct_conn.pdbx_value_order 
_struct_conn.pdbx_role 
covale1 covale both ? A ACE 1 C ? ? ? 1_555 A GLY 2 N ? ? A ACE 0 A GLY 1 1_555 ? ? ? ? ? ? ? 1.337 ? ? 
covale2 covale both ? C ACE 1 C ? ? ? 1_555 C GLY 2 N ? ? C ACE 0 C GLY 1 1_555 ? ? ? ? ? ? ? 1.337 ? ? 
# 
_struct_conn_type.id          covale 
_struct_conn_type.criteria    ? 
_struct_conn_type.reference   ? 
# 
loop_
_pdbx_modification_feature.ordinal 
_pdbx_modification_feature.label_comp_id 
_pdbx_modification_feature.label_asym_id 
_pdbx_modification_feature.label_seq_id 
_pdbx_modification_feature.label_alt_id 
_pdbx_modification_feature.modified_residue_label_comp_id 
_pdbx_modification_feature.modified_residue_label_asym_id 
_pdbx_modification_feature.modified_residue_label_seq_id 
_pdbx_modification_feature.modified_residue_label_alt_id 
_pdbx_modification_feature.auth_comp_id 
_pdbx_modification_feature.auth_asym_id 
_pdbx_modification_feature.auth_seq_id 
_pdbx_modification_feature.PDB_ins_code 
_pdbx_modification_feature.symmetry 
_pdbx_modification_feature.modified_residue_auth_comp_id 
_pdbx_modification_feature.modified_residue_auth_asym_id 
_pdbx_modification_feature.modified_residue_auth_seq_id 
_pdbx_modification_feature.modified_residue_PDB_ins_code 
_pdbx_modification_feature.modified_residue_symmetry 
_pdbx_modification_feature.comp_id_linking_atom 
_pdbx_modification_feature.modified_residue_id_linking_atom 
_pdbx_modification_feature.modified_residue_id 
_pdbx_modification_feature.ref_pcm_id 
_pdbx_modification_feature.ref_comp_id 
_pdbx_modification_feature.type 
_pdbx_modification_feature.category 
1 ACE A 1 ? GLY A 2 ? ACE A 0 ? 1_555 GLY A 1 ? 1_555 . . GLY 12 ACE None 'Terminal acetylation' 
2 ACE C 1 ? GLY C 2 ? ACE C 0 ? 1_555 GLY C 1 ? 1_555 . . GLY 12 ACE None 'Terminal acetylation' 
# 
_pdbx_entry_details.entry_id                   7BAT 
_pdbx_entry_details.has_ligand_of_interest     N 
_pdbx_entry_details.compound_details           ? 
_pdbx_entry_details.source_details             ? 
_pdbx_entry_details.nonpolymer_details         ? 
_pdbx_entry_details.sequence_details           ? 
_pdbx_entry_details.has_protein_modification   Y 
# 
loop_
_pdbx_struct_special_symmetry.id 
_pdbx_struct_special_symmetry.PDB_model_num 
_pdbx_struct_special_symmetry.auth_asym_id 
_pdbx_struct_special_symmetry.auth_comp_id 
_pdbx_struct_special_symmetry.auth_seq_id 
_pdbx_struct_special_symmetry.PDB_ins_code 
_pdbx_struct_special_symmetry.label_asym_id 
_pdbx_struct_special_symmetry.label_comp_id 
_pdbx_struct_special_symmetry.label_seq_id 
1  1 A POL 101 ? D POL . 
2  1 A POL 101 ? D POL . 
3  1 C POL 101 ? F POL . 
4  1 A HOH 206 ? G HOH . 
5  1 A HOH 207 ? G HOH . 
6  1 A HOH 208 ? G HOH . 
7  1 B HOH 201 ? H HOH . 
8  1 C HOH 201 ? I HOH . 
9  1 C HOH 203 ? I HOH . 
10 1 C HOH 204 ? I HOH . 
# 
loop_
_pdbx_refine_tls.id 
_pdbx_refine_tls.pdbx_refine_id 
_pdbx_refine_tls.details 
_pdbx_refine_tls.method 
_pdbx_refine_tls.origin_x 
_pdbx_refine_tls.origin_y 
_pdbx_refine_tls.origin_z 
_pdbx_refine_tls.T[1][1] 
_pdbx_refine_tls.T[1][1]_esd 
_pdbx_refine_tls.T[1][2] 
_pdbx_refine_tls.T[1][2]_esd 
_pdbx_refine_tls.T[1][3] 
_pdbx_refine_tls.T[1][3]_esd 
_pdbx_refine_tls.T[2][2] 
_pdbx_refine_tls.T[2][2]_esd 
_pdbx_refine_tls.T[2][3] 
_pdbx_refine_tls.T[2][3]_esd 
_pdbx_refine_tls.T[3][3] 
_pdbx_refine_tls.T[3][3]_esd 
_pdbx_refine_tls.L[1][1] 
_pdbx_refine_tls.L[1][1]_esd 
_pdbx_refine_tls.L[1][2] 
_pdbx_refine_tls.L[1][2]_esd 
_pdbx_refine_tls.L[1][3] 
_pdbx_refine_tls.L[1][3]_esd 
_pdbx_refine_tls.L[2][2] 
_pdbx_refine_tls.L[2][2]_esd 
_pdbx_refine_tls.L[2][3] 
_pdbx_refine_tls.L[2][3]_esd 
_pdbx_refine_tls.L[3][3] 
_pdbx_refine_tls.L[3][3]_esd 
_pdbx_refine_tls.S[1][1] 
_pdbx_refine_tls.S[1][1]_esd 
_pdbx_refine_tls.S[1][2] 
_pdbx_refine_tls.S[1][2]_esd 
_pdbx_refine_tls.S[1][3] 
_pdbx_refine_tls.S[1][3]_esd 
_pdbx_refine_tls.S[2][1] 
_pdbx_refine_tls.S[2][1]_esd 
_pdbx_refine_tls.S[2][2] 
_pdbx_refine_tls.S[2][2]_esd 
_pdbx_refine_tls.S[2][3] 
_pdbx_refine_tls.S[2][3]_esd 
_pdbx_refine_tls.S[3][1] 
_pdbx_refine_tls.S[3][1]_esd 
_pdbx_refine_tls.S[3][2] 
_pdbx_refine_tls.S[3][2]_esd 
_pdbx_refine_tls.S[3][3] 
_pdbx_refine_tls.S[3][3]_esd 
1 'X-RAY DIFFRACTION' ? refined -2.1869 -1.1672 -0.7837 0.0125 ? -0.0116 ? -0.0232 ? 0.1072 ? 0.0083 ? 0.0506 ? 1.1272 ? -0.3023 ? -0.2008 ? 6.8712 ? -0.4912 ? 1.3891 ? -0.0133 ? 0.0524 ? 0.0242  ? -0.1502 ? -0.0239 ? 0.1359  ? 0.0002  ? -0.0554 ? 0.0372 ? 
2 'X-RAY DIFFRACTION' ? refined 4.5227  -0.3613 -4.9628 0.0459 ? -0.0113 ? -0.0158 ? 0.0904 ? 0.0077 ? 0.0096 ? 1.6446 ? 1.3418  ? 0.0965  ? 7.6882 ? 1.0154  ? 1.5397 ? -0.0219 ? 0.0551 ? 0.0043  ? -0.2971 ? -0.0138 ? -0.0206 ? -0.0372 ? -0.0195 ? 0.0356 ? 
3 'X-RAY DIFFRACTION' ? refined -3.3081 -0.1150 6.5883  0.0176 ? -0.0140 ? 0.0134  ? 0.1013 ? 0.0155 ? 0.0445 ? 1.4657 ? -0.8451 ? 0.0633  ? 6.0092 ? -0.5217 ? 1.4226 ? 0.0418  ? 0.0108 ? -0.0129 ? 0.0814  ? -0.0835 ? 0.2557  ? -0.0544 ? -0.0946 ? 0.0416 ? 
# 
loop_
_pdbx_refine_tls_group.id 
_pdbx_refine_tls_group.pdbx_refine_id 
_pdbx_refine_tls_group.refine_tls_id 
_pdbx_refine_tls_group.beg_label_asym_id 
_pdbx_refine_tls_group.beg_label_seq_id 
_pdbx_refine_tls_group.beg_auth_asym_id 
_pdbx_refine_tls_group.beg_auth_seq_id 
_pdbx_refine_tls_group.beg_PDB_ins_code 
_pdbx_refine_tls_group.end_label_asym_id 
_pdbx_refine_tls_group.end_label_seq_id 
_pdbx_refine_tls_group.end_auth_asym_id 
_pdbx_refine_tls_group.end_auth_seq_id 
_pdbx_refine_tls_group.end_PDB_ins_code 
_pdbx_refine_tls_group.selection 
_pdbx_refine_tls_group.selection_details 
1 'X-RAY DIFFRACTION' 1 ? ? A 0 ? ? ? A 29 ? ? ? 
2 'X-RAY DIFFRACTION' 2 ? ? B 1 ? ? ? B 30 ? ? ? 
3 'X-RAY DIFFRACTION' 3 ? ? C 0 ? ? ? C 28 ? ? ? 
# 
loop_
_pdbx_distant_solvent_atoms.id 
_pdbx_distant_solvent_atoms.PDB_model_num 
_pdbx_distant_solvent_atoms.auth_atom_id 
_pdbx_distant_solvent_atoms.label_alt_id 
_pdbx_distant_solvent_atoms.auth_asym_id 
_pdbx_distant_solvent_atoms.auth_comp_id 
_pdbx_distant_solvent_atoms.auth_seq_id 
_pdbx_distant_solvent_atoms.PDB_ins_code 
_pdbx_distant_solvent_atoms.neighbor_macromolecule_distance 
_pdbx_distant_solvent_atoms.neighbor_ligand_distance 
1 1 O ? A HOH 206 ? .     5.96 
2 1 O ? A HOH 207 ? 9.00  .    
3 1 O ? A HOH 208 ? 15.89 .    
4 1 O ? B HOH 206 ? .     6.36 
5 1 O ? B HOH 207 ? 7.86  .    
6 1 O ? C HOH 206 ? 8.44  .    
# 
loop_
_pdbx_unobs_or_zero_occ_residues.id 
_pdbx_unobs_or_zero_occ_residues.PDB_model_num 
_pdbx_unobs_or_zero_occ_residues.polymer_flag 
_pdbx_unobs_or_zero_occ_residues.occupancy_flag 
_pdbx_unobs_or_zero_occ_residues.auth_asym_id 
_pdbx_unobs_or_zero_occ_residues.auth_comp_id 
_pdbx_unobs_or_zero_occ_residues.auth_seq_id 
_pdbx_unobs_or_zero_occ_residues.PDB_ins_code 
_pdbx_unobs_or_zero_occ_residues.label_asym_id 
_pdbx_unobs_or_zero_occ_residues.label_comp_id 
_pdbx_unobs_or_zero_occ_residues.label_seq_id 
1 1 Y 1 A GLY 30 ? A GLY 31 
2 1 Y 1 A NH2 31 ? A NH2 32 
3 1 Y 1 B ACE 0  ? B ACE 1  
4 1 Y 1 B NH2 31 ? B NH2 32 
5 1 Y 1 C LYS 29 ? C LYS 30 
6 1 Y 1 C GLY 30 ? C GLY 31 
7 1 Y 1 C NH2 31 ? C NH2 32 
# 
loop_
_chem_comp_atom.comp_id 
_chem_comp_atom.atom_id 
_chem_comp_atom.type_symbol 
_chem_comp_atom.pdbx_aromatic_flag 
_chem_comp_atom.pdbx_stereo_config 
_chem_comp_atom.pdbx_ordinal 
ACE C    C N N 1   
ACE O    O N N 2   
ACE CH3  C N N 3   
ACE H    H N N 4   
ACE H1   H N N 5   
ACE H2   H N N 6   
ACE H3   H N N 7   
ALA N    N N N 8   
ALA CA   C N S 9   
ALA C    C N N 10  
ALA O    O N N 11  
ALA CB   C N N 12  
ALA OXT  O N N 13  
ALA H    H N N 14  
ALA H2   H N N 15  
ALA HA   H N N 16  
ALA HB1  H N N 17  
ALA HB2  H N N 18  
ALA HB3  H N N 19  
ALA HXT  H N N 20  
GLN N    N N N 21  
GLN CA   C N S 22  
GLN C    C N N 23  
GLN O    O N N 24  
GLN CB   C N N 25  
GLN CG   C N N 26  
GLN CD   C N N 27  
GLN OE1  O N N 28  
GLN NE2  N N N 29  
GLN OXT  O N N 30  
GLN H    H N N 31  
GLN H2   H N N 32  
GLN HA   H N N 33  
GLN HB2  H N N 34  
GLN HB3  H N N 35  
GLN HG2  H N N 36  
GLN HG3  H N N 37  
GLN HE21 H N N 38  
GLN HE22 H N N 39  
GLN HXT  H N N 40  
GLU N    N N N 41  
GLU CA   C N S 42  
GLU C    C N N 43  
GLU O    O N N 44  
GLU CB   C N N 45  
GLU CG   C N N 46  
GLU CD   C N N 47  
GLU OE1  O N N 48  
GLU OE2  O N N 49  
GLU OXT  O N N 50  
GLU H    H N N 51  
GLU H2   H N N 52  
GLU HA   H N N 53  
GLU HB2  H N N 54  
GLU HB3  H N N 55  
GLU HG2  H N N 56  
GLU HG3  H N N 57  
GLU HE2  H N N 58  
GLU HXT  H N N 59  
GLY N    N N N 60  
GLY CA   C N N 61  
GLY C    C N N 62  
GLY O    O N N 63  
GLY OXT  O N N 64  
GLY H    H N N 65  
GLY H2   H N N 66  
GLY HA2  H N N 67  
GLY HA3  H N N 68  
GLY HXT  H N N 69  
HOH O    O N N 70  
HOH H1   H N N 71  
HOH H2   H N N 72  
ILE N    N N N 73  
ILE CA   C N S 74  
ILE C    C N N 75  
ILE O    O N N 76  
ILE CB   C N S 77  
ILE CG1  C N N 78  
ILE CG2  C N N 79  
ILE CD1  C N N 80  
ILE OXT  O N N 81  
ILE H    H N N 82  
ILE H2   H N N 83  
ILE HA   H N N 84  
ILE HB   H N N 85  
ILE HG12 H N N 86  
ILE HG13 H N N 87  
ILE HG21 H N N 88  
ILE HG22 H N N 89  
ILE HG23 H N N 90  
ILE HD11 H N N 91  
ILE HD12 H N N 92  
ILE HD13 H N N 93  
ILE HXT  H N N 94  
LYS N    N N N 95  
LYS CA   C N S 96  
LYS C    C N N 97  
LYS O    O N N 98  
LYS CB   C N N 99  
LYS CG   C N N 100 
LYS CD   C N N 101 
LYS CE   C N N 102 
LYS NZ   N N N 103 
LYS OXT  O N N 104 
LYS H    H N N 105 
LYS H2   H N N 106 
LYS HA   H N N 107 
LYS HB2  H N N 108 
LYS HB3  H N N 109 
LYS HG2  H N N 110 
LYS HG3  H N N 111 
LYS HD2  H N N 112 
LYS HD3  H N N 113 
LYS HE2  H N N 114 
LYS HE3  H N N 115 
LYS HZ1  H N N 116 
LYS HZ2  H N N 117 
LYS HZ3  H N N 118 
LYS HXT  H N N 119 
NH2 N    N N N 120 
NH2 HN1  H N N 121 
NH2 HN2  H N N 122 
POL O    O N N 123 
POL C1   C N N 124 
POL C2   C N N 125 
POL C3   C N N 126 
POL HO   H N N 127 
POL H11  H N N 128 
POL H12  H N N 129 
POL H21  H N N 130 
POL H22  H N N 131 
POL H31  H N N 132 
POL H32  H N N 133 
POL H33  H N N 134 
TRP N    N N N 135 
TRP CA   C N S 136 
TRP C    C N N 137 
TRP O    O N N 138 
TRP CB   C N N 139 
TRP CG   C Y N 140 
TRP CD1  C Y N 141 
TRP CD2  C Y N 142 
TRP NE1  N Y N 143 
TRP CE2  C Y N 144 
TRP CE3  C Y N 145 
TRP CZ2  C Y N 146 
TRP CZ3  C Y N 147 
TRP CH2  C Y N 148 
TRP OXT  O N N 149 
TRP H    H N N 150 
TRP H2   H N N 151 
TRP HA   H N N 152 
TRP HB2  H N N 153 
TRP HB3  H N N 154 
TRP HD1  H N N 155 
TRP HE1  H N N 156 
TRP HE3  H N N 157 
TRP HZ2  H N N 158 
TRP HZ3  H N N 159 
TRP HH2  H N N 160 
TRP HXT  H N N 161 
# 
loop_
_chem_comp_bond.comp_id 
_chem_comp_bond.atom_id_1 
_chem_comp_bond.atom_id_2 
_chem_comp_bond.value_order 
_chem_comp_bond.pdbx_aromatic_flag 
_chem_comp_bond.pdbx_stereo_config 
_chem_comp_bond.pdbx_ordinal 
ACE C   O    doub N N 1   
ACE C   CH3  sing N N 2   
ACE C   H    sing N N 3   
ACE CH3 H1   sing N N 4   
ACE CH3 H2   sing N N 5   
ACE CH3 H3   sing N N 6   
ALA N   CA   sing N N 7   
ALA N   H    sing N N 8   
ALA N   H2   sing N N 9   
ALA CA  C    sing N N 10  
ALA CA  CB   sing N N 11  
ALA CA  HA   sing N N 12  
ALA C   O    doub N N 13  
ALA C   OXT  sing N N 14  
ALA CB  HB1  sing N N 15  
ALA CB  HB2  sing N N 16  
ALA CB  HB3  sing N N 17  
ALA OXT HXT  sing N N 18  
GLN N   CA   sing N N 19  
GLN N   H    sing N N 20  
GLN N   H2   sing N N 21  
GLN CA  C    sing N N 22  
GLN CA  CB   sing N N 23  
GLN CA  HA   sing N N 24  
GLN C   O    doub N N 25  
GLN C   OXT  sing N N 26  
GLN CB  CG   sing N N 27  
GLN CB  HB2  sing N N 28  
GLN CB  HB3  sing N N 29  
GLN CG  CD   sing N N 30  
GLN CG  HG2  sing N N 31  
GLN CG  HG3  sing N N 32  
GLN CD  OE1  doub N N 33  
GLN CD  NE2  sing N N 34  
GLN NE2 HE21 sing N N 35  
GLN NE2 HE22 sing N N 36  
GLN OXT HXT  sing N N 37  
GLU N   CA   sing N N 38  
GLU N   H    sing N N 39  
GLU N   H2   sing N N 40  
GLU CA  C    sing N N 41  
GLU CA  CB   sing N N 42  
GLU CA  HA   sing N N 43  
GLU C   O    doub N N 44  
GLU C   OXT  sing N N 45  
GLU CB  CG   sing N N 46  
GLU CB  HB2  sing N N 47  
GLU CB  HB3  sing N N 48  
GLU CG  CD   sing N N 49  
GLU CG  HG2  sing N N 50  
GLU CG  HG3  sing N N 51  
GLU CD  OE1  doub N N 52  
GLU CD  OE2  sing N N 53  
GLU OE2 HE2  sing N N 54  
GLU OXT HXT  sing N N 55  
GLY N   CA   sing N N 56  
GLY N   H    sing N N 57  
GLY N   H2   sing N N 58  
GLY CA  C    sing N N 59  
GLY CA  HA2  sing N N 60  
GLY CA  HA3  sing N N 61  
GLY C   O    doub N N 62  
GLY C   OXT  sing N N 63  
GLY OXT HXT  sing N N 64  
HOH O   H1   sing N N 65  
HOH O   H2   sing N N 66  
ILE N   CA   sing N N 67  
ILE N   H    sing N N 68  
ILE N   H2   sing N N 69  
ILE CA  C    sing N N 70  
ILE CA  CB   sing N N 71  
ILE CA  HA   sing N N 72  
ILE C   O    doub N N 73  
ILE C   OXT  sing N N 74  
ILE CB  CG1  sing N N 75  
ILE CB  CG2  sing N N 76  
ILE CB  HB   sing N N 77  
ILE CG1 CD1  sing N N 78  
ILE CG1 HG12 sing N N 79  
ILE CG1 HG13 sing N N 80  
ILE CG2 HG21 sing N N 81  
ILE CG2 HG22 sing N N 82  
ILE CG2 HG23 sing N N 83  
ILE CD1 HD11 sing N N 84  
ILE CD1 HD12 sing N N 85  
ILE CD1 HD13 sing N N 86  
ILE OXT HXT  sing N N 87  
LYS N   CA   sing N N 88  
LYS N   H    sing N N 89  
LYS N   H2   sing N N 90  
LYS CA  C    sing N N 91  
LYS CA  CB   sing N N 92  
LYS CA  HA   sing N N 93  
LYS C   O    doub N N 94  
LYS C   OXT  sing N N 95  
LYS CB  CG   sing N N 96  
LYS CB  HB2  sing N N 97  
LYS CB  HB3  sing N N 98  
LYS CG  CD   sing N N 99  
LYS CG  HG2  sing N N 100 
LYS CG  HG3  sing N N 101 
LYS CD  CE   sing N N 102 
LYS CD  HD2  sing N N 103 
LYS CD  HD3  sing N N 104 
LYS CE  NZ   sing N N 105 
LYS CE  HE2  sing N N 106 
LYS CE  HE3  sing N N 107 
LYS NZ  HZ1  sing N N 108 
LYS NZ  HZ2  sing N N 109 
LYS NZ  HZ3  sing N N 110 
LYS OXT HXT  sing N N 111 
NH2 N   HN1  sing N N 112 
NH2 N   HN2  sing N N 113 
POL O   C1   sing N N 114 
POL O   HO   sing N N 115 
POL C1  C2   sing N N 116 
POL C1  H11  sing N N 117 
POL C1  H12  sing N N 118 
POL C2  C3   sing N N 119 
POL C2  H21  sing N N 120 
POL C2  H22  sing N N 121 
POL C3  H31  sing N N 122 
POL C3  H32  sing N N 123 
POL C3  H33  sing N N 124 
TRP N   CA   sing N N 125 
TRP N   H    sing N N 126 
TRP N   H2   sing N N 127 
TRP CA  C    sing N N 128 
TRP CA  CB   sing N N 129 
TRP CA  HA   sing N N 130 
TRP C   O    doub N N 131 
TRP C   OXT  sing N N 132 
TRP CB  CG   sing N N 133 
TRP CB  HB2  sing N N 134 
TRP CB  HB3  sing N N 135 
TRP CG  CD1  doub Y N 136 
TRP CG  CD2  sing Y N 137 
TRP CD1 NE1  sing Y N 138 
TRP CD1 HD1  sing N N 139 
TRP CD2 CE2  doub Y N 140 
TRP CD2 CE3  sing Y N 141 
TRP NE1 CE2  sing Y N 142 
TRP NE1 HE1  sing N N 143 
TRP CE2 CZ2  sing Y N 144 
TRP CE3 CZ3  doub Y N 145 
TRP CE3 HE3  sing N N 146 
TRP CZ2 CH2  doub Y N 147 
TRP CZ2 HZ2  sing N N 148 
TRP CZ3 CH2  sing Y N 149 
TRP CZ3 HZ3  sing N N 150 
TRP CH2 HH2  sing N N 151 
TRP OXT HXT  sing N N 152 
# 
loop_
_pdbx_audit_support.funding_organization 
_pdbx_audit_support.country 
_pdbx_audit_support.grant_number 
_pdbx_audit_support.ordinal 
'European Research Council (ERC)'                                'United Kingdom' 340764       1 
'Engineering and Physical Sciences Research Council'             'United Kingdom' EP/G036764   2 
'Biotechnology and Biological Sciences Research Council (BBSRC)' 'United Kingdom' BB/R00661X/1 3 
# 
_atom_sites.entry_id                    7BAT 
_atom_sites.Cartn_transf_matrix[1][1]   ? 
_atom_sites.Cartn_transf_matrix[1][2]   ? 
_atom_sites.Cartn_transf_matrix[1][3]   ? 
_atom_sites.Cartn_transf_matrix[2][1]   ? 
_atom_sites.Cartn_transf_matrix[2][2]   ? 
_atom_sites.Cartn_transf_matrix[2][3]   ? 
_atom_sites.Cartn_transf_matrix[3][1]   ? 
_atom_sites.Cartn_transf_matrix[3][2]   ? 
_atom_sites.Cartn_transf_matrix[3][3]   ? 
_atom_sites.Cartn_transf_vector[1]      ? 
_atom_sites.Cartn_transf_vector[2]      ? 
_atom_sites.Cartn_transf_vector[3]      ? 
_atom_sites.fract_transf_matrix[1][1]   -0.02011367 
_atom_sites.fract_transf_matrix[1][2]   -0.00240754 
_atom_sites.fract_transf_matrix[1][3]   -0.01477156 
_atom_sites.fract_transf_matrix[2][1]   0.01337001 
_atom_sites.fract_transf_matrix[2][2]   0.00379641 
_atom_sites.fract_transf_matrix[2][3]   -0.01882401 
_atom_sites.fract_transf_matrix[3][1]   0.00136964 
_atom_sites.fract_transf_matrix[3][2]   -0.00778189 
_atom_sites.fract_transf_matrix[3][3]   -0.00059664 
_atom_sites.fract_transf_vector[1]      0.644453 
_atom_sites.fract_transf_vector[2]      0.505372 
_atom_sites.fract_transf_vector[3]      0.172657 
_atom_sites.solution_primary            ? 
_atom_sites.solution_secondary          ? 
_atom_sites.solution_hydrogens          ? 
_atom_sites.special_details             ? 
# 
loop_
_atom_type.symbol 
C 
N 
O 
# 
loop_
_atom_site.group_PDB 
_atom_site.id 
_atom_site.type_symbol 
_atom_site.label_atom_id 
_atom_site.label_alt_id 
_atom_site.label_comp_id 
_atom_site.label_asym_id 
_atom_site.label_entity_id 
_atom_site.label_seq_id 
_atom_site.pdbx_PDB_ins_code 
_atom_site.Cartn_x 
_atom_site.Cartn_y 
_atom_site.Cartn_z 
_atom_site.occupancy 
_atom_site.B_iso_or_equiv 
_atom_site.pdbx_formal_charge 
_atom_site.auth_seq_id 
_atom_site.auth_comp_id 
_atom_site.auth_asym_id 
_atom_site.auth_atom_id 
_atom_site.pdbx_PDB_model_num 
HETATM 1   C C   . ACE A 1 1  ? -4.945  20.081  -5.917  1.00 76.13 ? 0   ACE A C   1 
HETATM 2   O O   . ACE A 1 1  ? -4.917  20.148  -4.733  1.00 75.27 ? 0   ACE A O   1 
HETATM 3   C CH3 . ACE A 1 1  ? -6.288  19.906  -6.623  1.00 77.51 ? 0   ACE A CH3 1 
ATOM   4   N N   . GLY A 1 2  ? -3.869  20.152  -6.709  1.00 74.68 ? 1   GLY A N   1 
ATOM   5   C CA  . GLY A 1 2  ? -2.477  20.324  -6.167  1.00 72.44 ? 1   GLY A CA  1 
ATOM   6   C C   . GLY A 1 2  ? -1.616  19.102  -6.440  1.00 70.36 ? 1   GLY A C   1 
ATOM   7   O O   . GLY A 1 2  ? -2.184  17.996  -6.501  1.00 65.20 ? 1   GLY A O   1 
ATOM   8   N N   . GLU A 1 3  ? -0.301  19.295  -6.608  1.00 69.40 ? 2   GLU A N   1 
ATOM   9   C CA  . GLU A 1 3  ? 0.691   18.206  -6.820  1.00 69.51 ? 2   GLU A CA  1 
ATOM   10  C C   . GLU A 1 3  ? 0.720   17.305  -5.578  1.00 67.47 ? 2   GLU A C   1 
ATOM   11  O O   . GLU A 1 3  ? 0.757   16.069  -5.751  1.00 67.83 ? 2   GLU A O   1 
ATOM   12  C CB  . GLU A 1 3  ? 2.072   18.788  -7.127  1.00 70.63 ? 2   GLU A CB  1 
ATOM   13  N N   . ILE A 1 4  ? 0.680   17.907  -4.381  1.00 65.93 ? 3   ILE A N   1 
ATOM   14  C CA  . ILE A 1 4  ? 0.648   17.202  -3.063  1.00 63.35 ? 3   ILE A CA  1 
ATOM   15  C C   . ILE A 1 4  ? -0.657  16.405  -2.957  1.00 63.15 ? 3   ILE A C   1 
ATOM   16  O O   . ILE A 1 4  ? -0.589  15.204  -2.614  1.00 56.64 ? 3   ILE A O   1 
ATOM   17  C CB  . ILE A 1 4  ? 0.811   18.196  -1.892  1.00 64.60 ? 3   ILE A CB  1 
ATOM   18  C CG1 . ILE A 1 4  ? 2.234   18.756  -1.829  1.00 65.22 ? 3   ILE A CG1 1 
ATOM   19  C CG2 . ILE A 1 4  ? 0.397   17.563  -0.569  1.00 63.41 ? 3   ILE A CG2 1 
ATOM   20  C CD1 . ILE A 1 4  ? 2.439   19.790  -0.743  1.00 66.26 ? 3   ILE A CD1 1 
ATOM   21  N N   . ALA A 1 5  ? -1.799  17.047  -3.229  1.00 61.93 ? 4   ALA A N   1 
ATOM   22  C CA  . ALA A 1 5  ? -3.135  16.411  -3.213  1.00 60.38 ? 4   ALA A CA  1 
ATOM   23  C C   . ALA A 1 5  ? -3.129  15.188  -4.139  1.00 60.08 ? 4   ALA A C   1 
ATOM   24  O O   . ALA A 1 5  ? -3.608  14.121  -3.701  1.00 59.21 ? 4   ALA A O   1 
ATOM   25  C CB  . ALA A 1 5  ? -4.199  17.404  -3.606  1.00 65.24 ? 4   ALA A CB  1 
ATOM   26  N N   . GLN A 1 6  ? -2.588  15.333  -5.355  1.00 59.42 ? 5   GLN A N   1 
ATOM   27  C CA  . GLN A 1 6  ? -2.476  14.247  -6.366  1.00 59.23 ? 5   GLN A CA  1 
ATOM   28  C C   . GLN A 1 6  ? -1.592  13.120  -5.816  1.00 57.46 ? 5   GLN A C   1 
ATOM   29  O O   . GLN A 1 6  ? -1.997  11.946  -5.925  1.00 56.30 ? 5   GLN A O   1 
ATOM   30  C CB  . GLN A 1 6  ? -1.896  14.773  -7.682  1.00 61.71 ? 5   GLN A CB  1 
ATOM   31  C CG  . GLN A 1 6  ? -1.926  13.753  -8.812  1.00 64.32 ? 5   GLN A CG  1 
ATOM   32  N N   . GLY A 1 7  ? -0.420  13.463  -5.277  1.00 55.07 ? 6   GLY A N   1 
ATOM   33  C CA  . GLY A 1 7  ? 0.535   12.493  -4.714  1.00 53.84 ? 6   GLY A CA  1 
ATOM   34  C C   . GLY A 1 7  ? -0.098  11.677  -3.599  1.00 51.29 ? 6   GLY A C   1 
ATOM   35  O O   . GLY A 1 7  ? 0.040   10.439  -3.617  1.00 50.57 ? 6   GLY A O   1 
ATOM   36  N N   . ILE A 1 8  ? -0.796  12.342  -2.679  1.00 48.29 ? 7   ILE A N   1 
ATOM   37  C CA  . ILE A 1 8  ? -1.488  11.698  -1.527  1.00 49.43 ? 7   ILE A CA  1 
ATOM   38  C C   . ILE A 1 8  ? -2.558  10.742  -2.064  1.00 50.86 ? 7   ILE A C   1 
ATOM   39  O O   . ILE A 1 8  ? -2.653  9.618   -1.531  1.00 46.58 ? 7   ILE A O   1 
ATOM   40  C CB  . ILE A 1 8  ? -2.037  12.757  -0.551  1.00 49.60 ? 7   ILE A CB  1 
ATOM   41  C CG1 . ILE A 1 8  ? -0.877  13.472  0.158   1.00 51.83 ? 7   ILE A CG1 1 
ATOM   42  C CG2 . ILE A 1 8  ? -3.013  12.131  0.438   1.00 51.76 ? 7   ILE A CG2 1 
ATOM   43  C CD1 . ILE A 1 8  ? -1.281  14.606  1.066   1.00 53.70 ? 7   ILE A CD1 1 
ATOM   44  N N   . LYS A 1 9  ? -3.292  11.143  -3.109  1.00 48.99 ? 8   LYS A N   1 
ATOM   45  C CA  . LYS A 1 9  ? -4.333  10.293  -3.743  1.00 48.88 ? 8   LYS A CA  1 
ATOM   46  C C   . LYS A 1 9  ? -3.679  9.034   -4.320  1.00 47.03 ? 8   LYS A C   1 
ATOM   47  O O   . LYS A 1 9  ? -4.229  7.932   -4.100  1.00 48.77 ? 8   LYS A O   1 
ATOM   48  C CB  . LYS A 1 9  ? -5.097  11.064  -4.826  1.00 50.01 ? 8   LYS A CB  1 
ATOM   49  N N   . GLU A 1 10 ? -2.556  9.190   -5.022  1.00 47.32 ? 9   GLU A N   1 
ATOM   50  C CA  . GLU A 1 10 ? -1.809  8.072   -5.653  1.00 48.15 ? 9   GLU A CA  1 
ATOM   51  C C   . GLU A 1 10 ? -1.253  7.150   -4.553  1.00 45.57 ? 9   GLU A C   1 
ATOM   52  O O   . GLU A 1 10 ? -1.296  5.932   -4.746  1.00 45.02 ? 9   GLU A O   1 
ATOM   53  C CB  . GLU A 1 10 ? -0.710  8.608   -6.571  1.00 53.05 ? 9   GLU A CB  1 
ATOM   54  C CG  . GLU A 1 10 ? -1.254  9.281   -7.822  1.00 60.42 ? 9   GLU A CG  1 
ATOM   55  C CD  . GLU A 1 10 ? -0.203  9.798   -8.793  1.00 65.64 ? 9   GLU A CD  1 
ATOM   56  O OE1 . GLU A 1 10 ? 0.883   9.183   -8.876  1.00 68.19 ? 9   GLU A OE1 1 
ATOM   57  O OE2 . GLU A 1 10 ? -0.479  10.810  -9.478  1.00 72.53 ? 9   GLU A OE2 1 
ATOM   58  N N   . ILE A 1 11 ? -0.770  7.706   -3.443  1.00 43.55 ? 10  ILE A N   1 
ATOM   59  C CA  . ILE A 1 11 ? -0.256  6.906   -2.286  1.00 43.40 ? 10  ILE A CA  1 
ATOM   60  C C   . ILE A 1 11 ? -1.414  6.099   -1.697  1.00 41.47 ? 10  ILE A C   1 
ATOM   61  O O   . ILE A 1 11 ? -1.231  4.883   -1.502  1.00 40.18 ? 10  ILE A O   1 
ATOM   62  C CB  . ILE A 1 11 ? 0.433   7.789   -1.231  1.00 42.89 ? 10  ILE A CB  1 
ATOM   63  C CG1 . ILE A 1 11 ? 1.719   8.402   -1.791  1.00 44.46 ? 10  ILE A CG1 1 
ATOM   64  C CG2 . ILE A 1 11 ? 0.705   6.993   0.049   1.00 43.04 ? 10  ILE A CG2 1 
ATOM   65  C CD1 . ILE A 1 11 ? 2.257   9.559   -0.982  1.00 45.81 ? 10  ILE A CD1 1 
ATOM   66  N N   . ALA A 1 12 ? -2.561  6.742   -1.441  1.00 42.85 ? 11  ALA A N   1 
ATOM   67  C CA  . ALA A 1 12 ? -3.770  6.069   -0.915  1.00 45.95 ? 11  ALA A CA  1 
ATOM   68  C C   . ALA A 1 12 ? -4.115  4.884   -1.829  1.00 43.93 ? 11  ALA A C   1 
ATOM   69  O O   . ALA A 1 12 ? -4.310  3.780   -1.297  1.00 42.57 ? 11  ALA A O   1 
ATOM   70  C CB  . ALA A 1 12 ? -4.914  7.044   -0.781  1.00 49.96 ? 11  ALA A CB  1 
ATOM   71  N N   . LYS A 1 13 ? -4.132  5.086   -3.152  1.00 47.05 ? 12  LYS A N   1 
ATOM   72  C CA  . LYS A 1 13 ? -4.448  4.024   -4.154  1.00 48.30 ? 12  LYS A CA  1 
ATOM   73  C C   . LYS A 1 13 ? -3.447  2.862   -4.041  1.00 46.23 ? 12  LYS A C   1 
ATOM   74  O O   . LYS A 1 13 ? -3.883  1.688   -4.034  1.00 42.89 ? 12  LYS A O   1 
ATOM   75  C CB  . LYS A 1 13 ? -4.430  4.590   -5.577  1.00 50.86 ? 12  LYS A CB  1 
ATOM   76  C CG  . LYS A 1 13 ? -4.865  3.617   -6.667  1.00 55.19 ? 12  LYS A CG  1 
ATOM   77  N N   . GLY A 1 14 ? -2.149  3.163   -3.997  1.00 44.19 ? 13  GLY A N   1 
ATOM   78  C CA  . GLY A 1 14 ? -1.090  2.144   -3.898  1.00 42.05 ? 13  GLY A CA  1 
ATOM   79  C C   . GLY A 1 14 ? -1.177  1.382   -2.589  1.00 38.63 ? 13  GLY A C   1 
ATOM   80  O O   . GLY A 1 14 ? -0.999  0.154   -2.615  1.00 40.36 ? 13  GLY A O   1 
ATOM   81  N N   . ILE A 1 15 ? -1.466  2.070   -1.488  1.00 39.17 ? 14  ILE A N   1 
ATOM   82  C CA  . ILE A 1 15 ? -1.600  1.440   -0.136  1.00 39.06 ? 14  ILE A CA  1 
ATOM   83  C C   . ILE A 1 15 ? -2.791  0.472   -0.146  1.00 40.08 ? 14  ILE A C   1 
ATOM   84  O O   . ILE A 1 15 ? -2.664  -0.636  0.395   1.00 35.27 ? 14  ILE A O   1 
ATOM   85  C CB  . ILE A 1 15 ? -1.706  2.514   0.962   1.00 40.22 ? 14  ILE A CB  1 
ATOM   86  C CG1 . ILE A 1 15 ? -0.354  3.191   1.206   1.00 41.01 ? 14  ILE A CG1 1 
ATOM   87  C CG2 . ILE A 1 15 ? -2.287  1.941   2.258   1.00 39.98 ? 14  ILE A CG2 1 
ATOM   88  C CD1 . ILE A 1 15 ? 0.672   2.295   1.851   1.00 44.74 ? 14  ILE A CD1 1 
ATOM   89  N N   . LYS A 1 16 ? -3.903  0.848   -0.785  1.00 41.34 ? 15  LYS A N   1 
ATOM   90  C CA  . LYS A 1 16 ? -5.084  -0.045  -0.930  1.00 43.80 ? 15  LYS A CA  1 
ATOM   91  C C   . LYS A 1 16 ? -4.659  -1.312  -1.687  1.00 41.01 ? 15  LYS A C   1 
ATOM   92  O O   . LYS A 1 16 ? -5.040  -2.425  -1.267  1.00 43.16 ? 15  LYS A O   1 
ATOM   93  C CB  . LYS A 1 16 ? -6.222  0.707   -1.624  1.00 45.83 ? 15  LYS A CB  1 
ATOM   94  C CG  . LYS A 1 16 ? -6.744  1.905   -0.852  1.00 51.14 ? 15  LYS A CG  1 
ATOM   95  N N   . GLU A 1 17 ? -3.865  -1.162  -2.746  1.00 39.52 ? 16  GLU A N   1 
ATOM   96  C CA  . GLU A 1 17 ? -3.363  -2.293  -3.563  1.00 40.07 ? 16  GLU A CA  1 
ATOM   97  C C   . GLU A 1 17 ? -2.409  -3.156  -2.729  1.00 37.57 ? 16  GLU A C   1 
ATOM   98  O O   . GLU A 1 17 ? -2.487  -4.384  -2.830  1.00 37.78 ? 16  GLU A O   1 
ATOM   99  C CB  . GLU A 1 17 ? -2.689  -1.785  -4.838  1.00 43.73 ? 16  GLU A CB  1 
ATOM   100 C CG  . GLU A 1 17 ? -3.689  -1.274  -5.858  1.00 52.02 ? 16  GLU A CG  1 
ATOM   101 C CD  . GLU A 1 17 ? -3.064  -0.702  -7.114  1.00 58.07 ? 16  GLU A CD  1 
ATOM   102 O OE1 . GLU A 1 17 ? -1.979  -1.187  -7.506  1.00 64.58 ? 16  GLU A OE1 1 
ATOM   103 O OE2 . GLU A 1 17 ? -3.664  0.230   -7.689  1.00 71.42 ? 16  GLU A OE2 1 
ATOM   104 N N   . ILE A 1 18 ? -1.526  -2.542  -1.944  1.00 36.61 ? 17  ILE A N   1 
ATOM   105 C CA  . ILE A 1 18 ? -0.597  -3.293  -1.046  1.00 34.57 ? 17  ILE A CA  1 
ATOM   106 C C   . ILE A 1 18 ? -1.420  -4.084  -0.023  1.00 34.23 ? 17  ILE A C   1 
ATOM   107 O O   . ILE A 1 18 ? -1.114  -5.270  0.186   1.00 33.82 ? 17  ILE A O   1 
ATOM   108 C CB  . ILE A 1 18 ? 0.428   -2.357  -0.387  1.00 34.00 ? 17  ILE A CB  1 
ATOM   109 C CG1 . ILE A 1 18 ? 1.348   -1.745  -1.447  1.00 35.08 ? 17  ILE A CG1 1 
ATOM   110 C CG2 . ILE A 1 18 ? 1.233   -3.110  0.659   1.00 34.28 ? 17  ILE A CG2 1 
ATOM   111 C CD1 . ILE A 1 18 ? 2.156   -0.566  -0.959  1.00 34.27 ? 17  ILE A CD1 1 
ATOM   112 N N   . ALA A 1 19 ? -2.440  -3.466  0.566   1.00 35.59 ? 18  ALA A N   1 
ATOM   113 C CA  . ALA A 1 19 ? -3.307  -4.122  1.570   1.00 37.58 ? 18  ALA A CA  1 
ATOM   114 C C   . ALA A 1 19 ? -3.937  -5.379  0.946   1.00 38.20 ? 18  ALA A C   1 
ATOM   115 O O   . ALA A 1 19 ? -3.870  -6.459  1.576   1.00 38.06 ? 18  ALA A O   1 
ATOM   116 C CB  . ALA A 1 19 ? -4.326  -3.151  2.085   1.00 39.37 ? 18  ALA A CB  1 
ATOM   117 N N   . TRP A 1 20 ? -4.474  -5.267  -0.270  1.00 40.62 ? 19  TRP A N   1 
ATOM   118 C CA  . TRP A 1 20 ? -5.066  -6.414  -1.000  1.00 42.40 ? 19  TRP A CA  1 
ATOM   119 C C   . TRP A 1 20 ? -4.029  -7.527  -1.205  1.00 40.55 ? 19  TRP A C   1 
ATOM   120 O O   . TRP A 1 20 ? -4.326  -8.694  -0.867  1.00 41.11 ? 19  TRP A O   1 
ATOM   121 C CB  . TRP A 1 20 ? -5.674  -5.951  -2.328  1.00 46.84 ? 19  TRP A CB  1 
ATOM   122 C CG  . TRP A 1 20 ? -6.214  -7.075  -3.152  1.00 50.73 ? 19  TRP A CG  1 
ATOM   123 C CD1 . TRP A 1 20 ? -7.462  -7.624  -3.080  1.00 54.51 ? 19  TRP A CD1 1 
ATOM   124 C CD2 . TRP A 1 20 ? -5.524  -7.780  -4.194  1.00 53.69 ? 19  TRP A CD2 1 
ATOM   125 N NE1 . TRP A 1 20 ? -7.592  -8.626  -4.003  1.00 54.70 ? 19  TRP A NE1 1 
ATOM   126 C CE2 . TRP A 1 20 ? -6.421  -8.742  -4.705  1.00 56.81 ? 19  TRP A CE2 1 
ATOM   127 C CE3 . TRP A 1 20 ? -4.243  -7.687  -4.752  1.00 57.07 ? 19  TRP A CE3 1 
ATOM   128 C CZ2 . TRP A 1 20 ? -6.062  -9.623  -5.724  1.00 58.77 ? 19  TRP A CZ2 1 
ATOM   129 C CZ3 . TRP A 1 20 ? -3.889  -8.555  -5.760  1.00 58.30 ? 19  TRP A CZ3 1 
ATOM   130 C CH2 . TRP A 1 20 ? -4.791  -9.505  -6.243  1.00 61.36 ? 19  TRP A CH2 1 
ATOM   131 N N   . GLY A 1 21 ? -2.848  -7.192  -1.730  1.00 40.77 ? 20  GLY A N   1 
ATOM   132 C CA  . GLY A 1 21 ? -1.784  -8.169  -2.026  1.00 39.26 ? 20  GLY A CA  1 
ATOM   133 C C   . GLY A 1 21 ? -1.292  -8.869  -0.770  1.00 35.49 ? 20  GLY A C   1 
ATOM   134 O O   . GLY A 1 21 ? -1.060  -10.096 -0.815  1.00 35.16 ? 20  GLY A O   1 
ATOM   135 N N   . ILE A 1 22 ? -1.174  -8.140  0.330   1.00 35.27 ? 21  ILE A N   1 
ATOM   136 C CA  . ILE A 1 22 ? -0.691  -8.701  1.629   1.00 37.25 ? 21  ILE A CA  1 
ATOM   137 C C   . ILE A 1 22 ? -1.719  -9.730  2.118   1.00 36.88 ? 21  ILE A C   1 
ATOM   138 O O   . ILE A 1 22 ? -1.310  -10.826 2.528   1.00 35.54 ? 21  ILE A O   1 
ATOM   139 C CB  . ILE A 1 22 ? -0.418  -7.573  2.648   1.00 36.71 ? 21  ILE A CB  1 
ATOM   140 C CG1 . ILE A 1 22 ? 0.853   -6.799  2.277   1.00 38.02 ? 21  ILE A CG1 1 
ATOM   141 C CG2 . ILE A 1 22 ? -0.338  -8.109  4.068   1.00 38.51 ? 21  ILE A CG2 1 
ATOM   142 C CD1 . ILE A 1 22 ? 2.093   -7.627  2.278   1.00 38.97 ? 21  ILE A CD1 1 
ATOM   143 N N   . LYS A 1 23 ? -3.005  -9.412  1.992   1.00 38.45 ? 22  LYS A N   1 
ATOM   144 C CA  . LYS A 1 23 ? -4.110  -10.326 2.383   1.00 42.15 ? 22  LYS A CA  1 
ATOM   145 C C   . LYS A 1 23 ? -4.063  -11.584 1.513   1.00 40.69 ? 22  LYS A C   1 
ATOM   146 O O   . LYS A 1 23 ? -4.230  -12.673 2.075   1.00 43.65 ? 22  LYS A O   1 
ATOM   147 C CB  . LYS A 1 23 ? -5.438  -9.567  2.344   1.00 44.13 ? 22  LYS A CB  1 
ATOM   148 C CG  . LYS A 1 23 ? -5.691  -8.764  3.619   1.00 49.74 ? 22  LYS A CG  1 
ATOM   149 C CD  . LYS A 1 23 ? -6.858  -7.794  3.551   1.00 53.33 ? 22  LYS A CD  1 
ATOM   150 C CE  . LYS A 1 23 ? -7.171  -7.165  4.895   1.00 56.67 ? 22  LYS A CE  1 
ATOM   151 N NZ  . LYS A 1 23 ? -8.525  -6.565  4.923   1.00 59.86 ? 22  LYS A NZ  1 
ATOM   152 N N   . GLU A 1 24 ? -3.792  -11.440 0.209   1.00 42.03 ? 23  GLU A N   1 
ATOM   153 C CA  . GLU A 1 24 ? -3.636  -12.569 -0.751  1.00 42.46 ? 23  GLU A CA  1 
ATOM   154 C C   . GLU A 1 24 ? -2.488  -13.472 -0.292  1.00 40.70 ? 23  GLU A C   1 
ATOM   155 O O   . GLU A 1 24 ? -2.678  -14.715 -0.263  1.00 43.13 ? 23  GLU A O   1 
ATOM   156 C CB  . GLU A 1 24 ? -3.367  -12.077 -2.179  1.00 45.10 ? 23  GLU A CB  1 
ATOM   157 C CG  . GLU A 1 24 ? -4.554  -11.430 -2.844  1.00 50.32 ? 23  GLU A CG  1 
ATOM   158 C CD  . GLU A 1 24 ? -5.706  -12.368 -3.132  1.00 51.83 ? 23  GLU A CD  1 
ATOM   159 O OE1 . GLU A 1 24 ? -5.461  -13.395 -3.789  1.00 55.85 ? 23  GLU A OE1 1 
ATOM   160 O OE2 . GLU A 1 24 ? -6.844  -12.045 -2.730  1.00 58.11 ? 23  GLU A OE2 1 
ATOM   161 N N   . ILE A 1 25 ? -1.349  -12.870 0.066   1.00 38.11 ? 24  ILE A N   1 
ATOM   162 C CA  . ILE A 1 25 ? -0.152  -13.609 0.561   1.00 37.18 ? 24  ILE A CA  1 
ATOM   163 C C   . ILE A 1 25 ? -0.536  -14.344 1.851   1.00 35.25 ? 24  ILE A C   1 
ATOM   164 O O   . ILE A 1 25 ? -0.240  -15.547 1.955   1.00 40.91 ? 24  ILE A O   1 
ATOM   165 C CB  . ILE A 1 25 ? 1.051   -12.664 0.755   1.00 37.08 ? 24  ILE A CB  1 
ATOM   166 C CG1 . ILE A 1 25 ? 1.560   -12.116 -0.587  1.00 37.16 ? 24  ILE A CG1 1 
ATOM   167 C CG2 . ILE A 1 25 ? 2.162   -13.355 1.533   1.00 37.22 ? 24  ILE A CG2 1 
ATOM   168 C CD1 . ILE A 1 25 ? 2.532   -10.972 -0.441  1.00 38.23 ? 24  ILE A CD1 1 
ATOM   169 N N   . ALA A 1 26 ? -1.150  -13.642 2.799   1.00 38.06 ? 25  ALA A N   1 
ATOM   170 C CA  . ALA A 1 26 ? -1.548  -14.182 4.124   1.00 40.45 ? 25  ALA A CA  1 
ATOM   171 C C   . ALA A 1 26 ? -2.468  -15.392 3.938   1.00 44.90 ? 25  ALA A C   1 
ATOM   172 O O   . ALA A 1 26 ? -2.249  -16.426 4.613   1.00 47.48 ? 25  ALA A O   1 
ATOM   173 C CB  . ALA A 1 26 ? -2.216  -13.110 4.946   1.00 40.89 ? 25  ALA A CB  1 
ATOM   174 N N   . GLN A 1 27 ? -3.445  -15.284 3.040   1.00 47.02 ? 26  GLN A N   1 
ATOM   175 C CA  . GLN A 1 27 ? -4.413  -16.380 2.766   1.00 52.02 ? 26  GLN A CA  1 
ATOM   176 C C   . GLN A 1 27 ? -3.672  -17.504 2.033   1.00 56.42 ? 26  GLN A C   1 
ATOM   177 O O   . GLN A 1 27 ? -3.884  -18.682 2.404   1.00 62.01 ? 26  GLN A O   1 
ATOM   178 C CB  . GLN A 1 27 ? -5.611  -15.864 1.970   1.00 50.20 ? 26  GLN A CB  1 
ATOM   179 C CG  . GLN A 1 27 ? -6.732  -16.889 1.838   1.00 54.58 ? 26  GLN A CG  1 
ATOM   180 C CD  . GLN A 1 27 ? -7.824  -16.445 0.899   1.00 53.67 ? 26  GLN A CD  1 
ATOM   181 O OE1 . GLN A 1 27 ? -7.741  -15.393 0.265   1.00 50.91 ? 26  GLN A OE1 1 
ATOM   182 N NE2 . GLN A 1 27 ? -8.867  -17.257 0.815   1.00 58.11 ? 26  GLN A NE2 1 
ATOM   183 N N   . GLY A 1 28 ? -2.823  -17.144 1.065   1.00 58.89 ? 27  GLY A N   1 
ATOM   184 C CA  . GLY A 1 28 ? -2.050  -18.086 0.234   1.00 60.79 ? 27  GLY A CA  1 
ATOM   185 C C   . GLY A 1 28 ? -1.064  -18.905 1.046   1.00 64.69 ? 27  GLY A C   1 
ATOM   186 O O   . GLY A 1 28 ? -0.743  -20.026 0.606   1.00 68.95 ? 27  GLY A O   1 
ATOM   187 N N   . ILE A 1 29 ? -0.585  -18.365 2.171   1.00 65.36 ? 28  ILE A N   1 
ATOM   188 C CA  . ILE A 1 29 ? 0.328   -19.068 3.122   1.00 67.60 ? 28  ILE A CA  1 
ATOM   189 C C   . ILE A 1 29 ? -0.491  -20.081 3.938   1.00 72.48 ? 28  ILE A C   1 
ATOM   190 O O   . ILE A 1 29 ? 0.092   -21.091 4.375   1.00 74.44 ? 28  ILE A O   1 
ATOM   191 C CB  . ILE A 1 29 ? 1.095   -18.044 3.989   1.00 64.82 ? 28  ILE A CB  1 
ATOM   192 C CG1 . ILE A 1 29 ? 2.195   -17.363 3.168   1.00 63.56 ? 28  ILE A CG1 1 
ATOM   193 C CG2 . ILE A 1 29 ? 1.656   -18.673 5.258   1.00 67.22 ? 28  ILE A CG2 1 
ATOM   194 C CD1 . ILE A 1 29 ? 2.880   -16.218 3.874   1.00 62.84 ? 28  ILE A CD1 1 
ATOM   195 N N   . LYS A 1 30 ? -1.784  -19.819 4.147   1.00 76.01 ? 29  LYS A N   1 
ATOM   196 C CA  . LYS A 1 30 ? -2.710  -20.708 4.902   1.00 79.42 ? 29  LYS A CA  1 
ATOM   197 C C   . LYS A 1 30 ? -3.339  -21.723 3.941   1.00 81.72 ? 29  LYS A C   1 
ATOM   198 O O   . LYS A 1 30 ? -3.686  -22.832 4.350   1.00 87.06 ? 29  LYS A O   1 
ATOM   199 C CB  . LYS A 1 30 ? -3.785  -19.873 5.600   1.00 80.68 ? 29  LYS A CB  1 
ATOM   200 C CG  . LYS A 1 30 ? -3.262  -18.882 6.628   1.00 80.25 ? 29  LYS A CG  1 
ATOM   201 C CD  . LYS A 1 30 ? -4.350  -18.023 7.228   1.00 83.38 ? 29  LYS A CD  1 
ATOM   202 C CE  . LYS A 1 30 ? -3.826  -16.927 8.131   1.00 84.49 ? 29  LYS A CE  1 
ATOM   203 N NZ  . LYS A 1 30 ? -2.875  -17.434 9.148   1.00 86.57 ? 29  LYS A NZ  1 
ATOM   204 N N   . GLY B 1 2  ? 8.135   22.196  -4.855  1.00 69.31 ? 1   GLY B N   1 
ATOM   205 C CA  . GLY B 1 2  ? 8.644   22.193  -3.450  1.00 69.70 ? 1   GLY B CA  1 
ATOM   206 C C   . GLY B 1 2  ? 9.377   20.906  -3.109  1.00 69.85 ? 1   GLY B C   1 
ATOM   207 O O   . GLY B 1 2  ? 9.190   19.905  -3.829  1.00 68.13 ? 1   GLY B O   1 
ATOM   208 N N   . GLU B 1 3  ? 10.182  20.927  -2.042  1.00 69.56 ? 2   GLU B N   1 
ATOM   209 C CA  . GLU B 1 3  ? 10.916  19.744  -1.509  1.00 69.48 ? 2   GLU B CA  1 
ATOM   210 C C   . GLU B 1 3  ? 9.896   18.697  -1.036  1.00 67.48 ? 2   GLU B C   1 
ATOM   211 O O   . GLU B 1 3  ? 10.104  17.502  -1.315  1.00 64.62 ? 2   GLU B O   1 
ATOM   212 C CB  . GLU B 1 3  ? 11.865  20.156  -0.381  1.00 69.19 ? 2   GLU B CB  1 
ATOM   213 N N   . ILE B 1 4  ? 8.829   19.144  -0.363  1.00 67.42 ? 3   ILE B N   1 
ATOM   214 C CA  . ILE B 1 4  ? 7.700   18.296  0.130   1.00 65.32 ? 3   ILE B CA  1 
ATOM   215 C C   . ILE B 1 4  ? 6.962   17.698  -1.074  1.00 64.73 ? 3   ILE B C   1 
ATOM   216 O O   . ILE B 1 4  ? 6.734   16.475  -1.073  1.00 59.08 ? 3   ILE B O   1 
ATOM   217 C CB  . ILE B 1 4  ? 6.761   19.106  1.049   1.00 65.84 ? 3   ILE B CB  1 
ATOM   218 C CG1 . ILE B 1 4  ? 7.430   19.405  2.394   1.00 67.31 ? 3   ILE B CG1 1 
ATOM   219 C CG2 . ILE B 1 4  ? 5.421   18.407  1.229   1.00 64.90 ? 3   ILE B CG2 1 
ATOM   220 C CD1 . ILE B 1 4  ? 6.604   20.271  3.316   1.00 70.17 ? 3   ILE B CD1 1 
ATOM   221 N N   . ALA B 1 5  ? 6.599   18.524  -2.058  1.00 62.61 ? 4   ALA B N   1 
ATOM   222 C CA  . ALA B 1 5  ? 5.937   18.098  -3.313  1.00 62.20 ? 4   ALA B CA  1 
ATOM   223 C C   . ALA B 1 5  ? 6.770   16.999  -3.985  1.00 60.84 ? 4   ALA B C   1 
ATOM   224 O O   . ALA B 1 5  ? 6.184   15.965  -4.374  1.00 60.19 ? 4   ALA B O   1 
ATOM   225 N N   . GLN B 1 6  ? 8.087   17.209  -4.097  1.00 58.54 ? 5   GLN B N   1 
ATOM   226 C CA  . GLN B 1 6  ? 9.049   16.242  -4.698  1.00 58.85 ? 5   GLN B CA  1 
ATOM   227 C C   . GLN B 1 6  ? 9.054   14.945  -3.879  1.00 55.09 ? 5   GLN B C   1 
ATOM   228 O O   . GLN B 1 6  ? 8.972   13.864  -4.490  1.00 51.80 ? 5   GLN B O   1 
ATOM   229 C CB  . GLN B 1 6  ? 10.459  16.836  -4.764  1.00 59.51 ? 5   GLN B CB  1 
ATOM   230 N N   . GLY B 1 7  ? 9.175   15.052  -2.553  1.00 53.56 ? 6   GLY B N   1 
ATOM   231 C CA  . GLY B 1 7  ? 9.194   13.897  -1.634  1.00 51.63 ? 6   GLY B CA  1 
ATOM   232 C C   . GLY B 1 7  ? 7.936   13.053  -1.775  1.00 47.33 ? 6   GLY B C   1 
ATOM   233 O O   . GLY B 1 7  ? 8.063   11.818  -1.900  1.00 47.78 ? 6   GLY B O   1 
ATOM   234 N N   . ILE B 1 8  ? 6.769   13.695  -1.789  1.00 47.10 ? 7   ILE B N   1 
ATOM   235 C CA  . ILE B 1 8  ? 5.440   13.030  -1.939  1.00 48.83 ? 7   ILE B CA  1 
ATOM   236 C C   . ILE B 1 8  ? 5.400   12.300  -3.286  1.00 49.54 ? 7   ILE B C   1 
ATOM   237 O O   . ILE B 1 8  ? 4.926   11.146  -3.315  1.00 45.09 ? 7   ILE B O   1 
ATOM   238 C CB  . ILE B 1 8  ? 4.289   14.047  -1.770  1.00 51.26 ? 7   ILE B CB  1 
ATOM   239 C CG1 . ILE B 1 8  ? 4.202   14.566  -0.333  1.00 54.18 ? 7   ILE B CG1 1 
ATOM   240 C CG2 . ILE B 1 8  ? 2.960   13.467  -2.238  1.00 51.78 ? 7   ILE B CG2 1 
ATOM   241 C CD1 . ILE B 1 8  ? 3.949   13.491  0.697   1.00 56.81 ? 7   ILE B CD1 1 
ATOM   242 N N   . LYS B 1 9  ? 5.919   12.920  -4.352  1.00 49.26 ? 8   LYS B N   1 
ATOM   243 C CA  . LYS B 1 9  ? 5.961   12.310  -5.706  1.00 48.79 ? 8   LYS B CA  1 
ATOM   244 C C   . LYS B 1 9  ? 6.839   11.052  -5.670  1.00 46.07 ? 8   LYS B C   1 
ATOM   245 O O   . LYS B 1 9  ? 6.421   10.029  -6.238  1.00 46.93 ? 8   LYS B O   1 
ATOM   246 C CB  . LYS B 1 9  ? 6.474   13.311  -6.748  1.00 50.66 ? 8   LYS B CB  1 
ATOM   247 C CG  . LYS B 1 9  ? 6.494   12.787  -8.179  1.00 53.19 ? 8   LYS B CG  1 
ATOM   248 N N   . GLU B 1 10 ? 8.002   11.127  -5.022  1.00 42.50 ? 9   GLU B N   1 
ATOM   249 C CA  . GLU B 1 10 ? 8.965   10.003  -4.915  1.00 42.43 ? 9   GLU B CA  1 
ATOM   250 C C   . GLU B 1 10 ? 8.338   8.886   -4.065  1.00 42.49 ? 9   GLU B C   1 
ATOM   251 O O   . GLU B 1 10 ? 8.518   7.713   -4.430  1.00 42.30 ? 9   GLU B O   1 
ATOM   252 C CB  . GLU B 1 10 ? 10.297  10.481  -4.342  1.00 45.49 ? 9   GLU B CB  1 
ATOM   253 C CG  . GLU B 1 10 ? 11.066  11.394  -5.284  1.00 50.76 ? 9   GLU B CG  1 
ATOM   254 N N   . ILE B 1 11 ? 7.598   9.230   -3.004  1.00 40.71 ? 10  ILE B N   1 
ATOM   255 C CA  . ILE B 1 11 ? 6.882   8.228   -2.154  1.00 40.46 ? 10  ILE B CA  1 
ATOM   256 C C   . ILE B 1 11 ? 5.824   7.532   -3.016  1.00 39.34 ? 10  ILE B C   1 
ATOM   257 O O   . ILE B 1 11 ? 5.801   6.289   -2.996  1.00 37.53 ? 10  ILE B O   1 
ATOM   258 C CB  . ILE B 1 11 ? 6.282   8.865   -0.886  1.00 39.63 ? 10  ILE B CB  1 
ATOM   259 C CG1 . ILE B 1 11 ? 7.390   9.346   0.059   1.00 40.63 ? 10  ILE B CG1 1 
ATOM   260 C CG2 . ILE B 1 11 ? 5.349   7.893   -0.184  1.00 39.66 ? 10  ILE B CG2 1 
ATOM   261 C CD1 . ILE B 1 11 ? 6.918   10.302  1.124   1.00 43.17 ? 10  ILE B CD1 1 
ATOM   262 N N   . ALA B 1 12 ? 5.004   8.297   -3.741  1.00 40.09 ? 11  ALA B N   1 
ATOM   263 C CA  . ALA B 1 12 ? 3.967   7.753   -4.648  1.00 42.80 ? 11  ALA B CA  1 
ATOM   264 C C   . ALA B 1 12 ? 4.614   6.750   -5.608  1.00 43.40 ? 11  ALA B C   1 
ATOM   265 O O   . ALA B 1 12 ? 4.085   5.632   -5.714  1.00 43.49 ? 11  ALA B O   1 
ATOM   266 C CB  . ALA B 1 12 ? 3.238   8.856   -5.375  1.00 46.05 ? 11  ALA B CB  1 
ATOM   267 N N   . LYS B 1 13 ? 5.739   7.105   -6.239  1.00 46.06 ? 12  LYS B N   1 
ATOM   268 C CA  . LYS B 1 13 ? 6.479   6.232   -7.195  1.00 47.14 ? 12  LYS B CA  1 
ATOM   269 C C   . LYS B 1 13 ? 6.915   4.929   -6.509  1.00 43.23 ? 12  LYS B C   1 
ATOM   270 O O   . LYS B 1 13 ? 6.712   3.839   -7.104  1.00 40.37 ? 12  LYS B O   1 
ATOM   271 C CB  . LYS B 1 13 ? 7.700   6.959   -7.766  1.00 49.84 ? 12  LYS B CB  1 
ATOM   272 C CG  . LYS B 1 13 ? 8.460   6.205   -8.851  1.00 52.00 ? 12  LYS B CG  1 
ATOM   273 C CD  . LYS B 1 13 ? 9.640   6.977   -9.418  1.00 54.63 ? 12  LYS B CD  1 
ATOM   274 N N   . GLY B 1 14 ? 7.529   5.026   -5.328  1.00 40.94 ? 13  GLY B N   1 
ATOM   275 C CA  . GLY B 1 14 ? 8.008   3.856   -4.572  1.00 39.43 ? 13  GLY B CA  1 
ATOM   276 C C   . GLY B 1 14 ? 6.852   2.968   -4.142  1.00 37.65 ? 13  GLY B C   1 
ATOM   277 O O   . GLY B 1 14 ? 6.994   1.735   -4.229  1.00 37.00 ? 13  GLY B O   1 
ATOM   278 N N   . ILE B 1 15 ? 5.734   3.561   -3.730  1.00 35.18 ? 14  ILE B N   1 
ATOM   279 C CA  . ILE B 1 15 ? 4.528   2.809   -3.258  1.00 36.43 ? 14  ILE B CA  1 
ATOM   280 C C   . ILE B 1 15 ? 3.944   2.030   -4.447  1.00 36.98 ? 14  ILE B C   1 
ATOM   281 O O   . ILE B 1 15 ? 3.598   0.861   -4.255  1.00 32.91 ? 14  ILE B O   1 
ATOM   282 C CB  . ILE B 1 15 ? 3.517   3.756   -2.592  1.00 38.22 ? 14  ILE B CB  1 
ATOM   283 C CG1 . ILE B 1 15 ? 3.996   4.183   -1.202  1.00 39.59 ? 14  ILE B CG1 1 
ATOM   284 C CG2 . ILE B 1 15 ? 2.116   3.154   -2.533  1.00 38.89 ? 14  ILE B CG2 1 
ATOM   285 C CD1 . ILE B 1 15 ? 4.009   3.084   -0.177  1.00 42.77 ? 14  ILE B CD1 1 
ATOM   286 N N   . LYS B 1 16 ? 3.915   2.636   -5.636  1.00 40.02 ? 15  LYS B N   1 
ATOM   287 C CA  . LYS B 1 16 ? 3.467   1.956   -6.884  1.00 44.54 ? 15  LYS B CA  1 
ATOM   288 C C   . LYS B 1 16 ? 4.368   0.742   -7.135  1.00 42.20 ? 15  LYS B C   1 
ATOM   289 O O   . LYS B 1 16 ? 3.845   -0.327  -7.468  1.00 42.20 ? 15  LYS B O   1 
ATOM   290 C CB  . LYS B 1 16 ? 3.461   2.948   -8.058  1.00 48.40 ? 15  LYS B CB  1 
ATOM   291 C CG  . LYS B 1 16 ? 2.118   3.614   -8.335  1.00 54.87 ? 15  LYS B CG  1 
ATOM   292 C CD  . LYS B 1 16 ? 2.187   4.804   -9.280  1.00 59.85 ? 15  LYS B CD  1 
ATOM   293 C CE  . LYS B 1 16 ? 1.953   6.131   -8.584  1.00 62.16 ? 15  LYS B CE  1 
ATOM   294 N NZ  . LYS B 1 16 ? 2.688   7.238   -9.246  1.00 66.68 ? 15  LYS B NZ  1 
ATOM   295 N N   . GLU B 1 17 ? 5.680   0.897   -6.969  1.00 40.90 ? 16  GLU B N   1 
ATOM   296 C CA  . GLU B 1 17 ? 6.662   -0.197  -7.170  1.00 41.12 ? 16  GLU B CA  1 
ATOM   297 C C   . GLU B 1 17 ? 6.451   -1.288  -6.114  1.00 37.85 ? 16  GLU B C   1 
ATOM   298 O O   . GLU B 1 17 ? 6.512   -2.473  -6.482  1.00 40.44 ? 16  GLU B O   1 
ATOM   299 C CB  . GLU B 1 17 ? 8.090   0.333   -7.129  1.00 44.26 ? 16  GLU B CB  1 
ATOM   300 C CG  . GLU B 1 17 ? 8.457   1.146   -8.359  1.00 48.87 ? 16  GLU B CG  1 
ATOM   301 C CD  . GLU B 1 17 ? 9.864   1.704   -8.317  1.00 53.72 ? 16  GLU B CD  1 
ATOM   302 O OE1 . GLU B 1 17 ? 10.742  0.992   -7.800  1.00 60.18 ? 16  GLU B OE1 1 
ATOM   303 O OE2 . GLU B 1 17 ? 10.080  2.842   -8.813  1.00 58.85 ? 16  GLU B OE2 1 
ATOM   304 N N   . ILE B 1 18 ? 6.239   -0.917  -4.850  1.00 34.94 ? 17  ILE B N   1 
ATOM   305 C CA  . ILE B 1 18 ? 5.956   -1.906  -3.763  1.00 33.97 ? 17  ILE B CA  1 
ATOM   306 C C   . ILE B 1 18 ? 4.667   -2.668  -4.111  1.00 31.74 ? 17  ILE B C   1 
ATOM   307 O O   . ILE B 1 18 ? 4.655   -3.909  -3.979  1.00 32.68 ? 17  ILE B O   1 
ATOM   308 C CB  . ILE B 1 18 ? 5.898   -1.219  -2.387  1.00 34.05 ? 17  ILE B CB  1 
ATOM   309 C CG1 . ILE B 1 18 ? 7.282   -0.657  -2.035  1.00 35.31 ? 17  ILE B CG1 1 
ATOM   310 C CG2 . ILE B 1 18 ? 5.381   -2.178  -1.320  1.00 33.80 ? 17  ILE B CG2 1 
ATOM   311 C CD1 . ILE B 1 18 ? 7.284   0.335   -0.902  1.00 35.29 ? 17  ILE B CD1 1 
ATOM   312 N N   . ALA B 1 19 ? 3.628   -1.963  -4.535  1.00 33.61 ? 18  ALA B N   1 
ATOM   313 C CA  . ALA B 1 19 ? 2.323   -2.573  -4.889  1.00 35.69 ? 18  ALA B CA  1 
ATOM   314 C C   . ALA B 1 19 ? 2.545   -3.615  -5.996  1.00 36.50 ? 18  ALA B C   1 
ATOM   315 O O   . ALA B 1 19 ? 2.042   -4.741  -5.852  1.00 36.83 ? 18  ALA B O   1 
ATOM   316 C CB  . ALA B 1 19 ? 1.342   -1.510  -5.295  1.00 38.17 ? 18  ALA B CB  1 
ATOM   317 N N   . TRP B 1 20 ? 3.320   -3.279  -7.031  1.00 37.28 ? 19  TRP B N   1 
ATOM   318 C CA  . TRP B 1 20 ? 3.644   -4.214  -8.143  1.00 39.60 ? 19  TRP B CA  1 
ATOM   319 C C   . TRP B 1 20 ? 4.351   -5.456  -7.603  1.00 37.77 ? 19  TRP B C   1 
ATOM   320 O O   . TRP B 1 20 ? 3.918   -6.584  -7.935  1.00 37.89 ? 19  TRP B O   1 
ATOM   321 C CB  . TRP B 1 20 ? 4.474   -3.538  -9.243  1.00 43.32 ? 19  TRP B CB  1 
ATOM   322 C CG  . TRP B 1 20 ? 4.788   -4.522  -10.324 1.00 44.98 ? 19  TRP B CG  1 
ATOM   323 C CD1 . TRP B 1 20 ? 5.959   -5.192  -10.506 1.00 48.17 ? 19  TRP B CD1 1 
ATOM   324 C CD2 . TRP B 1 20 ? 3.846   -5.099  -11.246 1.00 46.93 ? 19  TRP B CD2 1 
ATOM   325 N NE1 . TRP B 1 20 ? 5.844   -6.071  -11.554 1.00 48.99 ? 19  TRP B NE1 1 
ATOM   326 C CE2 . TRP B 1 20 ? 4.552   -6.050  -12.011 1.00 46.80 ? 19  TRP B CE2 1 
ATOM   327 C CE3 . TRP B 1 20 ? 2.495   -4.869  -11.523 1.00 48.06 ? 19  TRP B CE3 1 
ATOM   328 C CZ2 . TRP B 1 20 ? 3.947   -6.771  -13.039 1.00 51.48 ? 19  TRP B CZ2 1 
ATOM   329 C CZ3 . TRP B 1 20 ? 1.900   -5.576  -12.550 1.00 51.27 ? 19  TRP B CZ3 1 
ATOM   330 C CH2 . TRP B 1 20 ? 2.617   -6.519  -13.286 1.00 50.63 ? 19  TRP B CH2 1 
ATOM   331 N N   . GLY B 1 21 ? 5.406   -5.279  -6.803  1.00 35.74 ? 20  GLY B N   1 
ATOM   332 C CA  . GLY B 1 21 ? 6.204   -6.393  -6.270  1.00 36.18 ? 20  GLY B CA  1 
ATOM   333 C C   . GLY B 1 21 ? 5.373   -7.303  -5.375  1.00 35.10 ? 20  GLY B C   1 
ATOM   334 O O   . GLY B 1 21 ? 5.532   -8.530  -5.468  1.00 35.34 ? 20  GLY B O   1 
ATOM   335 N N   . ILE B 1 22 ? 4.487   -6.731  -4.567  1.00 32.85 ? 21  ILE B N   1 
ATOM   336 C CA  . ILE B 1 22 ? 3.609   -7.517  -3.650  1.00 33.91 ? 21  ILE B CA  1 
ATOM   337 C C   . ILE B 1 22 ? 2.660   -8.388  -4.496  1.00 35.47 ? 21  ILE B C   1 
ATOM   338 O O   . ILE B 1 22 ? 2.514   -9.585  -4.189  1.00 33.52 ? 21  ILE B O   1 
ATOM   339 C CB  . ILE B 1 22 ? 2.869   -6.570  -2.681  1.00 34.64 ? 21  ILE B CB  1 
ATOM   340 C CG1 . ILE B 1 22 ? 3.824   -5.973  -1.642  1.00 37.49 ? 21  ILE B CG1 1 
ATOM   341 C CG2 . ILE B 1 22 ? 1.699   -7.279  -2.010  1.00 36.66 ? 21  ILE B CG2 1 
ATOM   342 C CD1 . ILE B 1 22 ? 4.457   -6.989  -0.746  1.00 41.09 ? 21  ILE B CD1 1 
ATOM   343 N N   . LYS B 1 23 ? 2.119   -7.827  -5.570  1.00 38.51 ? 22  LYS B N   1 
ATOM   344 C CA  . LYS B 1 23 ? 1.229   -8.550  -6.520  1.00 43.52 ? 22  LYS B CA  1 
ATOM   345 C C   . LYS B 1 23 ? 2.006   -9.713  -7.147  1.00 43.07 ? 22  LYS B C   1 
ATOM   346 O O   . LYS B 1 23 ? 1.437   -10.828 -7.237  1.00 46.20 ? 22  LYS B O   1 
ATOM   347 C CB  . LYS B 1 23 ? 0.680   -7.586  -7.575  1.00 46.72 ? 22  LYS B CB  1 
ATOM   348 C CG  . LYS B 1 23 ? -0.406  -6.636  -7.108  1.00 51.95 ? 22  LYS B CG  1 
ATOM   349 C CD  . LYS B 1 23 ? -1.150  -5.968  -8.256  1.00 59.29 ? 22  LYS B CD  1 
ATOM   350 C CE  . LYS B 1 23 ? -1.830  -6.962  -9.178  1.00 61.67 ? 22  LYS B CE  1 
ATOM   351 N NZ  . LYS B 1 23 ? -3.001  -6.375  -9.876  1.00 66.08 ? 22  LYS B NZ  1 
ATOM   352 N N   . GLU B 1 24 ? 3.269   -9.478  -7.539  1.00 43.16 ? 23  GLU B N   1 
ATOM   353 C CA  . GLU B 1 24 ? 4.169   -10.494 -8.136  1.00 44.55 ? 23  GLU B CA  1 
ATOM   354 C C   . GLU B 1 24 ? 4.386   -11.626 -7.127  1.00 45.48 ? 23  GLU B C   1 
ATOM   355 O O   . GLU B 1 24 ? 4.289   -12.802 -7.535  1.00 42.67 ? 23  GLU B O   1 
ATOM   356 C CB  . GLU B 1 24 ? 5.509   -9.882  -8.540  1.00 50.84 ? 23  GLU B CB  1 
ATOM   357 C CG  . GLU B 1 24 ? 5.449   -9.029  -9.796  1.00 54.69 ? 23  GLU B CG  1 
ATOM   358 C CD  . GLU B 1 24 ? 6.754   -9.036  -10.577 1.00 62.45 ? 23  GLU B CD  1 
ATOM   359 O OE1 . GLU B 1 24 ? 7.814   -8.784  -9.961  1.00 67.04 ? 23  GLU B OE1 1 
ATOM   360 O OE2 . GLU B 1 24 ? 6.706   -9.278  -11.805 1.00 70.45 ? 23  GLU B OE2 1 
ATOM   361 N N   . ILE B 1 25 ? 4.663   -11.285 -5.864  1.00 42.58 ? 24  ILE B N   1 
ATOM   362 C CA  . ILE B 1 25 ? 4.856   -12.269 -4.756  1.00 41.83 ? 24  ILE B CA  1 
ATOM   363 C C   . ILE B 1 25 ? 3.567   -13.075 -4.600  1.00 41.13 ? 24  ILE B C   1 
ATOM   364 O O   . ILE B 1 25 ? 3.662   -14.315 -4.550  1.00 48.64 ? 24  ILE B O   1 
ATOM   365 C CB  . ILE B 1 25 ? 5.268   -11.572 -3.441  1.00 39.69 ? 24  ILE B CB  1 
ATOM   366 C CG1 . ILE B 1 25 ? 6.673   -10.968 -3.552  1.00 41.87 ? 24  ILE B CG1 1 
ATOM   367 C CG2 . ILE B 1 25 ? 5.163   -12.520 -2.257  1.00 39.88 ? 24  ILE B CG2 1 
ATOM   368 C CD1 . ILE B 1 25 ? 7.032   -10.027 -2.438  1.00 42.10 ? 24  ILE B CD1 1 
ATOM   369 N N   . ALA B 1 26 ? 2.419   -12.399 -4.505  1.00 41.38 ? 25  ALA B N   1 
ATOM   370 C CA  . ALA B 1 26 ? 1.093   -13.028 -4.294  1.00 43.05 ? 25  ALA B CA  1 
ATOM   371 C C   . ALA B 1 26 ? 0.827   -14.038 -5.418  1.00 46.64 ? 25  ALA B C   1 
ATOM   372 O O   . ALA B 1 26 ? 0.395   -15.178 -5.120  1.00 45.71 ? 25  ALA B O   1 
ATOM   373 C CB  . ALA B 1 26 ? 0.014   -11.978 -4.237  1.00 43.56 ? 25  ALA B CB  1 
ATOM   374 N N   . GLN B 1 27 ? 1.099   -13.646 -6.665  1.00 48.94 ? 26  GLN B N   1 
ATOM   375 C CA  . GLN B 1 27 ? 0.870   -14.524 -7.843  1.00 53.47 ? 26  GLN B CA  1 
ATOM   376 C C   . GLN B 1 27 ? 1.910   -15.653 -7.826  1.00 53.52 ? 26  GLN B C   1 
ATOM   377 O O   . GLN B 1 27 ? 1.536   -16.807 -8.083  1.00 59.32 ? 26  GLN B O   1 
ATOM   378 C CB  . GLN B 1 27 ? 0.911   -13.723 -9.143  1.00 55.39 ? 26  GLN B CB  1 
ATOM   379 C CG  . GLN B 1 27 ? 0.346   -14.514 -10.317 1.00 63.35 ? 26  GLN B CG  1 
ATOM   380 C CD  . GLN B 1 27 ? 1.364   -15.384 -11.008 1.00 67.82 ? 26  GLN B CD  1 
ATOM   381 O OE1 . GLN B 1 27 ? 2.569   -15.172 -10.884 1.00 73.39 ? 26  GLN B OE1 1 
ATOM   382 N NE2 . GLN B 1 27 ? 0.880   -16.369 -11.753 1.00 71.47 ? 26  GLN B NE2 1 
ATOM   383 N N   . GLY B 1 28 ? 3.160   -15.322 -7.513  1.00 55.98 ? 27  GLY B N   1 
ATOM   384 C CA  . GLY B 1 28 ? 4.307   -16.248 -7.469  1.00 61.83 ? 27  GLY B CA  1 
ATOM   385 C C   . GLY B 1 28 ? 4.146   -17.323 -6.413  1.00 66.78 ? 27  GLY B C   1 
ATOM   386 O O   . GLY B 1 28 ? 4.729   -18.411 -6.599  1.00 69.30 ? 27  GLY B O   1 
ATOM   387 N N   . ILE B 1 29 ? 3.396   -17.034 -5.343  1.00 66.25 ? 28  ILE B N   1 
ATOM   388 C CA  . ILE B 1 29 ? 3.053   -18.012 -4.267  1.00 69.74 ? 28  ILE B CA  1 
ATOM   389 C C   . ILE B 1 29 ? 1.991   -18.985 -4.808  1.00 74.72 ? 28  ILE B C   1 
ATOM   390 O O   . ILE B 1 29 ? 1.912   -20.110 -4.288  1.00 78.30 ? 28  ILE B O   1 
ATOM   391 C CB  . ILE B 1 29 ? 2.651   -17.272 -2.972  1.00 65.01 ? 28  ILE B CB  1 
ATOM   392 C CG1 . ILE B 1 29 ? 3.886   -16.676 -2.291  1.00 63.28 ? 28  ILE B CG1 1 
ATOM   393 C CG2 . ILE B 1 29 ? 1.870   -18.165 -2.018  1.00 68.45 ? 28  ILE B CG2 1 
ATOM   394 C CD1 . ILE B 1 29 ? 3.577   -15.765 -1.122  1.00 62.27 ? 28  ILE B CD1 1 
ATOM   395 N N   . LYS B 1 30 ? 1.268   -18.615 -5.875  1.00 79.00 ? 29  LYS B N   1 
ATOM   396 C CA  . LYS B 1 30 ? 0.367   -19.543 -6.620  1.00 81.64 ? 29  LYS B CA  1 
ATOM   397 C C   . LYS B 1 30 ? 1.210   -20.514 -7.462  1.00 85.09 ? 29  LYS B C   1 
ATOM   398 O O   . LYS B 1 30 ? 0.665   -21.564 -7.849  1.00 88.27 ? 29  LYS B O   1 
ATOM   399 C CB  . LYS B 1 30 ? -0.623  -18.807 -7.531  1.00 82.35 ? 29  LYS B CB  1 
ATOM   400 C CG  . LYS B 1 30 ? -1.345  -17.612 -6.920  1.00 82.58 ? 29  LYS B CG  1 
ATOM   401 C CD  . LYS B 1 30 ? -2.072  -17.903 -5.627  1.00 81.94 ? 29  LYS B CD  1 
ATOM   402 C CE  . LYS B 1 30 ? -2.910  -16.728 -5.171  1.00 82.69 ? 29  LYS B CE  1 
ATOM   403 N NZ  . LYS B 1 30 ? -3.546  -16.976 -3.855  1.00 84.36 ? 29  LYS B NZ  1 
ATOM   404 N N   . GLY B 1 31 ? 2.470   -20.165 -7.755  1.00 85.96 ? 30  GLY B N   1 
ATOM   405 C CA  . GLY B 1 31 ? 3.465   -21.056 -8.386  1.00 89.70 ? 30  GLY B CA  1 
ATOM   406 C C   . GLY B 1 31 ? 3.688   -20.720 -9.851  1.00 92.76 ? 30  GLY B C   1 
ATOM   407 O O   . GLY B 1 31 ? 2.754   -20.400 -10.585 1.00 94.32 ? 30  GLY B O   1 
HETATM 408 C C   . ACE C 1 1  ? -11.173 18.141  4.951   1.00 75.61 ? 0   ACE C C   1 
HETATM 409 O O   . ACE C 1 1  ? -12.273 17.959  4.538   1.00 81.17 ? 0   ACE C O   1 
HETATM 410 C CH3 . ACE C 1 1  ? -10.921 18.120  6.464   1.00 74.67 ? 0   ACE C CH3 1 
ATOM   411 N N   . GLY C 1 2  ? -10.115 18.355  4.164   1.00 73.78 ? 1   GLY C N   1 
ATOM   412 C CA  . GLY C 1 2  ? -10.238 18.469  2.676   1.00 72.83 ? 1   GLY C CA  1 
ATOM   413 C C   . GLY C 1 2  ? -9.808  17.195  1.968   1.00 71.93 ? 1   GLY C C   1 
ATOM   414 O O   . GLY C 1 2  ? -9.958  16.114  2.565   1.00 67.91 ? 1   GLY C O   1 
ATOM   415 N N   . GLU C 1 3  ? -9.335  17.326  0.724   1.00 71.05 ? 2   GLU C N   1 
ATOM   416 C CA  . GLU C 1 3  ? -8.861  16.207  -0.133  1.00 70.60 ? 2   GLU C CA  1 
ATOM   417 C C   . GLU C 1 3  ? -7.651  15.539  0.534   1.00 68.95 ? 2   GLU C C   1 
ATOM   418 O O   . GLU C 1 3  ? -7.605  14.293  0.535   1.00 68.97 ? 2   GLU C O   1 
ATOM   419 C CB  . GLU C 1 3  ? -8.515  16.716  -1.536  1.00 70.39 ? 2   GLU C CB  1 
ATOM   420 N N   . ILE C 1 4  ? -6.728  16.338  1.088   1.00 68.43 ? 3   ILE C N   1 
ATOM   421 C CA  . ILE C 1 4  ? -5.509  15.863  1.811   1.00 65.71 ? 3   ILE C CA  1 
ATOM   422 C C   . ILE C 1 4  ? -5.943  15.116  3.079   1.00 66.20 ? 3   ILE C C   1 
ATOM   423 O O   . ILE C 1 4  ? -5.449  13.988  3.295   1.00 60.29 ? 3   ILE C O   1 
ATOM   424 C CB  . ILE C 1 4  ? -4.545  17.028  2.124   1.00 65.56 ? 3   ILE C CB  1 
ATOM   425 C CG1 . ILE C 1 4  ? -3.878  17.550  0.847   1.00 66.49 ? 3   ILE C CG1 1 
ATOM   426 C CG2 . ILE C 1 4  ? -3.522  16.621  3.178   1.00 63.95 ? 3   ILE C CG2 1 
ATOM   427 C CD1 . ILE C 1 4  ? -2.883  18.666  1.065   1.00 66.81 ? 3   ILE C CD1 1 
ATOM   428 N N   . ALA C 1 5  ? -6.826  15.719  3.881   1.00 63.03 ? 4   ALA C N   1 
ATOM   429 C CA  . ALA C 1 5  ? -7.369  15.111  5.119   1.00 63.47 ? 4   ALA C CA  1 
ATOM   430 C C   . ALA C 1 5  ? -7.999  13.752  4.782   1.00 63.63 ? 4   ALA C C   1 
ATOM   431 O O   . ALA C 1 5  ? -7.714  12.781  5.507   1.00 62.89 ? 4   ALA C O   1 
ATOM   432 C CB  . ALA C 1 5  ? -8.359  16.035  5.780   1.00 65.62 ? 4   ALA C CB  1 
ATOM   433 N N   . GLN C 1 6  ? -8.797  13.685  3.711   1.00 63.10 ? 5   GLN C N   1 
ATOM   434 C CA  . GLN C 1 6  ? -9.455  12.440  3.230   1.00 63.32 ? 5   GLN C CA  1 
ATOM   435 C C   . GLN C 1 6  ? -8.393  11.409  2.825   1.00 59.46 ? 5   GLN C C   1 
ATOM   436 O O   . GLN C 1 6  ? -8.520  10.244  3.231   1.00 58.89 ? 5   GLN C O   1 
ATOM   437 C CB  . GLN C 1 6  ? -10.389 12.730  2.054   1.00 67.81 ? 5   GLN C CB  1 
ATOM   438 C CG  . GLN C 1 6  ? -11.241 11.534  1.650   1.00 72.59 ? 5   GLN C CG  1 
ATOM   439 C CD  . GLN C 1 6  ? -11.947 10.902  2.829   1.00 75.36 ? 5   GLN C CD  1 
ATOM   440 O OE1 . GLN C 1 6  ? -12.489 11.587  3.694   1.00 79.88 ? 5   GLN C OE1 1 
ATOM   441 N NE2 . GLN C 1 6  ? -11.934 9.579   2.878   1.00 75.25 ? 5   GLN C NE2 1 
ATOM   442 N N   . GLY C 1 7  ? -7.403  11.820  2.029   1.00 55.48 ? 6   GLY C N   1 
ATOM   443 C CA  . GLY C 1 7  ? -6.313  10.942  1.561   1.00 53.74 ? 6   GLY C CA  1 
ATOM   444 C C   . GLY C 1 7  ? -5.545  10.337  2.731   1.00 49.59 ? 6   GLY C C   1 
ATOM   445 O O   . GLY C 1 7  ? -5.318  9.111   2.723   1.00 48.40 ? 6   GLY C O   1 
ATOM   446 N N   . ILE C 1 8  ? -5.199  11.159  3.723   1.00 49.00 ? 7   ILE C N   1 
ATOM   447 C CA  . ILE C 1 8  ? -4.461  10.731  4.947   1.00 50.64 ? 7   ILE C CA  1 
ATOM   448 C C   . ILE C 1 8  ? -5.319  9.712   5.709   1.00 53.57 ? 7   ILE C C   1 
ATOM   449 O O   . ILE C 1 8  ? -4.760  8.697   6.159   1.00 45.86 ? 7   ILE C O   1 
ATOM   450 C CB  . ILE C 1 8  ? -4.061  11.949  5.804   1.00 51.43 ? 7   ILE C CB  1 
ATOM   451 C CG1 . ILE C 1 8  ? -3.017  12.816  5.096   1.00 54.12 ? 7   ILE C CG1 1 
ATOM   452 C CG2 . ILE C 1 8  ? -3.591  11.518  7.182   1.00 52.85 ? 7   ILE C CG2 1 
ATOM   453 C CD1 . ILE C 1 8  ? -1.727  12.098  4.764   1.00 55.98 ? 7   ILE C CD1 1 
ATOM   454 N N   . LYS C 1 9  ? -6.632  9.940   5.799   1.00 53.28 ? 8   LYS C N   1 
ATOM   455 C CA  . LYS C 1 9  ? -7.577  9.011   6.479   1.00 53.88 ? 8   LYS C CA  1 
ATOM   456 C C   . LYS C 1 9  ? -7.589  7.669   5.743   1.00 50.86 ? 8   LYS C C   1 
ATOM   457 O O   . LYS C 1 9  ? -7.544  6.631   6.425   1.00 50.38 ? 8   LYS C O   1 
ATOM   458 C CB  . LYS C 1 9  ? -8.985  9.611   6.550   1.00 55.76 ? 8   LYS C CB  1 
ATOM   459 C CG  . LYS C 1 9  ? -9.098  10.871  7.395   1.00 60.22 ? 8   LYS C CG  1 
ATOM   460 N N   . GLU C 1 10 ? -7.639  7.689   4.410   1.00 49.87 ? 9   GLU C N   1 
ATOM   461 C CA  . GLU C 1 10 ? -7.658  6.467   3.564   1.00 50.42 ? 9   GLU C CA  1 
ATOM   462 C C   . GLU C 1 10 ? -6.315  5.732   3.709   1.00 46.92 ? 9   GLU C C   1 
ATOM   463 O O   . GLU C 1 10 ? -6.335  4.493   3.769   1.00 46.25 ? 9   GLU C O   1 
ATOM   464 C CB  . GLU C 1 10 ? -7.966  6.822   2.110   1.00 53.79 ? 9   GLU C CB  1 
ATOM   465 C CG  . GLU C 1 10 ? -9.396  7.294   1.902   1.00 61.32 ? 9   GLU C CG  1 
ATOM   466 C CD  . GLU C 1 10 ? -9.764  7.639   0.469   1.00 67.26 ? 9   GLU C CD  1 
ATOM   467 O OE1 . GLU C 1 10 ? -9.194  7.021   -0.453  1.00 69.13 ? 9   GLU C OE1 1 
ATOM   468 O OE2 . GLU C 1 10 ? -10.635 8.524   0.278   1.00 73.44 ? 9   GLU C OE2 1 
ATOM   469 N N   . ILE C 1 11 ? -5.199  6.458   3.785   1.00 45.87 ? 10  ILE C N   1 
ATOM   470 C CA  . ILE C 1 11 ? -3.849  5.848   3.998   1.00 43.30 ? 10  ILE C CA  1 
ATOM   471 C C   . ILE C 1 11 ? -3.829  5.172   5.372   1.00 43.02 ? 10  ILE C C   1 
ATOM   472 O O   . ILE C 1 11 ? -3.410  4.007   5.438   1.00 41.33 ? 10  ILE C O   1 
ATOM   473 C CB  . ILE C 1 11 ? -2.717  6.878   3.834   1.00 42.73 ? 10  ILE C CB  1 
ATOM   474 C CG1 . ILE C 1 11 ? -2.632  7.365   2.384   1.00 42.97 ? 10  ILE C CG1 1 
ATOM   475 C CG2 . ILE C 1 11 ? -1.384  6.296   4.303   1.00 40.83 ? 10  ILE C CG2 1 
ATOM   476 C CD1 . ILE C 1 11 ? -1.825  8.622   2.195   1.00 45.58 ? 10  ILE C CD1 1 
ATOM   477 N N   . ALA C 1 12 ? -4.275  5.867   6.419   1.00 42.77 ? 11  ALA C N   1 
ATOM   478 C CA  . ALA C 1 12 ? -4.352  5.319   7.790   1.00 45.54 ? 11  ALA C CA  1 
ATOM   479 C C   . ALA C 1 12 ? -5.155  4.007   7.767   1.00 44.60 ? 11  ALA C C   1 
ATOM   480 O O   . ALA C 1 12 ? -4.658  3.016   8.321   1.00 42.90 ? 11  ALA C O   1 
ATOM   481 C CB  . ALA C 1 12 ? -4.931  6.336   8.740   1.00 49.25 ? 11  ALA C CB  1 
ATOM   482 N N   . LYS C 1 13 ? -6.311  3.979   7.098   1.00 46.36 ? 12  LYS C N   1 
ATOM   483 C CA  . LYS C 1 13 ? -7.177  2.772   6.970   1.00 46.99 ? 12  LYS C CA  1 
ATOM   484 C C   . LYS C 1 13 ? -6.415  1.625   6.286   1.00 42.85 ? 12  LYS C C   1 
ATOM   485 O O   . LYS C 1 13 ? -6.480  0.467   6.779   1.00 43.08 ? 12  LYS C O   1 
ATOM   486 C CB  . LYS C 1 13 ? -8.452  3.096   6.186   1.00 50.30 ? 12  LYS C CB  1 
ATOM   487 C CG  . LYS C 1 13 ? -9.472  1.967   6.106   1.00 54.01 ? 12  LYS C CG  1 
ATOM   488 C CD  . LYS C 1 13 ? -10.672 2.287   5.227   1.00 55.01 ? 12  LYS C CD  1 
ATOM   489 N N   . GLY C 1 14 ? -5.752  1.902   5.168   1.00 41.42 ? 13  GLY C N   1 
ATOM   490 C CA  . GLY C 1 14 ? -4.989  0.898   4.409   1.00 39.34 ? 13  GLY C CA  1 
ATOM   491 C C   . GLY C 1 14 ? -3.825  0.364   5.229   1.00 36.11 ? 13  GLY C C   1 
ATOM   492 O O   . GLY C 1 14 ? -3.579  -0.857  5.195   1.00 38.98 ? 13  GLY C O   1 
ATOM   493 N N   . ILE C 1 15 ? -3.142  1.241   5.958   1.00 38.22 ? 14  ILE C N   1 
ATOM   494 C CA  . ILE C 1 15 ? -1.973  0.854   6.810   1.00 38.90 ? 14  ILE C CA  1 
ATOM   495 C C   . ILE C 1 15 ? -2.456  -0.075  7.934   1.00 38.77 ? 14  ILE C C   1 
ATOM   496 O O   . ILE C 1 15 ? -1.771  -1.067  8.219   1.00 34.26 ? 14  ILE C O   1 
ATOM   497 C CB  . ILE C 1 15 ? -1.230  2.105   7.320   1.00 39.00 ? 14  ILE C CB  1 
ATOM   498 C CG1 . ILE C 1 15 ? -0.440  2.786   6.194   1.00 40.00 ? 14  ILE C CG1 1 
ATOM   499 C CG2 . ILE C 1 15 ? -0.335  1.770   8.507   1.00 41.14 ? 14  ILE C CG2 1 
ATOM   500 C CD1 . ILE C 1 15 ? 0.745   1.998   5.697   1.00 41.73 ? 14  ILE C CD1 1 
ATOM   501 N N   . LYS C 1 16 ? -3.614  0.204   8.529   1.00 41.01 ? 15  LYS C N   1 
ATOM   502 C CA  . LYS C 1 16 ? -4.233  -0.673  9.564   1.00 45.23 ? 15  LYS C CA  1 
ATOM   503 C C   . LYS C 1 16 ? -4.476  -2.060  8.951   1.00 42.46 ? 15  LYS C C   1 
ATOM   504 O O   . LYS C 1 16 ? -4.157  -3.073  9.610   1.00 40.94 ? 15  LYS C O   1 
ATOM   505 C CB  . LYS C 1 16 ? -5.512  -0.014  10.098  1.00 47.29 ? 15  LYS C CB  1 
ATOM   506 C CG  . LYS C 1 16 ? -6.281  -0.797  11.156  1.00 53.65 ? 15  LYS C CG  1 
ATOM   507 C CD  . LYS C 1 16 ? -7.486  -0.027  11.688  1.00 55.82 ? 15  LYS C CD  1 
ATOM   508 C CE  . LYS C 1 16 ? -8.147  -0.683  12.884  1.00 59.21 ? 15  LYS C CE  1 
ATOM   509 N N   . GLU C 1 17 ? -5.004  -2.113  7.725   1.00 41.70 ? 16  GLU C N   1 
ATOM   510 C CA  . GLU C 1 17 ? -5.263  -3.386  7.010   1.00 41.88 ? 16  GLU C CA  1 
ATOM   511 C C   . GLU C 1 17 ? -3.937  -4.110  6.715   1.00 38.45 ? 16  GLU C C   1 
ATOM   512 O O   . GLU C 1 17 ? -3.895  -5.343  6.889   1.00 37.75 ? 16  GLU C O   1 
ATOM   513 C CB  . GLU C 1 17 ? -6.039  -3.144  5.717   1.00 45.93 ? 16  GLU C CB  1 
ATOM   514 C CG  . GLU C 1 17 ? -7.494  -2.769  5.922   1.00 52.97 ? 16  GLU C CG  1 
ATOM   515 C CD  . GLU C 1 17 ? -8.330  -2.924  4.661   1.00 59.34 ? 16  GLU C CD  1 
ATOM   516 O OE1 . GLU C 1 17 ? -8.000  -3.818  3.820   1.00 61.70 ? 16  GLU C OE1 1 
ATOM   517 O OE2 . GLU C 1 17 ? -9.307  -2.156  4.511   1.00 68.28 ? 16  GLU C OE2 1 
ATOM   518 N N   . ILE C 1 18 ? -2.907  -3.388  6.263   1.00 36.83 ? 17  ILE C N   1 
ATOM   519 C CA  . ILE C 1 18 ? -1.553  -3.982  6.011   1.00 35.09 ? 17  ILE C CA  1 
ATOM   520 C C   . ILE C 1 18 ? -1.001  -4.555  7.326   1.00 32.76 ? 17  ILE C C   1 
ATOM   521 O O   . ILE C 1 18 ? -0.482  -5.680  7.312   1.00 32.87 ? 17  ILE C O   1 
ATOM   522 C CB  . ILE C 1 18 ? -0.594  -2.956  5.374   1.00 35.08 ? 17  ILE C CB  1 
ATOM   523 C CG1 . ILE C 1 18 ? -1.088  -2.544  3.990   1.00 35.48 ? 17  ILE C CG1 1 
ATOM   524 C CG2 . ILE C 1 18 ? 0.831   -3.506  5.316   1.00 34.51 ? 17  ILE C CG2 1 
ATOM   525 C CD1 . ILE C 1 18 ? -0.422  -1.306  3.439   1.00 36.78 ? 17  ILE C CD1 1 
ATOM   526 N N   . ALA C 1 19 ? -1.115  -3.817  8.424   1.00 35.49 ? 18  ALA C N   1 
ATOM   527 C CA  . ALA C 1 19 ? -0.622  -4.257  9.750   1.00 37.24 ? 18  ALA C CA  1 
ATOM   528 C C   . ALA C 1 19 ? -1.296  -5.586  10.125  1.00 35.96 ? 18  ALA C C   1 
ATOM   529 O O   . ALA C 1 19 ? -0.597  -6.520  10.536  1.00 37.02 ? 18  ALA C O   1 
ATOM   530 C CB  . ALA C 1 19 ? -0.854  -3.178  10.775  1.00 39.34 ? 18  ALA C CB  1 
ATOM   531 N N   . TRP C 1 20 ? -2.613  -5.691  9.946   1.00 40.27 ? 19  TRP C N   1 
ATOM   532 C CA  . TRP C 1 20 ? -3.361  -6.945  10.234  1.00 39.63 ? 19  TRP C CA  1 
ATOM   533 C C   . TRP C 1 20 ? -2.844  -8.101  9.366   1.00 37.91 ? 19  TRP C C   1 
ATOM   534 O O   . TRP C 1 20 ? -2.549  -9.188  9.907   1.00 37.37 ? 19  TRP C O   1 
ATOM   535 C CB  . TRP C 1 20 ? -4.866  -6.727  10.059  1.00 43.30 ? 19  TRP C CB  1 
ATOM   536 C CG  . TRP C 1 20 ? -5.646  -7.977  10.316  1.00 45.23 ? 19  TRP C CG  1 
ATOM   537 C CD1 . TRP C 1 20 ? -6.079  -8.459  11.522  1.00 48.50 ? 19  TRP C CD1 1 
ATOM   538 C CD2 . TRP C 1 20 ? -6.109  -8.907  9.326   1.00 46.67 ? 19  TRP C CD2 1 
ATOM   539 N NE1 . TRP C 1 20 ? -6.770  -9.630  11.349  1.00 48.65 ? 19  TRP C NE1 1 
ATOM   540 C CE2 . TRP C 1 20 ? -6.811  -9.928  10.013  1.00 49.68 ? 19  TRP C CE2 1 
ATOM   541 C CE3 . TRP C 1 20 ? -6.003  -8.973  7.932   1.00 47.38 ? 19  TRP C CE3 1 
ATOM   542 C CZ2 . TRP C 1 20 ? -7.400  -11.000 9.345   1.00 49.12 ? 19  TRP C CZ2 1 
ATOM   543 C CZ3 . TRP C 1 20 ? -6.585  -10.034 7.276   1.00 47.26 ? 19  TRP C CZ3 1 
ATOM   544 C CH2 . TRP C 1 20 ? -7.275  -11.029 7.974   1.00 51.09 ? 19  TRP C CH2 1 
ATOM   545 N N   . GLY C 1 21 ? -2.721  -7.888  8.053   1.00 37.39 ? 20  GLY C N   1 
ATOM   546 C CA  . GLY C 1 21 ? -2.240  -8.916  7.106   1.00 35.72 ? 20  GLY C CA  1 
ATOM   547 C C   . GLY C 1 21 ? -0.828  -9.391  7.421   1.00 34.53 ? 20  GLY C C   1 
ATOM   548 O O   . GLY C 1 21 ? -0.563  -10.614 7.338   1.00 35.62 ? 20  GLY C O   1 
ATOM   549 N N   . ILE C 1 22 ? 0.052   -8.468  7.801   1.00 35.02 ? 21  ILE C N   1 
ATOM   550 C CA  . ILE C 1 22 ? 1.467   -8.781  8.163   1.00 37.42 ? 21  ILE C CA  1 
ATOM   551 C C   . ILE C 1 22 ? 1.465   -9.690  9.405   1.00 40.37 ? 21  ILE C C   1 
ATOM   552 O O   . ILE C 1 22 ? 2.215   -10.697 9.421   1.00 40.18 ? 21  ILE C O   1 
ATOM   553 C CB  . ILE C 1 22 ? 2.277   -7.482  8.368   1.00 38.92 ? 21  ILE C CB  1 
ATOM   554 C CG1 . ILE C 1 22 ? 2.561   -6.772  7.039   1.00 38.08 ? 21  ILE C CG1 1 
ATOM   555 C CG2 . ILE C 1 22 ? 3.575   -7.740  9.125   1.00 39.98 ? 21  ILE C CG2 1 
ATOM   556 C CD1 . ILE C 1 22 ? 3.381   -7.579  6.092   1.00 40.20 ? 21  ILE C CD1 1 
ATOM   557 N N   . LYS C 1 23 ? 0.620   -9.379  10.384  1.00 39.58 ? 22  LYS C N   1 
ATOM   558 C CA  . LYS C 1 23 ? 0.486   -10.169 11.637  1.00 44.12 ? 22  LYS C CA  1 
ATOM   559 C C   . LYS C 1 23 ? 0.012   -11.589 11.277  1.00 44.50 ? 22  LYS C C   1 
ATOM   560 O O   . LYS C 1 23 ? 0.557   -12.544 11.830  1.00 45.87 ? 22  LYS C O   1 
ATOM   561 C CB  . LYS C 1 23 ? -0.439  -9.433  12.610  1.00 43.51 ? 22  LYS C CB  1 
ATOM   562 C CG  . LYS C 1 23 ? -0.454  -9.973  14.040  1.00 47.86 ? 22  LYS C CG  1 
ATOM   563 N N   . GLU C 1 24 ? -0.935  -11.709 10.341  1.00 42.35 ? 23  GLU C N   1 
ATOM   564 C CA  . GLU C 1 24 ? -1.485  -12.993 9.843   1.00 44.09 ? 23  GLU C CA  1 
ATOM   565 C C   . GLU C 1 24 ? -0.363  -13.795 9.184   1.00 45.81 ? 23  GLU C C   1 
ATOM   566 O O   . GLU C 1 24 ? -0.268  -15.001 9.453   1.00 47.44 ? 23  GLU C O   1 
ATOM   567 C CB  . GLU C 1 24 ? -2.653  -12.751 8.890   1.00 44.08 ? 23  GLU C CB  1 
ATOM   568 C CG  . GLU C 1 24 ? -3.928  -12.301 9.586   1.00 45.68 ? 23  GLU C CG  1 
ATOM   569 C CD  . GLU C 1 24 ? -4.522  -13.292 10.583  1.00 51.71 ? 23  GLU C CD  1 
ATOM   570 O OE1 . GLU C 1 24 ? -4.562  -14.510 10.279  1.00 49.93 ? 23  GLU C OE1 1 
ATOM   571 O OE2 . GLU C 1 24 ? -4.885  -12.855 11.686  1.00 53.19 ? 23  GLU C OE2 1 
ATOM   572 N N   . ILE C 1 25 ? 0.465   -13.150 8.356   1.00 42.94 ? 24  ILE C N   1 
ATOM   573 C CA  . ILE C 1 25 ? 1.640   -13.794 7.693   1.00 44.52 ? 24  ILE C CA  1 
ATOM   574 C C   . ILE C 1 25 ? 2.597   -14.285 8.784   1.00 45.39 ? 24  ILE C C   1 
ATOM   575 O O   . ILE C 1 25 ? 3.021   -15.454 8.709   1.00 51.23 ? 24  ILE C O   1 
ATOM   576 C CB  . ILE C 1 25 ? 2.329   -12.839 6.697   1.00 41.83 ? 24  ILE C CB  1 
ATOM   577 C CG1 . ILE C 1 25 ? 1.425   -12.532 5.502   1.00 42.46 ? 24  ILE C CG1 1 
ATOM   578 C CG2 . ILE C 1 25 ? 3.670   -13.408 6.250   1.00 43.65 ? 24  ILE C CG2 1 
ATOM   579 C CD1 . ILE C 1 25 ? 1.893   -11.402 4.630   1.00 42.65 ? 24  ILE C CD1 1 
ATOM   580 N N   . ALA C 1 26 ? 2.937   -13.424 9.743   1.00 47.58 ? 25  ALA C N   1 
ATOM   581 C CA  . ALA C 1 26 ? 3.893   -13.731 10.836  1.00 51.92 ? 25  ALA C CA  1 
ATOM   582 C C   . ALA C 1 26 ? 3.396   -14.952 11.623  1.00 57.89 ? 25  ALA C C   1 
ATOM   583 O O   . ALA C 1 26 ? 4.210   -15.861 11.902  1.00 56.98 ? 25  ALA C O   1 
ATOM   584 C CB  . ALA C 1 26 ? 4.068   -12.529 11.728  1.00 51.66 ? 25  ALA C CB  1 
ATOM   585 N N   . GLN C 1 27 ? 2.101   -14.985 11.945  1.00 59.51 ? 26  GLN C N   1 
ATOM   586 C CA  . GLN C 1 27 ? 1.475   -16.104 12.700  1.00 63.76 ? 26  GLN C CA  1 
ATOM   587 C C   . GLN C 1 27 ? 1.438   -17.345 11.800  1.00 66.40 ? 26  GLN C C   1 
ATOM   588 O O   . GLN C 1 27 ? 1.767   -18.438 12.293  1.00 71.50 ? 26  GLN C O   1 
ATOM   589 C CB  . GLN C 1 27 ? 0.085   -15.710 13.202  1.00 61.10 ? 26  GLN C CB  1 
ATOM   590 N N   . GLY C 1 28 ? 1.077   -17.168 10.526  1.00 71.67 ? 27  GLY C N   1 
ATOM   591 C CA  . GLY C 1 28 ? 0.988   -18.238 9.511   1.00 75.12 ? 27  GLY C CA  1 
ATOM   592 C C   . GLY C 1 28 ? 2.335   -18.900 9.244   1.00 79.51 ? 27  GLY C C   1 
ATOM   593 O O   . GLY C 1 28 ? 2.341   -20.089 8.860   1.00 82.19 ? 27  GLY C O   1 
ATOM   594 N N   . ILE C 1 29 ? 3.431   -18.150 9.413   1.00 79.53 ? 28  ILE C N   1 
ATOM   595 C CA  . ILE C 1 29 ? 4.841   -18.643 9.315   1.00 80.00 ? 28  ILE C CA  1 
ATOM   596 C C   . ILE C 1 29 ? 5.304   -19.061 10.717  1.00 79.04 ? 28  ILE C C   1 
ATOM   597 O O   . ILE C 1 29 ? 4.841   -20.056 11.268  1.00 81.09 ? 28  ILE C O   1 
ATOM   598 C CB  . ILE C 1 29 ? 5.764   -17.569 8.690   1.00 75.88 ? 28  ILE C CB  1 
ATOM   599 C CG1 . ILE C 1 29 ? 5.449   -17.351 7.206   1.00 74.26 ? 28  ILE C CG1 1 
ATOM   600 C CG2 . ILE C 1 29 ? 7.233   -17.909 8.912   1.00 77.47 ? 28  ILE C CG2 1 
ATOM   601 C CD1 . ILE C 1 29 ? 6.295   -16.289 6.538   1.00 72.51 ? 28  ILE C CD1 1 
HETATM 602 O O   . POL D 2 .  ? 5.557   -5.397  3.161   0.50 49.49 ? 101 POL A O   1 
HETATM 603 C C1  . POL D 2 .  ? 5.684   -4.086  3.692   0.50 47.62 ? 101 POL A C1  1 
HETATM 604 C C2  . POL D 2 .  ? 4.554   -3.276  3.331   0.50 48.39 ? 101 POL A C2  1 
HETATM 605 C C3  . POL D 2 .  ? 4.859   -1.798  3.411   0.50 48.36 ? 101 POL A C3  1 
HETATM 606 O O   . POL E 2 .  ? 7.054   -12.174 1.575   0.50 49.52 ? 101 POL B O   1 
HETATM 607 C C1  . POL E 2 .  ? 6.785   -13.529 1.259   0.50 46.89 ? 101 POL B C1  1 
HETATM 608 C C2  . POL E 2 .  ? 6.364   -14.254 2.427   0.50 46.54 ? 101 POL B C2  1 
HETATM 609 C C3  . POL E 2 .  ? 7.017   -15.613 2.510   0.50 45.74 ? 101 POL B C3  1 
HETATM 610 O O   . POL F 2 .  ? 1.438   10.581  4.903   0.50 60.44 ? 101 POL C O   1 
HETATM 611 C C1  . POL F 2 .  ? 2.808   10.536  5.258   0.50 59.60 ? 101 POL C C1  1 
HETATM 612 C C2  . POL F 2 .  ? 3.562   9.803   4.277   0.50 60.12 ? 101 POL C C2  1 
HETATM 613 C C3  . POL F 2 .  ? 3.132   8.359   4.190   0.50 59.85 ? 101 POL C C3  1 
HETATM 614 O O   . HOH G 3 .  ? -6.869  -9.987  -0.665  1.00 52.82 ? 201 HOH A O   1 
HETATM 615 O O   . HOH G 3 .  ? 0.611   22.069  -6.595  1.00 69.82 ? 202 HOH A O   1 
HETATM 616 O O   . HOH G 3 .  ? -6.391  -19.319 3.975   1.00 58.25 ? 203 HOH A O   1 
HETATM 617 O O   . HOH G 3 .  ? -7.687  -20.330 2.128   1.00 61.36 ? 204 HOH A O   1 
HETATM 618 O O   . HOH G 3 .  ? -8.907  -3.166  -3.026  1.00 67.18 ? 205 HOH A O   1 
HETATM 619 O O   . HOH G 3 .  ? 4.503   0.450   3.575   0.50 63.02 ? 206 HOH A O   1 
HETATM 620 O O   . HOH G 3 .  ? 8.569   -22.655 1.804   0.50 82.42 ? 207 HOH A O   1 
HETATM 621 O O   . HOH G 3 .  ? 10.346  -32.755 1.029   0.50 86.05 ? 208 HOH A O   1 
HETATM 622 O O   . HOH H 3 .  ? 6.571   -11.302 2.674   0.50 57.22 ? 201 HOH B O   1 
HETATM 623 O O   . HOH H 3 .  ? 2.151   -0.801  -9.390  1.00 49.66 ? 202 HOH B O   1 
HETATM 624 O O   . HOH H 3 .  ? 6.235   -19.369 -8.674  1.00 70.71 ? 203 HOH B O   1 
HETATM 625 O O   . HOH H 3 .  ? -5.900  -6.000  -8.173  1.00 65.57 ? 204 HOH B O   1 
HETATM 626 O O   . HOH H 3 .  ? 13.636  2.318   -9.990  1.00 73.11 ? 205 HOH B O   1 
HETATM 627 O O   . HOH H 3 .  ? 6.949   -18.520 1.240   1.00 80.40 ? 206 HOH B O   1 
HETATM 628 O O   . HOH H 3 .  ? 12.353  23.175  -11.412 1.00 82.69 ? 207 HOH B O   1 
HETATM 629 O O   . HOH I 3 .  ? 2.472   11.991  4.460   0.50 66.76 ? 201 HOH C O   1 
HETATM 630 O O   . HOH I 3 .  ? -8.475  -0.698  8.173   1.00 56.83 ? 202 HOH C O   1 
HETATM 631 O O   . HOH I 3 .  ? 3.408   6.665   4.051   0.50 68.60 ? 203 HOH C O   1 
HETATM 632 O O   . HOH I 3 .  ? 1.897   15.259  4.710   0.50 82.04 ? 204 HOH C O   1 
HETATM 633 O O   . HOH I 3 .  ? -14.955 14.531  6.714   1.00 77.68 ? 205 HOH C O   1 
HETATM 634 O O   . HOH I 3 .  ? 0.257   20.247  4.651   0.50 60.18 ? 206 HOH C O   1 
# 
loop_
_atom_site_anisotrop.id 
_atom_site_anisotrop.type_symbol 
_atom_site_anisotrop.pdbx_label_atom_id 
_atom_site_anisotrop.pdbx_label_alt_id 
_atom_site_anisotrop.pdbx_label_comp_id 
_atom_site_anisotrop.pdbx_label_asym_id 
_atom_site_anisotrop.pdbx_label_seq_id 
_atom_site_anisotrop.pdbx_PDB_ins_code 
_atom_site_anisotrop.U[1][1] 
_atom_site_anisotrop.U[2][2] 
_atom_site_anisotrop.U[3][3] 
_atom_site_anisotrop.U[1][2] 
_atom_site_anisotrop.U[1][3] 
_atom_site_anisotrop.U[2][3] 
_atom_site_anisotrop.pdbx_auth_seq_id 
_atom_site_anisotrop.pdbx_auth_comp_id 
_atom_site_anisotrop.pdbx_auth_asym_id 
_atom_site_anisotrop.pdbx_auth_atom_id 
1   C C   . ACE A 1  ? 1.0067 0.8899 0.9959 0.0417  -0.0445 0.0678  0  ACE A C   
2   O O   . ACE A 1  ? 0.9843 0.8812 0.9943 0.0394  -0.0368 0.0591  0  ACE A O   
3   C CH3 . ACE A 1  ? 1.0228 0.9049 1.0171 0.0535  -0.0651 0.0734  0  ACE A CH3 
4   N N   . GLY A 2  ? 1.0040 0.8685 0.9648 0.0347  -0.0365 0.0735  1  GLY A N   
5   C CA  . GLY A 2  ? 0.9735 0.8393 0.9393 0.0223  -0.0191 0.0698  1  GLY A CA  
6   C C   . GLY A 2  ? 0.9446 0.8233 0.9051 0.0146  -0.0123 0.0688  1  GLY A C   
7   O O   . GLY A 2  ? 0.8739 0.7695 0.8337 0.0176  -0.0210 0.0658  1  GLY A O   
8   N N   . GLU A 3  ? 0.9347 0.8053 0.8967 0.0050  0.0037  0.0715  2  GLU A N   
9   C CA  . GLU A 3  ? 0.9308 0.8134 0.8967 -0.0022 0.0147  0.0712  2  GLU A CA  
10  C C   . GLU A 3  ? 0.8844 0.8010 0.8780 -0.0059 0.0069  0.0599  2  GLU A C   
11  O O   . GLU A 3  ? 0.8852 0.8160 0.8758 -0.0058 0.0066  0.0582  2  GLU A O   
12  C CB  . GLU A 3  ? 0.9460 0.8143 0.9231 -0.0116 0.0352  0.0772  2  GLU A CB  
13  N N   . ILE A 4  ? 0.8561 0.7793 0.8697 -0.0087 0.0009  0.0527  3  ILE A N   
14  C CA  . ILE A 4  ? 0.8109 0.7557 0.8404 -0.0115 -0.0071 0.0421  3  ILE A CA  
15  C C   . ILE A 4  ? 0.8068 0.7643 0.8279 -0.0023 -0.0145 0.0390  3  ILE A C   
16  O O   . ILE A 4  ? 0.7168 0.6928 0.7424 -0.0039 -0.0164 0.0350  3  ILE A O   
17  C CB  . ILE A 4  ? 0.8273 0.7615 0.8654 -0.0153 -0.0119 0.0351  3  ILE A CB  
18  C CG1 . ILE A 4  ? 0.8310 0.7578 0.8892 -0.0273 -0.0090 0.0368  3  ILE A CG1 
19  C CG2 . ILE A 4  ? 0.8096 0.7534 0.8462 -0.0144 -0.0198 0.0246  3  ILE A CG2 
20  C CD1 . ILE A 4  ? 0.8490 0.7579 0.9105 -0.0324 -0.0176 0.0293  3  ILE A CD1 
21  N N   . ALA A 5  ? 0.7965 0.7447 0.8115 0.0069  -0.0187 0.0413  4  ALA A N   
22  C CA  . ALA A 5  ? 0.7712 0.7320 0.7908 0.0158  -0.0264 0.0399  4  ALA A CA  
23  C C   . ALA A 5  ? 0.7677 0.7373 0.7774 0.0152  -0.0310 0.0432  4  ALA A C   
24  O O   . ALA A 5  ? 0.7470 0.7356 0.7669 0.0157  -0.0343 0.0385  4  ALA A O   
25  C CB  . ALA A 5  ? 0.8364 0.7838 0.8584 0.0257  -0.0319 0.0446  4  ALA A CB  
26  N N   . GLN A 6  ? 0.7733 0.7244 0.7598 0.0142  -0.0289 0.0510  5  GLN A N   
27  C CA  . GLN A 6  ? 0.7795 0.7268 0.7439 0.0141  -0.0310 0.0541  5  GLN A CA  
28  C C   . GLN A 6  ? 0.7467 0.7138 0.7225 0.0067  -0.0220 0.0486  5  GLN A C   
29  O O   . GLN A 6  ? 0.7293 0.7073 0.7025 0.0077  -0.0281 0.0457  5  GLN A O   
30  C CB  . GLN A 6  ? 0.8346 0.7472 0.7629 0.0145  -0.0237 0.0637  5  GLN A CB  
31  C CG  . GLN A 6  ? 0.8855 0.7811 0.7772 0.0162  -0.0262 0.0667  5  GLN A CG  
32  N N   . GLY A 7  ? 0.7105 0.6807 0.7010 -0.0005 -0.0102 0.0476  6  GLY A N   
33  C CA  . GLY A 7  ? 0.6834 0.6714 0.6908 -0.0071 -0.0043 0.0435  6  GLY A CA  
34  C C   . GLY A 7  ? 0.6399 0.6493 0.6595 -0.0062 -0.0140 0.0354  6  GLY A C   
35  O O   . GLY A 7  ? 0.6268 0.6477 0.6467 -0.0071 -0.0137 0.0335  6  GLY A O   
36  N N   . ILE A 8  ? 0.5994 0.6097 0.6256 -0.0039 -0.0198 0.0311  7  ILE A N   
37  C CA  . ILE A 8  ? 0.6073 0.6302 0.6403 -0.0021 -0.0238 0.0239  7  ILE A CA  
38  C C   . ILE A 8  ? 0.6224 0.6552 0.6549 0.0030  -0.0280 0.0248  7  ILE A C   
39  O O   . ILE A 8  ? 0.5623 0.6078 0.5994 0.0015  -0.0278 0.0210  7  ILE A O   
40  C CB  . ILE A 8  ? 0.6127 0.6249 0.6471 0.0007  -0.0234 0.0198  7  ILE A CB  
41  C CG1 . ILE A 8  ? 0.6453 0.6452 0.6786 -0.0067 -0.0240 0.0169  7  ILE A CG1 
42  C CG2 . ILE A 8  ? 0.6370 0.6555 0.6741 0.0050  -0.0211 0.0143  7  ILE A CG2 
43  C CD1 . ILE A 8  ? 0.6783 0.6582 0.7039 -0.0044 -0.0234 0.0120  7  ILE A CD1 
44  N N   . LYS A 9  ? 0.6031 0.6279 0.6302 0.0083  -0.0339 0.0299  8  LYS A N   
45  C CA  . LYS A 9  ? 0.5989 0.6299 0.6282 0.0123  -0.0444 0.0309  8  LYS A CA  
46  C C   . LYS A 9  ? 0.5803 0.6125 0.5940 0.0079  -0.0435 0.0307  8  LYS A C   
47  O O   . LYS A 9  ? 0.5950 0.6398 0.6180 0.0075  -0.0480 0.0273  8  LYS A O   
48  C CB  . LYS A 9  ? 0.6214 0.6361 0.6425 0.0188  -0.0568 0.0373  8  LYS A CB  
49  N N   . GLU A 10 ? 0.5957 0.6133 0.5888 0.0049  -0.0354 0.0343  9  GLU A N   
50  C CA  . GLU A 10 ? 0.6131 0.6263 0.5900 0.0020  -0.0292 0.0346  9  GLU A CA  
51  C C   . GLU A 10 ? 0.5657 0.6011 0.5644 -0.0024 -0.0237 0.0292  9  GLU A C   
52  O O   . GLU A 10 ? 0.5592 0.5983 0.5528 -0.0030 -0.0244 0.0271  9  GLU A O   
53  C CB  . GLU A 10 ? 0.6899 0.6800 0.6456 0.0006  -0.0149 0.0409  9  GLU A CB  
54  C CG  . GLU A 10 ? 0.8063 0.7640 0.7253 0.0057  -0.0210 0.0472  9  GLU A CG  
55  C CD  . GLU A 10 ? 0.8922 0.8188 0.7830 0.0049  -0.0012 0.0547  9  GLU A CD  
56  O OE1 . GLU A 10 ? 0.9228 0.8501 0.8180 0.0013  0.0181  0.0549  9  GLU A OE1 
57  O OE2 . GLU A 10 ? 0.9968 0.8961 0.8628 0.0085  -0.0035 0.0610  9  GLU A OE2 
58  N N   . ILE A 11 ? 0.5308 0.5754 0.5483 -0.0052 -0.0206 0.0270  10 ILE A N   
59  C CA  . ILE A 11 ? 0.5191 0.5783 0.5514 -0.0087 -0.0200 0.0223  10 ILE A CA  
60  C C   . ILE A 11 ? 0.4909 0.5594 0.5251 -0.0062 -0.0253 0.0182  10 ILE A C   
61  O O   . ILE A 11 ? 0.4720 0.5475 0.5071 -0.0076 -0.0245 0.0164  10 ILE A O   
62  C CB  . ILE A 11 ? 0.5091 0.5670 0.5532 -0.0123 -0.0210 0.0205  10 ILE A CB  
63  C CG1 . ILE A 11 ? 0.5274 0.5796 0.5821 -0.0167 -0.0147 0.0253  10 ILE A CG1 
64  C CG2 . ILE A 11 ? 0.5074 0.5718 0.5561 -0.0145 -0.0260 0.0157  10 ILE A CG2 
65  C CD1 . ILE A 11 ? 0.5427 0.5884 0.6093 -0.0211 -0.0196 0.0237  10 ILE A CD1 
66  N N   . ALA A 12 ? 0.5072 0.5748 0.5457 -0.0022 -0.0285 0.0173  11 ALA A N   
67  C CA  . ALA A 12 ? 0.5396 0.6161 0.5899 0.0003  -0.0295 0.0146  11 ALA A CA  
68  C C   . ALA A 12 ? 0.5129 0.5940 0.5621 -0.0005 -0.0357 0.0154  11 ALA A C   
69  O O   . ALA A 12 ? 0.4908 0.5799 0.5463 -0.0023 -0.0333 0.0128  11 ALA A O   
70  C CB  . ALA A 12 ? 0.5865 0.6611 0.6506 0.0058  -0.0301 0.0153  11 ALA A CB  
71  N N   . LYS A 13 ? 0.5605 0.6311 0.5960 0.0008  -0.0435 0.0189  12 LYS A N   
72  C CA  . LYS A 13 ? 0.5822 0.6470 0.6059 0.0000  -0.0526 0.0188  12 LYS A CA  
73  C C   . LYS A 13 ? 0.5591 0.6249 0.5724 -0.0038 -0.0434 0.0166  12 LYS A C   
74  O O   . LYS A 13 ? 0.5143 0.5839 0.5310 -0.0055 -0.0473 0.0138  12 LYS A O   
75  C CB  . LYS A 13 ? 0.6325 0.6728 0.6269 0.0025  -0.0615 0.0231  12 LYS A CB  
76  C CG  . LYS A 13 ? 0.7009 0.7239 0.6719 0.0021  -0.0754 0.0224  12 LYS A CG  
77  N N   . GLY A 14 ? 0.5370 0.5988 0.5429 -0.0050 -0.0319 0.0184  13 GLY A N   
78  C CA  . GLY A 14 ? 0.5098 0.5733 0.5143 -0.0074 -0.0224 0.0175  13 GLY A CA  
79  C C   . GLY A 14 ? 0.4551 0.5347 0.4776 -0.0090 -0.0228 0.0142  13 GLY A C   
80  O O   . GLY A 14 ? 0.4773 0.5579 0.4981 -0.0098 -0.0209 0.0126  13 GLY A O   
81  N N   . ILE A 15 ? 0.4560 0.5423 0.4900 -0.0091 -0.0243 0.0130  14 ILE A N   
82  C CA  . ILE A 15 ? 0.4507 0.5425 0.4907 -0.0100 -0.0232 0.0103  14 ILE A CA  
83  C C   . ILE A 15 ? 0.4607 0.5566 0.5056 -0.0097 -0.0237 0.0086  14 ILE A C   
84  O O   . ILE A 15 ? 0.3997 0.4966 0.4439 -0.0111 -0.0210 0.0076  14 ILE A O   
85  C CB  . ILE A 15 ? 0.4672 0.5542 0.5067 -0.0093 -0.0229 0.0090  14 ILE A CB  
86  C CG1 . ILE A 15 ? 0.4787 0.5609 0.5183 -0.0119 -0.0260 0.0100  14 ILE A CG1 
87  C CG2 . ILE A 15 ? 0.4676 0.5497 0.5017 -0.0087 -0.0186 0.0065  14 ILE A CG2 
88  C CD1 . ILE A 15 ? 0.5250 0.6077 0.5670 -0.0140 -0.0299 0.0101  14 ILE A CD1 
89  N N   . LYS A 16 ? 0.4734 0.5709 0.5265 -0.0082 -0.0287 0.0089  15 LYS A N   
90  C CA  . LYS A 16 ? 0.4974 0.6003 0.5663 -0.0092 -0.0324 0.0077  15 LYS A CA  
91  C C   . LYS A 16 ? 0.4681 0.5659 0.5241 -0.0121 -0.0364 0.0065  15 LYS A C   
92  O O   . LYS A 16 ? 0.4913 0.5922 0.5561 -0.0145 -0.0341 0.0049  15 LYS A O   
93  C CB  . LYS A 16 ? 0.5170 0.6216 0.6027 -0.0068 -0.0430 0.0092  15 LYS A CB  
94  C CG  . LYS A 16 ? 0.5776 0.6857 0.6796 -0.0027 -0.0360 0.0102  15 LYS A CG  
95  N N   . GLU A 17 ? 0.4607 0.5467 0.4942 -0.0114 -0.0392 0.0074  16 GLU A N   
96  C CA  . GLU A 17 ? 0.4782 0.5517 0.4925 -0.0127 -0.0391 0.0059  16 GLU A CA  
97  C C   . GLU A 17 ? 0.4435 0.5225 0.4615 -0.0133 -0.0278 0.0056  16 GLU A C   
98  O O   . GLU A 17 ? 0.4485 0.5233 0.4634 -0.0148 -0.0274 0.0035  16 GLU A O   
99  C CB  . GLU A 17 ? 0.5415 0.5940 0.5258 -0.0105 -0.0381 0.0078  16 GLU A CB  
100 C CG  . GLU A 17 ? 0.6567 0.6937 0.6260 -0.0097 -0.0551 0.0082  16 GLU A CG  
101 C CD  . GLU A 17 ? 0.7572 0.7637 0.6854 -0.0068 -0.0522 0.0110  16 GLU A CD  
102 O OE1 . GLU A 17 ? 0.8513 0.8435 0.7588 -0.0060 -0.0356 0.0114  16 GLU A OE1 
103 O OE2 . GLU A 17 ? 0.9338 0.9287 0.8511 -0.0047 -0.0647 0.0136  16 GLU A OE2 
104 N N   . ILE A 18 ? 0.4267 0.5126 0.4516 -0.0122 -0.0213 0.0078  17 ILE A N   
105 C CA  . ILE A 18 ? 0.3976 0.4871 0.4288 -0.0122 -0.0162 0.0085  17 ILE A CA  
106 C C   . ILE A 18 ? 0.3910 0.4831 0.4265 -0.0135 -0.0170 0.0070  17 ILE A C   
107 O O   . ILE A 18 ? 0.3873 0.4762 0.4213 -0.0137 -0.0146 0.0070  17 ILE A O   
108 C CB  . ILE A 18 ? 0.3860 0.4793 0.4262 -0.0117 -0.0160 0.0110  17 ILE A CB  
109 C CG1 . ILE A 18 ? 0.4004 0.4899 0.4423 -0.0108 -0.0098 0.0139  17 ILE A CG1 
110 C CG2 . ILE A 18 ? 0.3870 0.4811 0.4341 -0.0113 -0.0179 0.0121  17 ILE A CG2 
111 C CD1 . ILE A 18 ? 0.3839 0.4772 0.4408 -0.0120 -0.0115 0.0163  17 ILE A CD1 
112 N N   . ALA A 19 ? 0.4052 0.5004 0.4465 -0.0140 -0.0174 0.0064  18 ALA A N   
113 C CA  . ALA A 19 ? 0.4292 0.5230 0.4755 -0.0150 -0.0117 0.0059  18 ALA A CA  
114 C C   . ALA A 19 ? 0.4343 0.5285 0.4884 -0.0180 -0.0130 0.0046  18 ALA A C   
115 O O   . ALA A 19 ? 0.4352 0.5240 0.4866 -0.0191 -0.0075 0.0052  18 ALA A O   
116 C CB  . ALA A 19 ? 0.4481 0.5435 0.5042 -0.0139 -0.0073 0.0059  18 ALA A CB  
117 N N   . TRP A 20 ? 0.4626 0.5585 0.5221 -0.0192 -0.0221 0.0030  19 TRP A N   
118 C CA  . TRP A 20 ? 0.4854 0.5765 0.5491 -0.0231 -0.0286 0.0004  19 TRP A CA  
119 C C   . TRP A 20 ? 0.4721 0.5523 0.5162 -0.0229 -0.0245 -0.0005 19 TRP A C   
120 O O   . TRP A 20 ? 0.4788 0.5552 0.5280 -0.0257 -0.0218 -0.0014 19 TRP A O   
121 C CB  . TRP A 20 ? 0.5439 0.6298 0.6057 -0.0240 -0.0448 -0.0013 19 TRP A CB  
122 C CG  . TRP A 20 ? 0.5981 0.6717 0.6574 -0.0287 -0.0569 -0.0051 19 TRP A CG  
123 C CD1 . TRP A 20 ? 0.6337 0.7126 0.7249 -0.0340 -0.0661 -0.0065 19 TRP A CD1 
124 C CD2 . TRP A 20 ? 0.6555 0.7056 0.6788 -0.0287 -0.0607 -0.0083 19 TRP A CD2 
125 N NE1 . TRP A 20 ? 0.6477 0.7074 0.7233 -0.0384 -0.0797 -0.0109 19 TRP A NE1 
126 C CE2 . TRP A 20 ? 0.6967 0.7358 0.7259 -0.0347 -0.0757 -0.0124 19 TRP A CE2 
127 C CE3 . TRP A 20 ? 0.7150 0.7496 0.7038 -0.0242 -0.0511 -0.0080 19 TRP A CE3 
128 C CZ2 . TRP A 20 ? 0.7442 0.7528 0.7358 -0.0359 -0.0821 -0.0173 19 TRP A CZ2 
129 C CZ3 . TRP A 20 ? 0.7514 0.7572 0.7064 -0.0243 -0.0526 -0.0119 19 TRP A CZ3 
130 C CH2 . TRP A 20 ? 0.7964 0.7870 0.7480 -0.0300 -0.0685 -0.0170 19 TRP A CH2 
131 N N   . GLY A 21 ? 0.4828 0.5571 0.5090 -0.0193 -0.0221 0.0003  20 GLY A N   
132 C CA  . GLY A 21 ? 0.4714 0.5350 0.4852 -0.0172 -0.0153 0.0001  20 GLY A CA  
133 C C   . GLY A 21 ? 0.4189 0.4872 0.4420 -0.0161 -0.0094 0.0028  20 GLY A C   
134 O O   . GLY A 21 ? 0.4191 0.4782 0.4384 -0.0160 -0.0060 0.0021  20 GLY A O   
135 N N   . ILE A 22 ? 0.4113 0.4878 0.4410 -0.0152 -0.0094 0.0056  21 ILE A N   
136 C CA  . ILE A 22 ? 0.4380 0.5105 0.4664 -0.0135 -0.0076 0.0088  21 ILE A CA  
137 C C   . ILE A 22 ? 0.4360 0.5016 0.4635 -0.0166 -0.0030 0.0085  21 ILE A C   
138 O O   . ILE A 22 ? 0.4241 0.4799 0.4463 -0.0154 -0.0007 0.0103  21 ILE A O   
139 C CB  . ILE A 22 ? 0.4319 0.5055 0.4572 -0.0122 -0.0113 0.0110  21 ILE A CB  
140 C CG1 . ILE A 22 ? 0.4437 0.5232 0.4776 -0.0099 -0.0164 0.0125  21 ILE A CG1 
141 C CG2 . ILE A 22 ? 0.4646 0.5233 0.4752 -0.0109 -0.0116 0.0139  21 ILE A CG2 
142 C CD1 . ILE A 22 ? 0.4527 0.5307 0.4973 -0.0066 -0.0179 0.0156  21 ILE A CD1 
143 N N   . LYS A 23 ? 0.4510 0.5212 0.4883 -0.0204 -0.0015 0.0065  22 LYS A N   
144 C CA  . LYS A 23 ? 0.4959 0.5615 0.5438 -0.0248 0.0052  0.0065  22 LYS A CA  
145 C C   . LYS A 23 ? 0.4794 0.5385 0.5279 -0.0277 0.0014  0.0038  22 LYS A C   
146 O O   . LYS A 23 ? 0.5204 0.5693 0.5686 -0.0295 0.0082  0.0054  22 LYS A O   
147 C CB  . LYS A 23 ? 0.5097 0.5855 0.5814 -0.0278 0.0070  0.0056  22 LYS A CB  
148 C CG  . LYS A 23 ? 0.5838 0.6552 0.6505 -0.0248 0.0197  0.0088  22 LYS A CG  
149 C CD  . LYS A 23 ? 0.6165 0.6988 0.7109 -0.0253 0.0237  0.0085  22 LYS A CD  
150 C CE  . LYS A 23 ? 0.6666 0.7359 0.7504 -0.0218 0.0426  0.0113  22 LYS A CE  
151 N NZ  . LYS A 23 ? 0.6909 0.7697 0.8135 -0.0221 0.0537  0.0120  22 LYS A NZ  
152 N N   . GLU A 24 ? 0.4983 0.5571 0.5415 -0.0277 -0.0077 -0.0002 23 GLU A N   
153 C CA  . GLU A 24 ? 0.5123 0.5559 0.5448 -0.0296 -0.0113 -0.0043 23 GLU A CA  
154 C C   . GLU A 24 ? 0.4967 0.5310 0.5184 -0.0247 -0.0024 -0.0016 23 GLU A C   
155 O O   . GLU A 24 ? 0.5324 0.5537 0.5525 -0.0271 0.0001  -0.0028 23 GLU A O   
156 C CB  . GLU A 24 ? 0.5548 0.5896 0.5691 -0.0283 -0.0195 -0.0083 23 GLU A CB  
157 C CG  . GLU A 24 ? 0.6176 0.6544 0.6399 -0.0331 -0.0346 -0.0111 23 GLU A CG  
158 C CD  . GLU A 24 ? 0.6345 0.6636 0.6712 -0.0410 -0.0460 -0.0151 23 GLU A CD  
159 O OE1 . GLU A 24 ? 0.7001 0.7065 0.7154 -0.0426 -0.0490 -0.0195 23 GLU A OE1 
160 O OE2 . GLU A 24 ? 0.6973 0.7415 0.7690 -0.0454 -0.0517 -0.0138 23 GLU A OE2 
161 N N   . ILE A 25 ? 0.4630 0.5031 0.4818 -0.0183 0.0006  0.0022  24 ILE A N   
162 C CA  . ILE A 25 ? 0.4537 0.4873 0.4714 -0.0123 0.0054  0.0062  24 ILE A CA  
163 C C   . ILE A 25 ? 0.4318 0.4588 0.4484 -0.0135 0.0070  0.0101  24 ILE A C   
164 O O   . ILE A 25 ? 0.5091 0.5228 0.5225 -0.0118 0.0104  0.0114  24 ILE A O   
165 C CB  . ILE A 25 ? 0.4463 0.4902 0.4721 -0.0067 0.0039  0.0100  24 ILE A CB  
166 C CG1 . ILE A 25 ? 0.4477 0.4916 0.4725 -0.0049 0.0089  0.0075  24 ILE A CG1 
167 C CG2 . ILE A 25 ? 0.4468 0.4863 0.4811 -0.0007 0.0030  0.0155  24 ILE A CG2 
168 C CD1 . ILE A 25 ? 0.4518 0.5083 0.4922 -0.0016 0.0083  0.0114  24 ILE A CD1 
169 N N   . ALA A 26 ? 0.4666 0.4975 0.4820 -0.0154 0.0068  0.0125  25 ALA A N   
170 C CA  . ALA A 26 ? 0.5055 0.5215 0.5097 -0.0159 0.0125  0.0172  25 ALA A CA  
171 C C   . ALA A 26 ? 0.5629 0.5696 0.5732 -0.0215 0.0206  0.0160  25 ALA A C   
172 O O   . ALA A 26 ? 0.6055 0.5938 0.6044 -0.0199 0.0252  0.0203  25 ALA A O   
173 C CB  . ALA A 26 ? 0.5128 0.5296 0.5112 -0.0170 0.0161  0.0184  25 ALA A CB  
174 N N   . GLN A 27 ? 0.5805 0.5969 0.6088 -0.0281 0.0196  0.0105  26 GLN A N   
175 C CA  . GLN A 27 ? 0.6420 0.6503 0.6842 -0.0356 0.0234  0.0084  26 GLN A CA  
176 C C   . GLN A 27 ? 0.7060 0.7005 0.7369 -0.0340 0.0197  0.0056  26 GLN A C   
177 O O   . GLN A 27 ? 0.7824 0.7609 0.8127 -0.0365 0.0261  0.0074  26 GLN A O   
178 C CB  . GLN A 27 ? 0.6055 0.6273 0.6745 -0.0430 0.0165  0.0034  26 GLN A CB  
179 C CG  . GLN A 27 ? 0.6546 0.6699 0.7492 -0.0525 0.0181  0.0019  26 GLN A CG  
180 C CD  . GLN A 27 ? 0.6285 0.6560 0.7546 -0.0599 0.0031  -0.0032 26 GLN A CD  
181 O OE1 . GLN A 27 ? 0.5910 0.6292 0.7140 -0.0571 -0.0086 -0.0056 26 GLN A OE1 
182 N NE2 . GLN A 27 ? 0.6749 0.6990 0.8341 -0.0696 0.0017  -0.0043 26 GLN A NE2 
183 N N   . GLY A 28 ? 0.7397 0.7367 0.7610 -0.0294 0.0129  0.0019  27 GLY A N   
184 C CA  . GLY A 28 ? 0.7738 0.7539 0.7819 -0.0260 0.0137  -0.0015 27 GLY A CA  
185 C C   . GLY A 28 ? 0.8279 0.7981 0.8317 -0.0186 0.0206  0.0048  27 GLY A C   
186 O O   . GLY A 28 ? 0.8902 0.8418 0.8874 -0.0170 0.0245  0.0028  27 GLY A O   
187 N N   . ILE A 29 ? 0.8335 0.8115 0.8383 -0.0138 0.0202  0.0121  28 ILE A N   
188 C CA  . ILE A 29 ? 0.8677 0.8332 0.8674 -0.0064 0.0207  0.0197  28 ILE A CA  
189 C C   . ILE A 29 ? 0.9393 0.8851 0.9295 -0.0108 0.0273  0.0231  28 ILE A C   
190 O O   . ILE A 29 ? 0.9724 0.9001 0.9556 -0.0056 0.0285  0.0280  28 ILE A O   
191 C CB  . ILE A 29 ? 0.8297 0.8043 0.8287 -0.0007 0.0120  0.0255  28 ILE A CB  
192 C CG1 . ILE A 29 ? 0.8024 0.7930 0.8192 0.0048  0.0082  0.0241  28 ILE A CG1 
193 C CG2 . ILE A 29 ? 0.8710 0.8260 0.8571 0.0051  0.0067  0.0342  28 ILE A CG2 
194 C CD1 . ILE A 29 ? 0.7876 0.7893 0.8104 0.0079  -0.0033 0.0283  28 ILE A CD1 
195 N N   . LYS A 30 ? 0.9818 0.9305 0.9758 -0.0197 0.0327  0.0215  29 LYS A N   
196 C CA  . LYS A 30 ? 1.0321 0.9619 1.0233 -0.0256 0.0444  0.0253  29 LYS A CA  
197 C C   . LYS A 30 ? 1.0581 0.9822 1.0647 -0.0336 0.0458  0.0188  29 LYS A C   
198 O O   . LYS A 30 ? 1.1331 1.0366 1.1379 -0.0369 0.0543  0.0219  29 LYS A O   
199 C CB  . LYS A 30 ? 1.0445 0.9801 1.0410 -0.0309 0.0536  0.0273  29 LYS A CB  
200 C CG  . LYS A 30 ? 1.0483 0.9802 1.0205 -0.0238 0.0523  0.0326  29 LYS A CG  
201 C CD  . LYS A 30 ? 1.0861 1.0199 1.0619 -0.0280 0.0656  0.0336  29 LYS A CD  
202 C CE  . LYS A 30 ? 1.1130 1.0385 1.0585 -0.0213 0.0624  0.0368  29 LYS A CE  
203 N NZ  . LYS A 30 ? 1.1641 1.0572 1.0677 -0.0139 0.0566  0.0440  29 LYS A NZ  
204 N N   . GLY B 2  ? 0.9758 0.7584 0.8991 -0.0439 -0.0094 0.0298  1  GLY B N   
205 C CA  . GLY B 2  ? 0.9615 0.7726 0.9138 -0.0476 -0.0044 0.0158  1  GLY B CA  
206 C C   . GLY B 2  ? 0.9482 0.7939 0.9117 -0.0528 0.0010  0.0118  1  GLY B C   
207 O O   . GLY B 2  ? 0.9271 0.7808 0.8806 -0.0498 0.0018  0.0178  1  GLY B O   
208 N N   . GLU B 3  ? 0.9327 0.7946 0.9156 -0.0603 0.0018  0.0021  2  GLU B N   
209 C CA  . GLU B 3  ? 0.9160 0.8084 0.9154 -0.0643 0.0005  -0.0023 2  GLU B CA  
210 C C   . GLU B 3  ? 0.8875 0.7966 0.8795 -0.0532 -0.0063 -0.0044 2  GLU B C   
211 O O   . GLU B 3  ? 0.8439 0.7717 0.8396 -0.0523 -0.0057 -0.0016 2  GLU B O   
212 C CB  . GLU B 3  ? 0.9045 0.8014 0.9228 -0.0745 -0.0061 -0.0121 2  GLU B CB  
213 N N   . ILE B 4  ? 0.8920 0.7927 0.8769 -0.0461 -0.0096 -0.0103 3  ILE B N   
214 C CA  . ILE B 4  ? 0.8624 0.7752 0.8442 -0.0368 -0.0108 -0.0144 3  ILE B CA  
215 C C   . ILE B 4  ? 0.8536 0.7708 0.8351 -0.0279 -0.0121 -0.0050 3  ILE B C   
216 O O   . ILE B 4  ? 0.7759 0.7114 0.7574 -0.0255 -0.0128 -0.0042 3  ILE B O   
217 C CB  . ILE B 4  ? 0.8740 0.7722 0.8554 -0.0329 -0.0071 -0.0255 3  ILE B CB  
218 C CG1 . ILE B 4  ? 0.9003 0.7890 0.8681 -0.0436 -0.0076 -0.0364 3  ILE B CG1 
219 C CG2 . ILE B 4  ? 0.8564 0.7644 0.8449 -0.0230 -0.0029 -0.0296 3  ILE B CG2 
220 C CD1 . ILE B 4  ? 0.9459 0.8131 0.9072 -0.0422 0.0016  -0.0499 3  ILE B CD1 
221 N N   . ALA B 5  ? 0.8352 0.7310 0.8124 -0.0241 -0.0151 0.0022  4  ALA B N   
222 C CA  . ALA B 5  ? 0.8358 0.7242 0.8032 -0.0174 -0.0225 0.0124  4  ALA B CA  
223 C C   . ALA B 5  ? 0.8199 0.7183 0.7733 -0.0242 -0.0169 0.0182  4  ALA B C   
224 O O   . ALA B 5  ? 0.8093 0.7180 0.7595 -0.0189 -0.0216 0.0204  4  ALA B O   
225 N N   . GLN B 6  ? 0.7924 0.6880 0.7436 -0.0357 -0.0060 0.0192  5  GLN B N   
226 C CA  . GLN B 6  ? 0.7940 0.6990 0.7426 -0.0433 0.0051  0.0218  5  GLN B CA  
227 C C   . GLN B 6  ? 0.7292 0.6675 0.6963 -0.0398 0.0019  0.0157  5  GLN B C   
228 O O   . GLN B 6  ? 0.6876 0.6326 0.6479 -0.0382 0.0043  0.0184  5  GLN B O   
229 C CB  . GLN B 6  ? 0.8001 0.6999 0.7611 -0.0566 0.0192  0.0202  5  GLN B CB  
230 N N   . GLY B 7  ? 0.6997 0.6518 0.6832 -0.0401 -0.0038 0.0077  6  GLY B N   
231 C CA  . GLY B 7  ? 0.6653 0.6392 0.6570 -0.0385 -0.0094 0.0030  6  GLY B CA  
232 C C   . GLY B 7  ? 0.6120 0.5920 0.5942 -0.0294 -0.0118 0.0041  6  GLY B C   
233 O O   . GLY B 7  ? 0.6126 0.6062 0.5965 -0.0285 -0.0119 0.0054  6  GLY B O   
234 N N   . ILE B 8  ? 0.6136 0.5836 0.5922 -0.0229 -0.0139 0.0028  7  ILE B N   
235 C CA  . ILE B 8  ? 0.6323 0.6088 0.6141 -0.0143 -0.0170 0.0021  7  ILE B CA  
236 C C   . ILE B 8  ? 0.6454 0.6200 0.6169 -0.0126 -0.0206 0.0106  7  ILE B C   
237 O O   . ILE B 8  ? 0.5837 0.5716 0.5579 -0.0099 -0.0220 0.0099  7  ILE B O   
238 C CB  . ILE B 8  ? 0.6626 0.6280 0.6569 -0.0073 -0.0192 -0.0024 7  ILE B CB  
239 C CG1 . ILE B 8  ? 0.6989 0.6623 0.6972 -0.0103 -0.0104 -0.0140 7  ILE B CG1 
240 C CG2 . ILE B 8  ? 0.6615 0.6336 0.6719 0.0017  -0.0256 -0.0026 7  ILE B CG2 
241 C CD1 . ILE B 8  ? 0.7302 0.7049 0.7233 -0.0134 -0.0031 -0.0208 7  ILE B CD1 
242 N N   . LYS B 9  ? 0.6541 0.6082 0.6092 -0.0159 -0.0202 0.0178  8  LYS B N   
243 C CA  . LYS B 9  ? 0.6612 0.6009 0.5917 -0.0173 -0.0211 0.0254  8  LYS B CA  
244 C C   . LYS B 9  ? 0.6195 0.5773 0.5534 -0.0223 -0.0101 0.0232  8  LYS B C   
245 O O   . LYS B 9  ? 0.6334 0.5924 0.5572 -0.0202 -0.0127 0.0246  8  LYS B O   
246 C CB  . LYS B 9  ? 0.7065 0.6103 0.6080 -0.0237 -0.0178 0.0331  8  LYS B CB  
247 C CG  . LYS B 9  ? 0.7620 0.6369 0.6218 -0.0281 -0.0171 0.0404  8  LYS B CG  
248 N N   . GLU B 10 ? 0.5643 0.5344 0.5162 -0.0284 -0.0005 0.0194  9  GLU B N   
249 C CA  . GLU B 10 ? 0.5521 0.5398 0.5200 -0.0321 0.0077  0.0166  9  GLU B CA  
250 C C   . GLU B 10 ? 0.5434 0.5511 0.5198 -0.0260 -0.0018 0.0136  9  GLU B C   
251 O O   . GLU B 10 ? 0.5381 0.5529 0.5162 -0.0255 0.0015  0.0136  9  GLU B O   
252 C CB  . GLU B 10 ? 0.5791 0.5745 0.5748 -0.0394 0.0133  0.0127  9  GLU B CB  
253 C CG  . GLU B 10 ? 0.6543 0.6291 0.6450 -0.0484 0.0296  0.0147  9  GLU B CG  
254 N N   . ILE B 11 ? 0.5185 0.5306 0.4974 -0.0227 -0.0101 0.0104  10 ILE B N   
255 C CA  . ILE B 11 ? 0.5112 0.5348 0.4912 -0.0194 -0.0147 0.0072  10 ILE B CA  
256 C C   . ILE B 11 ? 0.4989 0.5228 0.4730 -0.0142 -0.0159 0.0094  10 ILE B C   
257 O O   . ILE B 11 ? 0.4728 0.5053 0.4476 -0.0139 -0.0157 0.0093  10 ILE B O   
258 C CB  . ILE B 11 ? 0.5028 0.5224 0.4806 -0.0198 -0.0163 0.0014  10 ILE B CB  
259 C CG1 . ILE B 11 ? 0.5170 0.5320 0.4944 -0.0265 -0.0204 -0.0012 10 ILE B CG1 
260 C CG2 . ILE B 11 ? 0.5030 0.5272 0.4767 -0.0184 -0.0145 -0.0022 10 ILE B CG2 
261 C CD1 . ILE B 11 ? 0.5577 0.5587 0.5236 -0.0290 -0.0193 -0.0080 10 ILE B CD1 
262 N N   . ALA B 12 ? 0.5138 0.5259 0.4833 -0.0105 -0.0203 0.0114  11 ALA B N   
263 C CA  . ALA B 12 ? 0.5510 0.5587 0.5162 -0.0061 -0.0287 0.0133  11 ALA B CA  
264 C C   . ALA B 12 ? 0.5666 0.5692 0.5129 -0.0097 -0.0252 0.0168  11 ALA B C   
265 O O   . ALA B 12 ? 0.5646 0.5747 0.5130 -0.0082 -0.0282 0.0153  11 ALA B O   
266 C CB  . ALA B 12 ? 0.5999 0.5881 0.5614 -0.0019 -0.0405 0.0167  11 ALA B CB  
267 N N   . LYS B 13 ? 0.6100 0.5990 0.5410 -0.0153 -0.0156 0.0199  12 LYS B N   
268 C CA  . LYS B 13 ? 0.6327 0.6119 0.5463 -0.0205 -0.0045 0.0207  12 LYS B CA  
269 C C   . LYS B 13 ? 0.5674 0.5708 0.5042 -0.0195 0.0003  0.0161  12 LYS B C   
270 O O   . LYS B 13 ? 0.5358 0.5356 0.4622 -0.0195 0.0018  0.0152  12 LYS B O   
271 C CB  . LYS B 13 ? 0.6757 0.6380 0.5797 -0.0286 0.0125  0.0219  12 LYS B CB  
272 C CG  . LYS B 13 ? 0.7155 0.6603 0.5997 -0.0359 0.0316  0.0202  12 LYS B CG  
273 C CD  . LYS B 13 ? 0.7571 0.6827 0.6356 -0.0464 0.0551  0.0196  12 LYS B CD  
274 N N   . GLY B 14 ? 0.5234 0.5451 0.4868 -0.0195 0.0005  0.0137  13 GLY B N   
275 C CA  . GLY B 14 ? 0.4922 0.5302 0.4754 -0.0185 -0.0005 0.0111  13 GLY B CA  
276 C C   . GLY B 14 ? 0.4700 0.5133 0.4470 -0.0147 -0.0086 0.0108  13 GLY B C   
277 O O   . GLY B 14 ? 0.4594 0.5064 0.4400 -0.0141 -0.0075 0.0100  13 GLY B O   
278 N N   . ILE B 15 ? 0.4406 0.4831 0.4130 -0.0128 -0.0144 0.0103  14 ILE B N   
279 C CA  . ILE B 15 ? 0.4538 0.5019 0.4285 -0.0111 -0.0176 0.0078  14 ILE B CA  
280 C C   . ILE B 15 ? 0.4642 0.5082 0.4325 -0.0096 -0.0207 0.0085  14 ILE B C   
281 O O   . ILE B 15 ? 0.4100 0.4589 0.3815 -0.0101 -0.0205 0.0070  14 ILE B O   
282 C CB  . ILE B 15 ? 0.4738 0.5221 0.4560 -0.0096 -0.0181 0.0043  14 ILE B CB  
283 C CG1 . ILE B 15 ? 0.4934 0.5393 0.4713 -0.0136 -0.0141 0.0018  14 ILE B CG1 
284 C CG2 . ILE B 15 ? 0.4761 0.5299 0.4717 -0.0082 -0.0184 0.0001  14 ILE B CG2 
285 C CD1 . ILE B 15 ? 0.5377 0.5813 0.5058 -0.0179 -0.0120 0.0009  14 ILE B CD1 
286 N N   . LYS B 16 ? 0.5127 0.5419 0.4659 -0.0093 -0.0243 0.0111  15 LYS B N   
287 C CA  . LYS B 16 ? 0.5813 0.5957 0.5152 -0.0099 -0.0304 0.0118  15 LYS B CA  
288 C C   . LYS B 16 ? 0.5538 0.5680 0.4815 -0.0129 -0.0187 0.0101  15 LYS B C   
289 O O   . LYS B 16 ? 0.5558 0.5681 0.4795 -0.0132 -0.0224 0.0080  15 LYS B O   
290 C CB  . LYS B 16 ? 0.6495 0.6356 0.5538 -0.0114 -0.0367 0.0162  15 LYS B CB  
291 C CG  . LYS B 16 ? 0.7324 0.7104 0.6418 -0.0069 -0.0589 0.0176  15 LYS B CG  
292 C CD  . LYS B 16 ? 0.8174 0.7617 0.6948 -0.0082 -0.0688 0.0241  15 LYS B CD  
293 C CE  . LYS B 16 ? 0.8361 0.7874 0.7381 -0.0033 -0.0721 0.0249  15 LYS B CE  
294 N NZ  . LYS B 16 ? 0.9154 0.8352 0.7827 -0.0077 -0.0691 0.0317  15 LYS B NZ  
295 N N   . GLU B 17 ? 0.5347 0.5510 0.4681 -0.0150 -0.0055 0.0100  16 GLU B N   
296 C CA  . GLU B 17 ? 0.5346 0.5520 0.4757 -0.0165 0.0070  0.0067  16 GLU B CA  
297 C C   . GLU B 17 ? 0.4806 0.5150 0.4426 -0.0133 0.0006  0.0059  16 GLU B C   
298 O O   . GLU B 17 ? 0.5147 0.5455 0.4761 -0.0133 0.0042  0.0033  16 GLU B O   
299 C CB  . GLU B 17 ? 0.5677 0.5872 0.5266 -0.0191 0.0211  0.0053  16 GLU B CB  
300 C CG  . GLU B 17 ? 0.6440 0.6377 0.5749 -0.0255 0.0353  0.0053  16 GLU B CG  
301 C CD  . GLU B 17 ? 0.6953 0.6926 0.6530 -0.0300 0.0535  0.0022  16 GLU B CD  
302 O OE1 . GLU B 17 ? 0.7571 0.7727 0.7568 -0.0281 0.0584  -0.0023 16 GLU B OE1 
303 O OE2 . GLU B 17 ? 0.7719 0.7521 0.7119 -0.0357 0.0615  0.0043  16 GLU B OE2 
304 N N   . ILE B 18 ? 0.4355 0.4817 0.4100 -0.0121 -0.0071 0.0078  17 ILE B N   
305 C CA  . ILE B 18 ? 0.4192 0.4709 0.4005 -0.0117 -0.0128 0.0083  17 ILE B CA  
306 C C   . ILE B 18 ? 0.3945 0.4440 0.3674 -0.0122 -0.0144 0.0066  17 ILE B C   
307 O O   . ILE B 18 ? 0.4064 0.4541 0.3811 -0.0126 -0.0141 0.0061  17 ILE B O   
308 C CB  . ILE B 18 ? 0.4198 0.4731 0.4008 -0.0133 -0.0183 0.0097  17 ILE B CB  
309 C CG1 . ILE B 18 ? 0.4310 0.4854 0.4252 -0.0135 -0.0217 0.0109  17 ILE B CG1 
310 C CG2 . ILE B 18 ? 0.4216 0.4687 0.3937 -0.0158 -0.0214 0.0108  17 ILE B CG2 
311 C CD1 . ILE B 18 ? 0.4346 0.4848 0.4212 -0.0163 -0.0281 0.0113  17 ILE B CD1 
312 N N   . ALA B 19 ? 0.4194 0.4687 0.3888 -0.0120 -0.0180 0.0053  18 ALA B N   
313 C CA  . ALA B 19 ? 0.4444 0.4939 0.4175 -0.0128 -0.0233 0.0023  18 ALA B CA  
314 C C   . ALA B 19 ? 0.4631 0.5014 0.4223 -0.0139 -0.0241 0.0011  18 ALA B C   
315 O O   . ALA B 19 ? 0.4652 0.5043 0.4297 -0.0158 -0.0247 -0.0012 18 ALA B O   
316 C CB  . ALA B 19 ? 0.4734 0.5229 0.4536 -0.0110 -0.0322 0.0011  18 ALA B CB  
317 N N   . TRP B 20 ? 0.4843 0.5084 0.4237 -0.0142 -0.0208 0.0016  19 TRP B N   
318 C CA  . TRP B 20 ? 0.5269 0.5324 0.4449 -0.0169 -0.0162 -0.0017 19 TRP B CA  
319 C C   . TRP B 20 ? 0.4961 0.5085 0.4305 -0.0159 -0.0066 -0.0037 19 TRP B C   
320 O O   . TRP B 20 ? 0.5017 0.5067 0.4312 -0.0177 -0.0082 -0.0071 19 TRP B O   
321 C CB  . TRP B 20 ? 0.5916 0.5740 0.4803 -0.0200 -0.0064 -0.0018 19 TRP B CB  
322 C CG  . TRP B 20 ? 0.6301 0.5874 0.4913 -0.0246 0.0033  -0.0075 19 TRP B CG  
323 C CD1 . TRP B 20 ? 0.6694 0.6228 0.5381 -0.0256 0.0253  -0.0128 19 TRP B CD1 
324 C CD2 . TRP B 20 ? 0.6736 0.6069 0.5024 -0.0287 -0.0097 -0.0102 19 TRP B CD2 
325 N NE1 . TRP B 20 ? 0.7002 0.6249 0.5360 -0.0308 0.0317  -0.0193 19 TRP B NE1 
326 C CE2 . TRP B 20 ? 0.6869 0.5975 0.4938 -0.0333 0.0085  -0.0174 19 TRP B CE2 
327 C CE3 . TRP B 20 ? 0.6930 0.6201 0.5128 -0.0293 -0.0362 -0.0083 19 TRP B CE3 
328 C CZ2 . TRP B 20 ? 0.7709 0.6486 0.5363 -0.0396 0.0008  -0.0225 19 TRP B CZ2 
329 C CZ3 . TRP B 20 ? 0.7555 0.6522 0.5401 -0.0350 -0.0484 -0.0125 19 TRP B CZ3 
330 C CH2 . TRP B 20 ? 0.7667 0.6375 0.5195 -0.0406 -0.0301 -0.0192 19 TRP B CH2 
331 N N   . GLY B 21 ? 0.4600 0.4832 0.4148 -0.0134 -0.0001 -0.0016 20 GLY B N   
332 C CA  . GLY B 21 ? 0.4576 0.4839 0.4330 -0.0110 0.0037  -0.0025 20 GLY B CA  
333 C C   . GLY B 21 ? 0.4425 0.4712 0.4200 -0.0116 -0.0054 -0.0002 20 GLY B C   
334 O O   . GLY B 21 ? 0.4465 0.4680 0.4284 -0.0110 -0.0038 -0.0021 20 GLY B O   
335 N N   . ILE B 22 ? 0.4129 0.4482 0.3872 -0.0136 -0.0118 0.0028  21 ILE B N   
336 C CA  . ILE B 22 ? 0.4272 0.4603 0.4007 -0.0173 -0.0143 0.0041  21 ILE B CA  
337 C C   . ILE B 22 ? 0.4489 0.4779 0.4207 -0.0201 -0.0143 -0.0008 21 ILE B C   
338 O O   . ILE B 22 ? 0.4268 0.4478 0.3990 -0.0226 -0.0132 -0.0007 21 ILE B O   
339 C CB  . ILE B 22 ? 0.4355 0.4735 0.4072 -0.0205 -0.0138 0.0052  21 ILE B CB  
340 C CG1 . ILE B 22 ? 0.4747 0.5089 0.4406 -0.0198 -0.0168 0.0099  21 ILE B CG1 
341 C CG2 . ILE B 22 ? 0.4626 0.4961 0.4341 -0.0272 -0.0087 0.0033  21 ILE B CG2 
342 C CD1 . ILE B 22 ? 0.5286 0.5468 0.4857 -0.0212 -0.0229 0.0148  21 ILE B CD1 
343 N N   . LYS B 23 ? 0.4889 0.5183 0.4559 -0.0203 -0.0182 -0.0044 22 LYS B N   
344 C CA  . LYS B 23 ? 0.5566 0.5777 0.5191 -0.0238 -0.0245 -0.0098 22 LYS B CA  
345 C C   . LYS B 23 ? 0.5604 0.5658 0.5103 -0.0238 -0.0184 -0.0125 22 LYS B C   
346 O O   . LYS B 23 ? 0.6014 0.6004 0.5535 -0.0275 -0.0204 -0.0159 22 LYS B O   
347 C CB  . LYS B 23 ? 0.6027 0.6181 0.5542 -0.0237 -0.0362 -0.0115 22 LYS B CB  
348 C CG  . LYS B 23 ? 0.6560 0.6861 0.6317 -0.0232 -0.0451 -0.0115 22 LYS B CG  
349 C CD  . LYS B 23 ? 0.7551 0.7738 0.7236 -0.0229 -0.0656 -0.0130 22 LYS B CD  
350 C CE  . LYS B 23 ? 0.7931 0.7965 0.7536 -0.0277 -0.0802 -0.0181 22 LYS B CE  
351 N NZ  . LYS B 23 ? 0.8469 0.8441 0.8198 -0.0279 -0.1085 -0.0201 22 LYS B NZ  
352 N N   . GLU B 24 ? 0.5659 0.5652 0.5085 -0.0203 -0.0091 -0.0125 23 GLU B N   
353 C CA  . GLU B 24 ? 0.5896 0.5739 0.5289 -0.0195 0.0023  -0.0176 23 GLU B CA  
354 C C   . GLU B 24 ? 0.5929 0.5809 0.5542 -0.0172 0.0017  -0.0151 23 GLU B C   
355 O O   . GLU B 24 ? 0.5629 0.5371 0.5211 -0.0186 0.0045  -0.0199 23 GLU B O   
356 C CB  . GLU B 24 ? 0.6692 0.6508 0.6116 -0.0166 0.0168  -0.0193 23 GLU B CB  
357 C CG  . GLU B 24 ? 0.7362 0.6989 0.6428 -0.0215 0.0224  -0.0227 23 GLU B CG  
358 C CD  . GLU B 24 ? 0.8409 0.7876 0.7443 -0.0227 0.0476  -0.0298 23 GLU B CD  
359 O OE1 . GLU B 24 ? 0.8804 0.8443 0.8224 -0.0180 0.0566  -0.0291 23 GLU B OE1 
360 O OE2 . GLU B 24 ? 0.9666 0.8809 0.8292 -0.0295 0.0585  -0.0371 23 GLU B OE2 
361 N N   . ILE B 25 ? 0.5472 0.5469 0.5236 -0.0145 -0.0034 -0.0077 24 ILE B N   
362 C CA  . ILE B 25 ? 0.5365 0.5300 0.5228 -0.0137 -0.0087 -0.0024 24 ILE B CA  
363 C C   . ILE B 25 ? 0.5335 0.5198 0.5092 -0.0209 -0.0101 -0.0031 24 ILE B C   
364 O O   . ILE B 25 ? 0.6329 0.6048 0.6105 -0.0213 -0.0099 -0.0036 24 ILE B O   
365 C CB  . ILE B 25 ? 0.5069 0.5049 0.4962 -0.0126 -0.0171 0.0061  24 ILE B CB  
366 C CG1 . ILE B 25 ? 0.5249 0.5298 0.5361 -0.0058 -0.0181 0.0058  24 ILE B CG1 
367 C CG2 . ILE B 25 ? 0.5182 0.4979 0.4991 -0.0152 -0.0254 0.0132  24 ILE B CG2 
368 C CD1 . ILE B 25 ? 0.5268 0.5355 0.5372 -0.0059 -0.0290 0.0125  24 ILE B CD1 
369 N N   . ALA B 26 ? 0.5350 0.5309 0.5063 -0.0263 -0.0111 -0.0039 25 ALA B N   
370 C CA  . ALA B 26 ? 0.5561 0.5495 0.5299 -0.0348 -0.0104 -0.0065 25 ALA B CA  
371 C C   . ALA B 26 ? 0.6056 0.5886 0.5777 -0.0367 -0.0123 -0.0138 25 ALA B C   
372 O O   . ALA B 26 ? 0.5967 0.5684 0.5714 -0.0421 -0.0103 -0.0145 25 ALA B O   
373 C CB  . ALA B 26 ? 0.5538 0.5629 0.5380 -0.0382 -0.0113 -0.0093 25 ALA B CB  
374 N N   . GLN B 27 ? 0.6388 0.6197 0.6010 -0.0338 -0.0151 -0.0192 26 GLN B N   
375 C CA  . GLN B 27 ? 0.7066 0.6693 0.6555 -0.0373 -0.0173 -0.0276 26 GLN B CA  
376 C C   . GLN B 27 ? 0.7126 0.6597 0.6611 -0.0336 -0.0070 -0.0288 26 GLN B C   
377 O O   . GLN B 27 ? 0.7916 0.7238 0.7382 -0.0380 -0.0072 -0.0337 26 GLN B O   
378 C CB  . GLN B 27 ? 0.7426 0.6956 0.6663 -0.0375 -0.0224 -0.0324 26 GLN B CB  
379 C CG  . GLN B 27 ? 0.8596 0.7872 0.7599 -0.0444 -0.0302 -0.0416 26 GLN B CG  
380 C CD  . GLN B 27 ? 0.9321 0.8339 0.8107 -0.0438 -0.0144 -0.0483 26 GLN B CD  
381 O OE1 . GLN B 27 ? 1.0009 0.9039 0.8834 -0.0377 0.0024  -0.0473 26 GLN B OE1 
382 N NE2 . GLN B 27 ? 0.9926 0.8701 0.8527 -0.0507 -0.0191 -0.0570 26 GLN B NE2 
383 N N   . GLY B 28 ? 0.7398 0.6905 0.6966 -0.0258 0.0003  -0.0253 27 GLY B N   
384 C CA  . GLY B 28 ? 0.8130 0.7518 0.7842 -0.0197 0.0086  -0.0271 27 GLY B CA  
385 C C   . GLY B 28 ? 0.8745 0.8056 0.8572 -0.0199 0.0022  -0.0208 27 GLY B C   
386 O O   . GLY B 28 ? 0.9084 0.8229 0.9017 -0.0163 0.0061  -0.0244 27 GLY B O   
387 N N   . ILE B 29 ? 0.8670 0.8046 0.8453 -0.0248 -0.0055 -0.0121 28 ILE B N   
388 C CA  . ILE B 29 ? 0.9178 0.8386 0.8932 -0.0293 -0.0096 -0.0047 28 ILE B CA  
389 C C   . ILE B 29 ? 0.9859 0.8963 0.9566 -0.0383 -0.0061 -0.0117 28 ILE B C   
390 O O   . ILE B 29 ? 1.0391 0.9281 1.0077 -0.0415 -0.0065 -0.0082 28 ILE B O   
391 C CB  . ILE B 29 ? 0.8605 0.7848 0.8245 -0.0341 -0.0128 0.0049  28 ILE B CB  
392 C CG1 . ILE B 29 ? 0.8377 0.7617 0.8048 -0.0256 -0.0220 0.0126  28 ILE B CG1 
393 C CG2 . ILE B 29 ? 0.9171 0.8182 0.8653 -0.0448 -0.0106 0.0103  28 ILE B CG2 
394 C CD1 . ILE B 29 ? 0.8317 0.7550 0.7791 -0.0310 -0.0247 0.0201  28 ILE B CD1 
395 N N   . LYS B 30 ? 1.0377 0.9578 1.0060 -0.0423 -0.0055 -0.0213 29 LYS B N   
396 C CA  . LYS B 30 ? 1.0759 0.9840 1.0420 -0.0508 -0.0067 -0.0303 29 LYS B CA  
397 C C   . LYS B 30 ? 1.1292 1.0149 1.0886 -0.0461 -0.0019 -0.0376 29 LYS B C   
398 O O   . LYS B 30 ? 1.1764 1.0448 1.1327 -0.0529 -0.0024 -0.0441 29 LYS B O   
399 C CB  . LYS B 30 ? 1.0817 1.0014 1.0457 -0.0562 -0.0152 -0.0380 29 LYS B CB  
400 C CG  . LYS B 30 ? 1.0716 1.0158 1.0501 -0.0581 -0.0187 -0.0337 29 LYS B CG  
401 C CD  . LYS B 30 ? 1.0564 1.0048 1.0519 -0.0658 -0.0109 -0.0289 29 LYS B CD  
402 C CE  . LYS B 30 ? 1.0516 1.0229 1.0671 -0.0684 -0.0103 -0.0290 29 LYS B CE  
403 N NZ  . LYS B 30 ? 1.0701 1.0390 1.0960 -0.0782 0.0055  -0.0260 29 LYS B NZ  
404 N N   . GLY B 31 ? 1.1397 1.0253 1.1009 -0.0359 0.0047  -0.0384 30 GLY B N   
405 C CA  . GLY B 31 ? 1.1923 1.0572 1.1585 -0.0299 0.0154  -0.0465 30 GLY B CA  
406 C C   . GLY B 31 ? 1.2428 1.0962 1.1854 -0.0320 0.0263  -0.0601 30 GLY B C   
407 O O   . GLY B 31 ? 1.2737 1.1221 1.1880 -0.0409 0.0191  -0.0649 30 GLY B O   
408 C C   . ACE C 1  ? 0.9325 0.9005 1.0397 0.0873  0.0178  0.0185  0  ACE C C   
409 O O   . ACE C 1  ? 0.9858 0.9700 1.1281 0.0964  0.0123  0.0204  0  ACE C O   
410 C CH3 . ACE C 1  ? 0.9296 0.8859 1.0216 0.0834  0.0382  0.0097  0  ACE C CH3 
411 N N   . GLY C 2  ? 0.9225 0.8792 1.0016 0.0806  0.0071  0.0242  1  GLY C N   
412 C CA  . GLY C 2  ? 0.9112 0.8671 0.9886 0.0857  -0.0113 0.0337  1  GLY C CA  
413 C C   . GLY C 2  ? 0.8984 0.8688 0.9655 0.0786  -0.0202 0.0361  1  GLY C C   
414 O O   . GLY C 2  ? 0.8368 0.8269 0.9164 0.0732  -0.0152 0.0304  1  GLY C O   
415 N N   . GLU C 3  ? 0.8999 0.8569 0.9424 0.0800  -0.0317 0.0446  2  GLU C N   
416 C CA  . GLU C 3  ? 0.8993 0.8610 0.9222 0.0757  -0.0394 0.0474  2  GLU C CA  
417 C C   . GLU C 3  ? 0.8797 0.8481 0.8918 0.0620  -0.0250 0.0448  2  GLU C C   
418 O O   . GLU C 3  ? 0.8740 0.8582 0.8881 0.0574  -0.0267 0.0414  2  GLU C O   
419 C CB  . GLU C 3  ? 0.9173 0.8520 0.9052 0.0820  -0.0491 0.0582  2  GLU C CB  
420 N N   . ILE C 4  ? 0.8802 0.8357 0.8842 0.0558  -0.0136 0.0462  3  ILE C N   
421 C CA  . ILE C 4  ? 0.8457 0.8056 0.8451 0.0427  -0.0036 0.0441  3  ILE C CA  
422 C C   . ILE C 4  ? 0.8413 0.8182 0.8555 0.0393  0.0003  0.0336  3  ILE C C   
423 O O   . ILE C 4  ? 0.7628 0.7527 0.7753 0.0323  0.0018  0.0317  3  ILE C O   
424 C CB  . ILE C 4  ? 0.8525 0.7920 0.8465 0.0371  0.0026  0.0475  3  ILE C CB  
425 C CG1 . ILE C 4  ? 0.8753 0.7974 0.8537 0.0385  0.0044  0.0606  3  ILE C CG1 
426 C CG2 . ILE C 4  ? 0.8291 0.7735 0.8271 0.0246  0.0071  0.0426  3  ILE C CG2 
427 C CD1 . ILE C 4  ? 0.8849 0.7875 0.8660 0.0313  0.0112  0.0658  3  ILE C CD1 
428 N N   . ALA C 5  ? 0.7983 0.7721 0.8245 0.0450  0.0040  0.0277  4  ALA C N   
429 C CA  . ALA C 5  ? 0.7973 0.7809 0.8334 0.0441  0.0129  0.0191  4  ALA C CA  
430 C C   . ALA C 5  ? 0.7856 0.7936 0.8381 0.0444  0.0096  0.0188  4  ALA C C   
431 O O   . ALA C 5  ? 0.7745 0.7907 0.8242 0.0376  0.0156  0.0151  4  ALA C O   
432 C CB  . ALA C 5  ? 0.8241 0.7976 0.8715 0.0537  0.0208  0.0146  4  ALA C CB  
433 N N   . GLN C 6  ? 0.7712 0.7872 0.8390 0.0518  -0.0019 0.0225  5  GLN C N   
434 C CA  . GLN C 6  ? 0.7613 0.7973 0.8472 0.0520  -0.0105 0.0218  5  GLN C CA  
435 C C   . GLN C 6  ? 0.7195 0.7574 0.7821 0.0431  -0.0132 0.0232  5  GLN C C   
436 O O   . GLN C 6  ? 0.7042 0.7564 0.7767 0.0381  -0.0107 0.0197  5  GLN C O   
437 C CB  . GLN C 6  ? 0.8131 0.8494 0.9138 0.0622  -0.0292 0.0255  5  GLN C CB  
438 C CG  . GLN C 6  ? 0.8585 0.9137 0.9859 0.0624  -0.0422 0.0231  5  GLN C CG  
439 C CD  . GLN C 6  ? 0.8740 0.9496 1.0393 0.0594  -0.0271 0.0181  5  GLN C CD  
440 O OE1 . GLN C 6  ? 0.9242 1.0007 1.1099 0.0641  -0.0119 0.0166  5  GLN C OE1 
441 N NE2 . GLN C 6  ? 0.8661 0.9546 1.0385 0.0521  -0.0288 0.0157  5  GLN C NE2 
442 N N   . GLY C 7  ? 0.6835 0.7061 0.7184 0.0420  -0.0162 0.0289  6  GLY C N   
443 C CA  . GLY C 7  ? 0.6683 0.6903 0.6830 0.0355  -0.0151 0.0316  6  GLY C CA  
444 C C   . GLY C 7  ? 0.6121 0.6425 0.6295 0.0255  -0.0044 0.0278  6  GLY C C   
445 O O   . GLY C 7  ? 0.5937 0.6342 0.6108 0.0214  -0.0046 0.0261  6  GLY C O   
446 N N   . ILE C 8  ? 0.6069 0.6299 0.6248 0.0225  0.0027  0.0260  7  ILE C N   
447 C CA  . ILE C 8  ? 0.6286 0.6523 0.6432 0.0140  0.0086  0.0220  7  ILE C CA  
448 C C   . ILE C 8  ? 0.6583 0.6944 0.6824 0.0143  0.0126  0.0165  7  ILE C C   
449 O O   . ILE C 8  ? 0.5605 0.6018 0.5799 0.0082  0.0139  0.0156  7  ILE C O   
450 C CB  . ILE C 8  ? 0.6470 0.6522 0.6546 0.0120  0.0110  0.0199  7  ILE C CB  
451 C CG1 . ILE C 8  ? 0.6860 0.6797 0.6905 0.0089  0.0083  0.0270  7  ILE C CG1 
452 C CG2 . ILE C 8  ? 0.6703 0.6696 0.6680 0.0058  0.0129  0.0141  7  ILE C CG2 
453 C CD1 . ILE C 8  ? 0.7067 0.7069 0.7134 0.0011  0.0081  0.0322  7  ILE C CD1 
454 N N   . LYS C 9  ? 0.6476 0.6882 0.6884 0.0214  0.0152  0.0140  8  LYS C N   
455 C CA  . LYS C 9  ? 0.6452 0.6982 0.7037 0.0220  0.0230  0.0104  8  LYS C CA  
456 C C   . LYS C 9  ? 0.5989 0.6673 0.6660 0.0185  0.0149  0.0117  8  LYS C C   
457 O O   . LYS C 9  ? 0.5907 0.6644 0.6590 0.0136  0.0213  0.0101  8  LYS C O   
458 C CB  . LYS C 9  ? 0.6582 0.7153 0.7449 0.0312  0.0280  0.0091  8  LYS C CB  
459 C CG  . LYS C 9  ? 0.7245 0.7625 0.8011 0.0364  0.0393  0.0065  8  LYS C CG  
460 N N   . GLU C 10 ? 0.5855 0.6558 0.6532 0.0216  0.0012  0.0146  9  GLU C N   
461 C CA  . GLU C 10 ? 0.5896 0.6676 0.6585 0.0197  -0.0091 0.0145  9  GLU C CA  
462 C C   . GLU C 10 ? 0.5539 0.6283 0.6001 0.0127  -0.0045 0.0158  9  GLU C C   
463 O O   . GLU C 10 ? 0.5417 0.6233 0.5922 0.0090  -0.0053 0.0140  9  GLU C O   
464 C CB  . GLU C 10 ? 0.6372 0.7074 0.6989 0.0267  -0.0259 0.0170  9  GLU C CB  
465 C CG  . GLU C 10 ? 0.7200 0.7966 0.8133 0.0341  -0.0361 0.0158  9  GLU C CG  
466 C CD  . GLU C 10 ? 0.8034 0.8672 0.8850 0.0423  -0.0580 0.0181  9  GLU C CD  
467 O OE1 . GLU C 10 ? 0.8416 0.8927 0.8922 0.0420  -0.0669 0.0189  9  GLU C OE1 
468 O OE2 . GLU C 10 ? 0.8754 0.9386 0.9764 0.0501  -0.0663 0.0195  9  GLU C OE2 
469 N N   . ILE C 11 ? 0.5500 0.6142 0.5785 0.0109  -0.0002 0.0191  10 ILE C N   
470 C CA  . ILE C 11 ? 0.5218 0.5845 0.5387 0.0045  0.0039  0.0213  10 ILE C CA  
471 C C   . ILE C 11 ? 0.5153 0.5825 0.5365 -0.0009 0.0091  0.0177  10 ILE C C   
472 O O   . ILE C 11 ? 0.4925 0.5648 0.5130 -0.0043 0.0092  0.0178  10 ILE C O   
473 C CB  . ILE C 11 ? 0.5209 0.5730 0.5296 0.0030  0.0066  0.0266  10 ILE C CB  
474 C CG1 . ILE C 11 ? 0.5310 0.5735 0.5282 0.0090  0.0051  0.0324  10 ILE C CG1 
475 C CG2 . ILE C 11 ? 0.4959 0.5498 0.5057 -0.0039 0.0096  0.0289  10 ILE C CG2 
476 C CD1 . ILE C 11 ? 0.5691 0.5992 0.5634 0.0082  0.0100  0.0387  10 ILE C CD1 
477 N N   . ALA C 12 ? 0.5141 0.5754 0.5355 -0.0005 0.0142  0.0149  11 ALA C N   
478 C CA  . ALA C 12 ? 0.5530 0.6096 0.5677 -0.0037 0.0212  0.0120  11 ALA C CA  
479 C C   . ALA C 12 ? 0.5322 0.6011 0.5609 -0.0041 0.0249  0.0113  11 ALA C C   
480 O O   . ALA C 12 ? 0.5139 0.5812 0.5345 -0.0084 0.0264  0.0120  11 ALA C O   
481 C CB  . ALA C 12 ? 0.6073 0.6495 0.6143 -0.0001 0.0290  0.0087  11 ALA C CB  
482 N N   . LYS C 13 ? 0.5432 0.6231 0.5951 0.0000  0.0239  0.0105  12 LYS C N   
483 C CA  . LYS C 13 ? 0.5395 0.6316 0.6140 -0.0014 0.0246  0.0098  12 LYS C CA  
484 C C   . LYS C 13 ? 0.4891 0.5836 0.5553 -0.0055 0.0157  0.0104  12 LYS C C   
485 O O   . LYS C 13 ? 0.4899 0.5864 0.5605 -0.0097 0.0201  0.0104  12 LYS C O   
486 C CB  . LYS C 13 ? 0.5672 0.6702 0.6738 0.0037  0.0179  0.0087  12 LYS C CB  
487 C CG  . LYS C 13 ? 0.5983 0.7143 0.7395 0.0013  0.0168  0.0078  12 LYS C CG  
488 C CD  . LYS C 13 ? 0.5948 0.7217 0.7734 0.0063  0.0030  0.0068  12 LYS C CD  
489 N N   . GLY C 14 ? 0.4763 0.5676 0.5299 -0.0033 0.0056  0.0115  13 GLY C N   
490 C CA  . GLY C 14 ? 0.4545 0.5437 0.4965 -0.0047 0.0002  0.0119  13 GLY C CA  
491 C C   . GLY C 14 ? 0.4179 0.5045 0.4494 -0.0094 0.0070  0.0142  13 GLY C C   
492 O O   . GLY C 14 ? 0.4542 0.5414 0.4855 -0.0116 0.0066  0.0139  13 GLY C O   
493 N N   . ILE C 15 ? 0.4489 0.5305 0.4726 -0.0106 0.0107  0.0164  14 ILE C N   
494 C CA  . ILE C 15 ? 0.4617 0.5387 0.4775 -0.0148 0.0117  0.0187  14 ILE C CA  
495 C C   . ILE C 15 ? 0.4619 0.5361 0.4751 -0.0175 0.0161  0.0174  14 ILE C C   
496 O O   . ILE C 15 ? 0.4064 0.4790 0.4164 -0.0198 0.0145  0.0194  14 ILE C O   
497 C CB  . ILE C 15 ? 0.4677 0.5364 0.4776 -0.0160 0.0097  0.0203  14 ILE C CB  
498 C CG1 . ILE C 15 ? 0.4781 0.5483 0.4931 -0.0146 0.0085  0.0245  14 ILE C CG1 
499 C CG2 . ILE C 15 ? 0.5005 0.5604 0.5021 -0.0203 0.0055  0.0211  14 ILE C CG2 
500 C CD1 . ILE C 15 ? 0.4964 0.5704 0.5183 -0.0154 0.0093  0.0291  14 ILE C CD1 
501 N N   . LYS C 16 ? 0.4897 0.5622 0.5060 -0.0164 0.0235  0.0151  15 LYS C N   
502 C CA  . LYS C 16 ? 0.5458 0.6127 0.5599 -0.0181 0.0333  0.0156  15 LYS C CA  
503 C C   . LYS C 16 ? 0.5021 0.5786 0.5322 -0.0206 0.0314  0.0161  15 LYS C C   
504 O O   . LYS C 16 ? 0.4882 0.5575 0.5098 -0.0232 0.0345  0.0186  15 LYS C O   
505 C CB  . LYS C 16 ? 0.5699 0.6346 0.5923 -0.0150 0.0463  0.0140  15 LYS C CB  
506 C CG  . LYS C 16 ? 0.6533 0.7098 0.6754 -0.0158 0.0634  0.0162  15 LYS C CG  
507 C CD  . LYS C 16 ? 0.6781 0.7313 0.7116 -0.0110 0.0810  0.0156  15 LYS C CD  
508 C CE  . LYS C 16 ? 0.7284 0.7664 0.7548 -0.0105 0.1046  0.0194  15 LYS C CE  
509 N N   . GLU C 17 ? 0.4825 0.5705 0.5313 -0.0191 0.0244  0.0136  16 GLU C N   
510 C CA  . GLU C 17 ? 0.4792 0.5714 0.5405 -0.0212 0.0187  0.0122  16 GLU C CA  
511 C C   . GLU C 17 ? 0.4435 0.5299 0.4873 -0.0215 0.0144  0.0138  16 GLU C C   
512 O O   . GLU C 17 ? 0.4348 0.5181 0.4812 -0.0241 0.0152  0.0141  16 GLU C O   
513 C CB  . GLU C 17 ? 0.5233 0.6218 0.5999 -0.0183 0.0069  0.0083  16 GLU C CB  
514 C CG  . GLU C 17 ? 0.5986 0.7066 0.7074 -0.0182 0.0089  0.0071  16 GLU C CG  
515 C CD  . GLU C 17 ? 0.6712 0.7833 0.8000 -0.0163 -0.0096 0.0029  16 GLU C CD  
516 O OE1 . GLU C 17 ? 0.7074 0.8118 0.8248 -0.0171 -0.0217 -0.0002 16 GLU C OE1 
517 O OE2 . GLU C 17 ? 0.7733 0.8935 0.9274 -0.0133 -0.0132 0.0023  16 GLU C OE2 
518 N N   . ILE C 18 ? 0.4278 0.5124 0.4589 -0.0185 0.0114  0.0152  17 ILE C N   
519 C CA  . ILE C 18 ? 0.4098 0.4906 0.4326 -0.0176 0.0104  0.0181  17 ILE C CA  
520 C C   . ILE C 18 ? 0.3830 0.4591 0.4023 -0.0210 0.0124  0.0215  17 ILE C C   
521 O O   . ILE C 18 ? 0.3852 0.4583 0.4051 -0.0211 0.0118  0.0230  17 ILE C O   
522 C CB  . ILE C 18 ? 0.4112 0.4920 0.4297 -0.0144 0.0103  0.0209  17 ILE C CB  
523 C CG1 . ILE C 18 ? 0.4192 0.4971 0.4314 -0.0094 0.0083  0.0186  17 ILE C CG1 
524 C CG2 . ILE C 18 ? 0.4033 0.4830 0.4248 -0.0134 0.0124  0.0254  17 ILE C CG2 
525 C CD1 . ILE C 18 ? 0.4385 0.5135 0.4454 -0.0064 0.0114  0.0228  17 ILE C CD1 
526 N N   . ALA C 19 ? 0.4219 0.4930 0.4334 -0.0227 0.0138  0.0226  18 ALA C N   
527 C CA  . ALA C 19 ? 0.4531 0.5114 0.4502 -0.0246 0.0129  0.0258  18 ALA C CA  
528 C C   . ALA C 19 ? 0.4386 0.4920 0.4356 -0.0262 0.0194  0.0270  18 ALA C C   
529 O O   . ALA C 19 ? 0.4567 0.5023 0.4476 -0.0265 0.0161  0.0305  18 ALA C O   
530 C CB  . ALA C 19 ? 0.4896 0.5356 0.4692 -0.0247 0.0141  0.0251  18 ALA C CB  
531 N N   . TRP C 20 ? 0.4876 0.5458 0.4964 -0.0273 0.0279  0.0245  19 TRP C N   
532 C CA  . TRP C 20 ? 0.4779 0.5324 0.4953 -0.0304 0.0355  0.0261  19 TRP C CA  
533 C C   . TRP C 20 ? 0.4524 0.5095 0.4782 -0.0308 0.0279  0.0252  19 TRP C C   
534 O O   . TRP C 20 ? 0.4511 0.4976 0.4710 -0.0321 0.0298  0.0289  19 TRP C O   
535 C CB  . TRP C 20 ? 0.5133 0.5765 0.5552 -0.0320 0.0444  0.0239  19 TRP C CB  
536 C CG  . TRP C 20 ? 0.5327 0.5931 0.5924 -0.0365 0.0527  0.0263  19 TRP C CG  
537 C CD1 . TRP C 20 ? 0.5814 0.6273 0.6340 -0.0383 0.0700  0.0326  19 TRP C CD1 
538 C CD2 . TRP C 20 ? 0.5394 0.6078 0.6261 -0.0398 0.0444  0.0228  19 TRP C CD2 
539 N NE1 . TRP C 20 ? 0.5737 0.6213 0.6533 -0.0435 0.0744  0.0342  19 TRP C NE1 
540 C CE2 . TRP C 20 ? 0.5747 0.6360 0.6767 -0.0450 0.0569  0.0275  19 TRP C CE2 
541 C CE3 . TRP C 20 ? 0.5432 0.6188 0.6381 -0.0386 0.0276  0.0161  19 TRP C CE3 
542 C CZ2 . TRP C 20 ? 0.5566 0.6211 0.6884 -0.0502 0.0505  0.0249  19 TRP C CZ2 
543 C CZ3 . TRP C 20 ? 0.5348 0.6096 0.6512 -0.0425 0.0199  0.0126  19 TRP C CZ3 
544 C CH2 . TRP C 20 ? 0.5775 0.6482 0.7155 -0.0490 0.0299  0.0166  19 TRP C CH2 
545 N N   . GLY C 21 ? 0.4398 0.5063 0.4744 -0.0284 0.0200  0.0204  20 GLY C N   
546 C CA  . GLY C 21 ? 0.4193 0.4825 0.4551 -0.0267 0.0143  0.0182  20 GLY C CA  
547 C C   . GLY C 21 ? 0.4096 0.4668 0.4354 -0.0239 0.0138  0.0228  20 GLY C C   
548 O O   . GLY C 21 ? 0.4257 0.4750 0.4524 -0.0235 0.0135  0.0233  20 GLY C O   
549 N N   . ILE C 22 ? 0.4165 0.4767 0.4371 -0.0220 0.0123  0.0262  21 ILE C N   
550 C CA  . ILE C 22 ? 0.4476 0.5049 0.4689 -0.0193 0.0085  0.0315  21 ILE C CA  
551 C C   . ILE C 22 ? 0.4925 0.5367 0.5046 -0.0214 0.0070  0.0360  21 ILE C C   
552 O O   . ILE C 22 ? 0.4904 0.5293 0.5067 -0.0187 0.0044  0.0393  21 ILE C O   
553 C CB  . ILE C 22 ? 0.4638 0.5267 0.4880 -0.0187 0.0041  0.0341  21 ILE C CB  
554 C CG1 . ILE C 22 ? 0.4474 0.5191 0.4803 -0.0152 0.0084  0.0325  21 ILE C CG1 
555 C CG2 . ILE C 22 ? 0.4763 0.5354 0.5071 -0.0175 -0.0049 0.0403  21 ILE C CG2 
556 C CD1 . ILE C 22 ? 0.4716 0.5429 0.5129 -0.0094 0.0136  0.0339  21 ILE C CD1 
557 N N   . LYS C 23 ? 0.4898 0.5260 0.4880 -0.0250 0.0106  0.0367  22 LYS C N   
558 C CA  . LYS C 23 ? 0.5599 0.5766 0.5398 -0.0263 0.0127  0.0422  22 LYS C CA  
559 C C   . LYS C 23 ? 0.5625 0.5757 0.5525 -0.0278 0.0184  0.0426  22 LYS C C   
560 O O   . LYS C 23 ? 0.5874 0.5864 0.5690 -0.0263 0.0156  0.0480  22 LYS C O   
561 C CB  . LYS C 23 ? 0.5626 0.5680 0.5226 -0.0283 0.0216  0.0427  22 LYS C CB  
562 C CG  . LYS C 23 ? 0.6384 0.6146 0.5653 -0.0277 0.0252  0.0495  22 LYS C CG  
563 N N   . GLU C 24 ? 0.5256 0.5497 0.5338 -0.0304 0.0234  0.0368  23 GLU C N   
564 C CA  . GLU C 24 ? 0.5445 0.5643 0.5662 -0.0330 0.0258  0.0350  23 GLU C CA  
565 C C   . GLU C 24 ? 0.5675 0.5835 0.5893 -0.0279 0.0187  0.0344  23 GLU C C   
566 O O   . GLU C 24 ? 0.5929 0.5954 0.6144 -0.0283 0.0198  0.0373  23 GLU C O   
567 C CB  . GLU C 24 ? 0.5339 0.5649 0.5761 -0.0364 0.0257  0.0276  23 GLU C CB  
568 C CG  . GLU C 24 ? 0.5490 0.5833 0.6031 -0.0415 0.0364  0.0295  23 GLU C CG  
569 C CD  . GLU C 24 ? 0.6288 0.6490 0.6869 -0.0465 0.0495  0.0365  23 GLU C CD  
570 O OE1 . GLU C 24 ? 0.6054 0.6179 0.6737 -0.0493 0.0469  0.0364  23 GLU C OE1 
571 O OE2 . GLU C 24 ? 0.6539 0.6664 0.7004 -0.0467 0.0635  0.0426  23 GLU C OE2 
572 N N   . ILE C 25 ? 0.5275 0.5531 0.5508 -0.0224 0.0142  0.0315  24 ILE C N   
573 C CA  . ILE C 25 ? 0.5476 0.5697 0.5742 -0.0153 0.0123  0.0319  24 ILE C CA  
574 C C   . ILE C 25 ? 0.5613 0.5762 0.5869 -0.0131 0.0085  0.0406  24 ILE C C   
575 O O   . ILE C 25 ? 0.6378 0.6419 0.6666 -0.0095 0.0085  0.0424  24 ILE C O   
576 C CB  . ILE C 25 ? 0.5089 0.5418 0.5387 -0.0097 0.0134  0.0296  24 ILE C CB  
577 C CG1 . ILE C 25 ? 0.5193 0.5516 0.5425 -0.0099 0.0141  0.0209  24 ILE C CG1 
578 C CG2 . ILE C 25 ? 0.5299 0.5599 0.5686 -0.0013 0.0165  0.0326  24 ILE C CG2 
579 C CD1 . ILE C 25 ? 0.5207 0.5595 0.5401 -0.0050 0.0170  0.0202  24 ILE C CD1 
580 N N   . ALA C 26 ? 0.5904 0.6076 0.6099 -0.0143 0.0031  0.0455  25 ALA C N   
581 C CA  . ALA C 26 ? 0.6505 0.6570 0.6651 -0.0116 -0.0070 0.0539  25 ALA C CA  
582 C C   . ALA C 26 ? 0.7385 0.7236 0.7375 -0.0132 -0.0046 0.0582  25 ALA C C   
583 O O   . ALA C 26 ? 0.7291 0.7039 0.7316 -0.0083 -0.0111 0.0639  25 ALA C O   
584 C CB  . ALA C 26 ? 0.6517 0.6572 0.6538 -0.0137 -0.0155 0.0560  25 ALA C CB  
585 N N   . GLN C 27 ? 0.7655 0.7436 0.7517 -0.0194 0.0056  0.0568  26 GLN C N   
586 C CA  . GLN C 27 ? 0.8312 0.7872 0.8042 -0.0222 0.0127  0.0625  26 GLN C CA  
587 C C   . GLN C 27 ? 0.8587 0.8137 0.8505 -0.0216 0.0150  0.0594  26 GLN C C   
588 O O   . GLN C 27 ? 0.9316 0.8678 0.9173 -0.0196 0.0139  0.0659  26 GLN C O   
589 C CB  . GLN C 27 ? 0.8018 0.7537 0.7660 -0.0289 0.0273  0.0624  26 GLN C CB  
590 N N   . GLY C 28 ? 0.9142 0.8847 0.9242 -0.0226 0.0166  0.0498  27 GLY C N   
591 C CA  . GLY C 28 ? 0.9558 0.9205 0.9778 -0.0216 0.0170  0.0439  27 GLY C CA  
592 C C   . GLY C 28 ? 1.0126 0.9712 1.0369 -0.0119 0.0126  0.0463  27 GLY C C   
593 O O   . GLY C 28 ? 1.0506 0.9940 1.0780 -0.0101 0.0139  0.0443  27 GLY C O   
594 N N   . ILE C 29 ? 1.0082 0.9779 1.0356 -0.0057 0.0077  0.0501  28 ILE C N   
595 C CA  . ILE C 29 ? 1.0103 0.9783 1.0508 0.0044  0.0037  0.0549  28 ILE C CA  
596 C C   . ILE C 29 ? 1.0053 0.9597 1.0381 0.0053  -0.0064 0.0660  28 ILE C C   
597 O O   . ILE C 29 ? 1.0423 0.9762 1.0625 0.0032  -0.0050 0.0697  28 ILE C O   
598 C CB  . ILE C 29 ? 0.9456 0.9342 1.0032 0.0099  0.0037  0.0539  28 ILE C CB  
599 C CG1 . ILE C 29 ? 0.9240 0.9166 0.9806 0.0123  0.0147  0.0441  28 ILE C CG1 
600 C CG2 . ILE C 29 ? 0.9568 0.9477 1.0390 0.0194  -0.0017 0.0619  28 ILE C CG2 
601 C CD1 . ILE C 29 ? 0.8914 0.9006 0.9627 0.0176  0.0198  0.0448  28 ILE C CD1 
# 
